data_5THE
#
_entry.id   5THE
#
_cell.length_a   119.609
_cell.length_b   85.565
_cell.length_c   127.864
_cell.angle_alpha   90.00
_cell.angle_beta   89.81
_cell.angle_gamma   90.00
#
_symmetry.space_group_name_H-M   'P 1 2 1'
#
loop_
_entity.id
_entity.type
_entity.pdbx_description
1 polymer 'Uncharacterized protein'
2 polymer "RNA (5'-R(P*UP*AP*AP*AP*AP*AP*AP*A)-3')"
3 water water
#
loop_
_entity_poly.entity_id
_entity_poly.type
_entity_poly.pdbx_seq_one_letter_code
_entity_poly.pdbx_strand_id
1 'polypeptide(L)'
;SIYKVENRHDYGTKGTKVDILTGSGRVPSRILDAPVVQFKESTFEYKDKSYGTKHEESKGNWNMKGHQFISTPAKQVNLR
AIFINNANTAPPASMESELDISMDKFASDVKQLGVDFNVSGKPILINQFGPPIKKFQGGGRGGRGGRGSRGGRGGRGAPS
GPPTFETSPGEISLLNLLENIPSNTYILYVLRRGNDSAVYDRLKYITDLKFGALNSCVVWDNFKKNSIQYNSNVVMKMNL
KLLGSNHSLSIENNKLLIDKESNLPILVLGSDVTHYPEKDQNSIASLVGSYDDKFTQFPGDYMLQDGPGEEIITNVGSLM
LNRLKIYQKHNNGKLPTKIMYFRDGVSVDQFSQVVKIEVKSIKESVRKFGPQLNGGNKYDPPVTCIATVKRNQVRFIPIQ
ENAKNEKGEEVAVQSMGNVMPGTVVDRGITSVAHFDFFIQSHQALKGTGVPCHYWCLYDENQSTSDYLQEICNNLCYIFG
RSTTSVKVPAPVYYADLLCTRATCFFKAGFELNMAQAPKEKGSKDQPTVSKNVLLPQVNDNIKSVMYYI
;
A,C,E,G
2 'polyribonucleotide' UAAAAAAA B,D,F,H
#
# COMPACT_ATOMS: atom_id res chain seq x y z
N SER A 1 22.25 10.07 -15.18
CA SER A 1 23.59 9.54 -15.47
C SER A 1 24.41 9.37 -14.20
N ILE A 2 23.80 9.61 -13.04
CA ILE A 2 24.33 9.16 -11.75
C ILE A 2 23.16 8.66 -10.91
N TYR A 3 23.31 7.47 -10.31
CA TYR A 3 22.31 6.87 -9.42
C TYR A 3 21.01 6.54 -10.14
N LYS A 4 21.10 6.18 -11.40
CA LYS A 4 19.97 5.58 -12.11
C LYS A 4 20.11 4.08 -12.08
N VAL A 5 18.96 3.38 -12.10
CA VAL A 5 19.00 1.92 -12.14
C VAL A 5 19.69 1.47 -13.42
N GLU A 6 20.64 0.56 -13.27
CA GLU A 6 21.40 0.02 -14.39
C GLU A 6 20.47 -0.62 -15.42
N ASN A 7 20.79 -0.40 -16.70
CA ASN A 7 20.15 -1.17 -17.76
C ASN A 7 21.02 -2.37 -18.10
N ARG A 8 20.41 -3.36 -18.77
CA ARG A 8 21.11 -4.58 -19.13
C ARG A 8 22.31 -4.29 -20.03
N HIS A 9 23.46 -4.89 -19.71
CA HIS A 9 24.64 -4.73 -20.56
C HIS A 9 24.63 -5.74 -21.71
N ASP A 10 24.38 -6.99 -21.39
CA ASP A 10 24.59 -8.12 -22.28
C ASP A 10 23.80 -9.29 -21.68
N TYR A 11 24.02 -10.47 -22.24
CA TYR A 11 23.49 -11.72 -21.73
C TYR A 11 24.67 -12.64 -21.45
N GLY A 12 24.47 -13.61 -20.55
CA GLY A 12 25.51 -14.58 -20.31
C GLY A 12 25.68 -15.58 -21.44
N THR A 13 26.85 -16.18 -21.50
CA THR A 13 27.20 -17.11 -22.56
C THR A 13 27.72 -18.45 -22.07
N LYS A 14 28.18 -18.56 -20.83
CA LYS A 14 28.90 -19.73 -20.38
C LYS A 14 27.96 -20.84 -19.93
N GLY A 15 28.49 -22.06 -19.89
CA GLY A 15 27.81 -23.18 -19.28
C GLY A 15 27.14 -24.10 -20.28
N THR A 16 26.63 -25.21 -19.76
CA THR A 16 25.91 -26.19 -20.55
C THR A 16 24.54 -25.66 -20.95
N LYS A 17 24.26 -25.63 -22.25
CA LYS A 17 22.97 -25.15 -22.72
C LYS A 17 21.95 -26.28 -22.68
N VAL A 18 20.78 -25.99 -22.09
CA VAL A 18 19.65 -26.92 -22.12
C VAL A 18 18.37 -26.12 -21.87
N ASP A 19 17.32 -26.47 -22.59
CA ASP A 19 16.02 -25.88 -22.33
C ASP A 19 15.42 -26.46 -21.05
N ILE A 20 14.63 -25.63 -20.37
CA ILE A 20 13.88 -26.09 -19.20
C ILE A 20 12.45 -25.63 -19.36
N LEU A 21 11.59 -26.18 -18.51
CA LEU A 21 10.18 -25.81 -18.49
C LEU A 21 9.95 -24.87 -17.32
N THR A 22 9.15 -23.85 -17.57
CA THR A 22 8.69 -22.94 -16.54
C THR A 22 7.18 -22.77 -16.73
N GLY A 23 6.55 -22.03 -15.82
CA GLY A 23 5.13 -21.78 -15.94
C GLY A 23 4.75 -20.95 -17.16
N SER A 24 5.71 -20.25 -17.75
CA SER A 24 5.46 -19.48 -18.96
C SER A 24 6.11 -20.14 -20.17
N GLY A 25 6.26 -21.45 -20.14
CA GLY A 25 6.71 -22.20 -21.29
C GLY A 25 8.15 -22.64 -21.20
N ARG A 26 8.60 -23.22 -22.31
CA ARG A 26 9.97 -23.66 -22.45
C ARG A 26 10.90 -22.45 -22.57
N VAL A 27 12.06 -22.54 -21.93
CA VAL A 27 13.01 -21.43 -21.92
C VAL A 27 14.43 -21.98 -21.95
N PRO A 28 15.35 -21.28 -22.64
CA PRO A 28 16.74 -21.73 -22.62
C PRO A 28 17.38 -21.45 -21.27
N SER A 29 18.18 -22.40 -20.81
CA SER A 29 18.99 -22.19 -19.63
C SER A 29 20.43 -22.56 -19.93
N ARG A 30 21.33 -22.05 -19.10
CA ARG A 30 22.70 -22.51 -19.08
C ARG A 30 23.04 -22.99 -17.68
N ILE A 31 23.79 -24.06 -17.57
CA ILE A 31 24.20 -24.58 -16.28
C ILE A 31 25.66 -24.21 -16.09
N LEU A 32 25.93 -23.34 -15.11
CA LEU A 32 27.28 -22.94 -14.76
C LEU A 32 27.99 -24.04 -13.96
N ASP A 33 29.30 -24.12 -14.15
CA ASP A 33 30.09 -25.07 -13.39
C ASP A 33 30.21 -24.61 -11.94
N ALA A 34 30.37 -25.57 -11.04
CA ALA A 34 30.65 -25.26 -9.65
C ALA A 34 32.09 -24.75 -9.54
N PRO A 35 32.37 -23.92 -8.54
CA PRO A 35 33.78 -23.62 -8.24
C PRO A 35 34.42 -24.83 -7.57
N VAL A 36 35.73 -24.79 -7.48
CA VAL A 36 36.46 -25.77 -6.69
C VAL A 36 36.27 -25.43 -5.22
N VAL A 37 35.71 -26.37 -4.46
CA VAL A 37 35.61 -26.17 -3.02
C VAL A 37 36.92 -26.57 -2.38
N GLN A 38 37.44 -25.71 -1.50
CA GLN A 38 38.76 -25.90 -0.91
C GLN A 38 38.62 -26.31 0.55
N PHE A 39 39.24 -27.42 0.92
CA PHE A 39 39.42 -27.82 2.31
C PHE A 39 40.88 -27.59 2.71
N LYS A 40 41.25 -28.01 3.92
CA LYS A 40 42.62 -27.78 4.40
C LYS A 40 43.65 -28.40 3.46
N GLU A 41 43.46 -29.65 3.08
CA GLU A 41 44.51 -30.40 2.41
C GLU A 41 44.00 -31.10 1.16
N SER A 42 42.92 -30.61 0.59
CA SER A 42 42.21 -31.30 -0.47
C SER A 42 41.15 -30.36 -1.04
N THR A 43 40.65 -30.69 -2.21
CA THR A 43 39.62 -29.89 -2.85
C THR A 43 38.48 -30.81 -3.25
N PHE A 44 37.33 -30.21 -3.56
CA PHE A 44 36.26 -30.93 -4.23
C PHE A 44 35.81 -30.11 -5.42
N GLU A 45 36.06 -30.60 -6.62
CA GLU A 45 35.55 -29.99 -7.84
C GLU A 45 34.58 -30.97 -8.48
N TYR A 46 33.30 -30.58 -8.52
CA TYR A 46 32.33 -31.38 -9.26
C TYR A 46 32.69 -31.36 -10.74
N LYS A 47 32.73 -32.55 -11.33
CA LYS A 47 32.99 -32.71 -12.76
C LYS A 47 31.82 -33.45 -13.40
N ASP A 48 31.37 -32.94 -14.53
CA ASP A 48 30.20 -33.48 -15.21
C ASP A 48 30.35 -34.96 -15.51
N LYS A 49 29.25 -35.70 -15.33
CA LYS A 49 29.12 -37.07 -15.81
C LYS A 49 27.70 -37.28 -16.30
N SER A 50 27.53 -38.40 -17.01
CA SER A 50 26.22 -38.80 -17.47
C SER A 50 25.28 -39.01 -16.28
N TYR A 51 24.03 -38.61 -16.47
CA TYR A 51 22.97 -38.99 -15.56
C TYR A 51 22.90 -40.51 -15.46
N GLY A 52 22.47 -41.00 -14.31
CA GLY A 52 22.16 -42.41 -14.19
C GLY A 52 22.79 -43.10 -13.01
N THR A 53 23.84 -42.51 -12.42
CA THR A 53 24.48 -43.08 -11.24
C THR A 53 24.44 -42.14 -10.05
N LYS A 54 23.60 -41.11 -10.11
CA LYS A 54 23.45 -40.11 -9.06
C LYS A 54 24.74 -39.34 -8.81
N HIS A 55 25.68 -39.37 -9.76
CA HIS A 55 26.85 -38.51 -9.65
C HIS A 55 26.42 -37.06 -9.46
N GLU A 56 25.33 -36.66 -10.11
CA GLU A 56 24.92 -35.25 -10.12
C GLU A 56 24.53 -34.76 -8.73
N GLU A 57 24.09 -35.66 -7.84
CA GLU A 57 23.62 -35.20 -6.54
C GLU A 57 24.75 -34.68 -5.67
N SER A 58 25.98 -34.81 -6.12
CA SER A 58 27.14 -34.32 -5.38
C SER A 58 27.52 -32.91 -5.76
N LYS A 59 26.98 -32.36 -6.86
CA LYS A 59 27.27 -30.96 -7.19
C LYS A 59 26.66 -30.06 -6.11
N GLY A 60 27.49 -29.21 -5.50
CA GLY A 60 26.98 -28.35 -4.45
C GLY A 60 26.48 -29.09 -3.23
N ASN A 61 27.07 -30.24 -2.93
CA ASN A 61 26.50 -31.12 -1.91
C ASN A 61 27.62 -32.11 -1.56
N TRP A 62 28.43 -31.73 -0.57
CA TRP A 62 29.55 -32.58 -0.17
C TRP A 62 29.40 -32.89 1.31
N ASN A 63 30.43 -33.50 1.90
CA ASN A 63 30.45 -33.70 3.33
C ASN A 63 31.90 -33.63 3.79
N MET A 64 32.07 -33.47 5.11
CA MET A 64 33.38 -33.23 5.67
C MET A 64 34.19 -34.50 5.90
N LYS A 65 33.60 -35.69 5.75
CA LYS A 65 34.31 -36.94 6.03
C LYS A 65 35.63 -37.00 5.29
N GLY A 66 36.71 -37.23 6.03
CA GLY A 66 38.04 -37.24 5.44
C GLY A 66 38.63 -35.88 5.15
N HIS A 67 37.93 -34.80 5.46
CA HIS A 67 38.45 -33.47 5.21
C HIS A 67 38.65 -32.74 6.53
N GLN A 68 39.41 -31.65 6.46
CA GLN A 68 39.61 -30.80 7.62
C GLN A 68 39.32 -29.35 7.25
N PHE A 69 38.86 -28.61 8.26
CA PHE A 69 38.69 -27.17 8.12
C PHE A 69 40.02 -26.52 7.80
N ILE A 70 39.95 -25.47 6.96
CA ILE A 70 41.16 -24.78 6.51
C ILE A 70 41.91 -24.16 7.68
N SER A 71 41.19 -23.54 8.62
CA SER A 71 41.83 -22.78 9.69
C SER A 71 41.03 -22.98 10.97
N THR A 72 41.71 -23.49 12.00
CA THR A 72 41.12 -23.77 13.30
C THR A 72 41.97 -23.11 14.36
N PRO A 73 41.49 -23.05 15.62
CA PRO A 73 42.32 -22.44 16.67
C PRO A 73 43.65 -23.16 16.81
N ALA A 74 44.71 -22.36 16.97
CA ALA A 74 46.03 -22.95 17.14
C ALA A 74 46.19 -23.60 18.51
N LYS A 75 45.46 -23.11 19.50
CA LYS A 75 45.48 -23.62 20.87
C LYS A 75 44.18 -24.34 21.18
N GLN A 76 44.26 -25.32 22.09
CA GLN A 76 43.07 -25.97 22.59
C GLN A 76 42.13 -24.95 23.23
N VAL A 77 40.84 -25.08 22.94
CA VAL A 77 39.81 -24.20 23.47
C VAL A 77 39.04 -24.94 24.55
N ASN A 78 38.70 -24.25 25.64
CA ASN A 78 37.85 -24.85 26.66
C ASN A 78 36.39 -24.75 26.22
N LEU A 79 35.66 -25.84 26.38
CA LEU A 79 34.27 -25.93 25.97
C LEU A 79 33.45 -26.23 27.23
N ARG A 80 32.62 -25.27 27.65
CA ARG A 80 31.84 -25.40 28.88
C ARG A 80 30.38 -25.57 28.52
N ALA A 81 29.79 -26.69 28.93
CA ALA A 81 28.39 -26.93 28.70
C ALA A 81 27.58 -26.29 29.82
N ILE A 82 26.51 -25.59 29.46
CA ILE A 82 25.56 -25.03 30.41
C ILE A 82 24.20 -25.57 30.01
N PHE A 83 23.64 -26.43 30.85
CA PHE A 83 22.34 -27.03 30.57
C PHE A 83 21.25 -26.05 31.02
N ILE A 84 20.50 -25.53 30.06
CA ILE A 84 19.41 -24.60 30.35
C ILE A 84 18.16 -25.46 30.50
N ASN A 85 17.73 -25.65 31.74
CA ASN A 85 16.56 -26.50 32.00
C ASN A 85 15.30 -25.64 31.86
N ASN A 86 14.85 -25.46 30.61
CA ASN A 86 13.67 -24.64 30.38
C ASN A 86 12.40 -25.49 30.40
N ALA A 87 12.21 -26.19 31.53
CA ALA A 87 10.98 -26.88 31.89
C ALA A 87 10.74 -26.69 33.39
N ASN A 88 9.58 -27.11 33.87
CA ASN A 88 9.25 -26.97 35.28
C ASN A 88 9.59 -28.22 36.09
N THR A 89 10.18 -29.23 35.47
CA THR A 89 10.64 -30.43 36.16
C THR A 89 12.15 -30.47 36.18
N ALA A 90 12.69 -31.19 37.17
CA ALA A 90 14.11 -31.48 37.14
C ALA A 90 14.41 -32.36 35.93
N PRO A 91 15.60 -32.23 35.34
CA PRO A 91 15.98 -33.16 34.28
C PRO A 91 16.08 -34.57 34.82
N PRO A 92 15.94 -35.58 33.97
CA PRO A 92 16.07 -36.97 34.43
C PRO A 92 17.43 -37.20 35.06
N ALA A 93 17.47 -38.15 36.01
CA ALA A 93 18.70 -38.45 36.71
C ALA A 93 19.81 -38.88 35.77
N SER A 94 19.46 -39.45 34.61
CA SER A 94 20.45 -39.89 33.65
C SER A 94 21.11 -38.76 32.86
N MET A 95 20.60 -37.54 32.96
CA MET A 95 21.06 -36.47 32.08
C MET A 95 22.52 -36.12 32.34
N GLU A 96 22.90 -36.08 33.61
CA GLU A 96 24.23 -35.61 33.96
C GLU A 96 25.32 -36.42 33.25
N SER A 97 25.25 -37.75 33.38
CA SER A 97 26.27 -38.59 32.73
C SER A 97 26.03 -38.68 31.22
N GLU A 98 24.77 -38.62 30.79
CA GLU A 98 24.52 -38.59 29.35
C GLU A 98 25.12 -37.34 28.72
N LEU A 99 25.04 -36.21 29.41
CA LEU A 99 25.64 -34.99 28.88
C LEU A 99 27.16 -35.07 28.88
N ASP A 100 27.76 -35.63 29.95
CA ASP A 100 29.20 -35.87 29.96
C ASP A 100 29.63 -36.74 28.77
N ILE A 101 28.89 -37.81 28.54
CA ILE A 101 29.20 -38.71 27.44
C ILE A 101 29.11 -37.96 26.11
N SER A 102 28.03 -37.17 25.92
CA SER A 102 27.86 -36.44 24.67
C SER A 102 28.97 -35.41 24.47
N MET A 103 29.40 -34.75 25.55
CA MET A 103 30.47 -33.78 25.45
C MET A 103 31.78 -34.43 25.06
N ASP A 104 32.01 -35.64 25.57
CA ASP A 104 33.25 -36.33 25.24
C ASP A 104 33.24 -36.84 23.81
N LYS A 105 32.12 -37.39 23.37
CA LYS A 105 32.00 -37.82 21.99
C LYS A 105 32.11 -36.62 21.05
N PHE A 106 31.50 -35.50 21.41
CA PHE A 106 31.63 -34.28 20.61
C PHE A 106 33.08 -33.88 20.43
N ALA A 107 33.83 -33.75 21.53
CA ALA A 107 35.21 -33.30 21.45
C ALA A 107 36.03 -34.21 20.52
N SER A 108 35.88 -35.52 20.67
CA SER A 108 36.70 -36.41 19.86
C SER A 108 36.22 -36.44 18.42
N ASP A 109 34.90 -36.37 18.19
CA ASP A 109 34.37 -36.25 16.84
C ASP A 109 34.99 -35.06 16.10
N VAL A 110 35.00 -33.89 16.72
CA VAL A 110 35.35 -32.67 16.00
C VAL A 110 36.86 -32.47 15.97
N LYS A 111 37.61 -33.16 16.82
CA LYS A 111 39.06 -33.17 16.69
C LYS A 111 39.48 -33.58 15.30
N GLN A 112 38.76 -34.55 14.71
CA GLN A 112 39.06 -35.04 13.37
C GLN A 112 39.00 -33.95 12.31
N LEU A 113 38.24 -32.89 12.56
CA LEU A 113 38.14 -31.78 11.63
C LEU A 113 39.17 -30.69 11.90
N GLY A 114 39.90 -30.79 13.01
CA GLY A 114 40.93 -29.84 13.37
C GLY A 114 40.61 -28.95 14.55
N VAL A 115 39.45 -29.12 15.19
CA VAL A 115 39.05 -28.29 16.31
C VAL A 115 39.29 -29.08 17.58
N ASP A 116 40.14 -28.55 18.44
CA ASP A 116 40.58 -29.21 19.66
C ASP A 116 39.92 -28.52 20.84
N PHE A 117 38.93 -29.17 21.44
CA PHE A 117 38.24 -28.66 22.61
C PHE A 117 38.67 -29.44 23.85
N ASN A 118 38.73 -28.73 24.96
CA ASN A 118 38.88 -29.31 26.29
C ASN A 118 37.49 -29.26 26.93
N VAL A 119 36.90 -30.41 27.21
CA VAL A 119 35.54 -30.47 27.75
C VAL A 119 35.57 -31.01 29.17
N SER A 120 36.67 -30.79 29.88
CA SER A 120 36.82 -31.34 31.22
C SER A 120 36.01 -30.58 32.26
N GLY A 121 35.76 -29.29 32.04
CA GLY A 121 34.89 -28.55 32.93
C GLY A 121 33.53 -29.22 33.06
N LYS A 122 33.10 -29.47 34.30
CA LYS A 122 31.83 -30.14 34.53
C LYS A 122 30.67 -29.30 33.97
N PRO A 123 29.70 -29.92 33.30
CA PRO A 123 28.50 -29.18 32.85
C PRO A 123 27.76 -28.53 34.02
N ILE A 124 27.19 -27.37 33.75
CA ILE A 124 26.51 -26.57 34.75
C ILE A 124 25.03 -26.55 34.44
N LEU A 125 24.22 -26.82 35.47
CA LEU A 125 22.77 -26.85 35.35
C LEU A 125 22.20 -25.51 35.80
N ILE A 126 21.37 -24.91 34.95
CA ILE A 126 20.68 -23.66 35.28
C ILE A 126 19.18 -23.89 35.22
N ASN A 127 18.50 -23.72 36.35
CA ASN A 127 17.06 -23.85 36.43
C ASN A 127 16.42 -22.47 36.38
N GLN A 128 15.14 -22.46 36.00
CA GLN A 128 14.31 -21.25 36.08
C GLN A 128 14.91 -20.10 35.29
N PHE A 129 15.50 -20.42 34.13
CA PHE A 129 15.95 -19.38 33.22
C PHE A 129 14.83 -19.05 32.24
N GLY A 130 14.57 -17.77 32.06
CA GLY A 130 13.56 -17.31 31.14
C GLY A 130 13.51 -15.80 31.09
N PRO A 131 12.56 -15.27 30.32
CA PRO A 131 12.40 -13.82 30.28
C PRO A 131 12.06 -13.29 31.66
N PRO A 132 12.39 -12.02 31.91
CA PRO A 132 11.95 -11.39 33.17
C PRO A 132 10.45 -11.54 33.37
N ILE A 133 10.04 -11.70 34.62
CA ILE A 133 8.67 -12.08 34.94
C ILE A 133 7.80 -10.84 35.13
N LYS A 134 6.56 -10.92 34.63
CA LYS A 134 5.46 -9.97 34.84
C LYS A 134 5.82 -8.58 34.38
N PRO A 163 3.84 -1.37 35.47
CA PRO A 163 4.59 -2.60 35.22
C PRO A 163 5.91 -2.67 35.98
N THR A 164 6.30 -3.88 36.38
CA THR A 164 7.58 -4.12 37.03
C THR A 164 8.02 -5.53 36.70
N PHE A 165 9.34 -5.73 36.61
CA PHE A 165 9.88 -7.02 36.20
C PHE A 165 10.91 -7.49 37.20
N GLU A 166 10.88 -8.77 37.53
CA GLU A 166 11.95 -9.38 38.31
C GLU A 166 12.73 -10.32 37.40
N THR A 167 14.05 -10.20 37.42
CA THR A 167 14.92 -11.04 36.64
C THR A 167 14.76 -12.49 37.07
N SER A 168 14.65 -13.39 36.10
CA SER A 168 14.47 -14.80 36.44
C SER A 168 15.66 -15.28 37.27
N PRO A 169 15.43 -16.24 38.16
CA PRO A 169 16.55 -16.76 38.96
C PRO A 169 17.62 -17.38 38.10
N GLY A 170 17.24 -18.02 36.98
CA GLY A 170 18.24 -18.57 36.09
C GLY A 170 19.12 -17.51 35.47
N GLU A 171 18.53 -16.39 35.05
CA GLU A 171 19.35 -15.32 34.48
C GLU A 171 20.30 -14.76 35.52
N ILE A 172 19.88 -14.69 36.78
CA ILE A 172 20.78 -14.21 37.82
C ILE A 172 21.97 -15.15 37.95
N SER A 173 21.71 -16.45 37.96
CA SER A 173 22.80 -17.43 38.04
C SER A 173 23.71 -17.33 36.83
N LEU A 174 23.13 -17.22 35.63
CA LEU A 174 23.93 -17.18 34.42
C LEU A 174 24.76 -15.90 34.36
N LEU A 175 24.15 -14.77 34.72
CA LEU A 175 24.89 -13.51 34.80
C LEU A 175 26.11 -13.64 35.69
N ASN A 176 25.94 -14.29 36.83
CA ASN A 176 27.08 -14.52 37.70
C ASN A 176 28.10 -15.43 37.05
N LEU A 177 27.62 -16.46 36.34
CA LEU A 177 28.51 -17.38 35.65
C LEU A 177 29.32 -16.65 34.58
N LEU A 178 28.68 -15.77 33.81
CA LEU A 178 29.37 -15.12 32.69
C LEU A 178 30.44 -14.15 33.19
N GLU A 179 30.17 -13.38 34.25
CA GLU A 179 31.20 -12.48 34.77
C GLU A 179 32.40 -13.25 35.31
N ASN A 180 32.22 -14.50 35.72
CA ASN A 180 33.29 -15.31 36.27
C ASN A 180 33.89 -16.27 35.25
N ILE A 181 33.48 -16.18 34.00
CA ILE A 181 33.87 -17.22 33.03
C ILE A 181 35.37 -17.13 32.76
N PRO A 182 36.11 -18.23 32.83
CA PRO A 182 37.53 -18.18 32.46
C PRO A 182 37.71 -17.80 31.00
N SER A 183 38.89 -17.28 30.69
CA SER A 183 39.22 -16.93 29.32
C SER A 183 39.38 -18.19 28.48
N ASN A 184 39.42 -18.00 27.16
CA ASN A 184 39.61 -19.12 26.24
C ASN A 184 38.49 -20.14 26.42
N THR A 185 37.28 -19.65 26.65
CA THR A 185 36.16 -20.54 26.94
C THR A 185 35.02 -20.31 25.96
N TYR A 186 34.56 -21.39 25.35
CA TYR A 186 33.41 -21.40 24.45
C TYR A 186 32.25 -22.01 25.21
N ILE A 187 31.10 -21.33 25.20
CA ILE A 187 29.94 -21.80 25.93
C ILE A 187 29.06 -22.63 25.01
N LEU A 188 28.65 -23.80 25.47
CA LEU A 188 27.65 -24.61 24.79
C LEU A 188 26.39 -24.62 25.64
N TYR A 189 25.37 -23.89 25.22
CA TYR A 189 24.09 -23.96 25.89
C TYR A 189 23.35 -25.20 25.40
N VAL A 190 22.99 -26.08 26.33
CA VAL A 190 22.26 -27.31 26.01
C VAL A 190 20.83 -27.10 26.50
N LEU A 191 19.90 -26.96 25.56
CA LEU A 191 18.51 -26.60 25.89
C LEU A 191 17.70 -27.85 26.17
N ARG A 192 17.05 -27.90 27.34
CA ARG A 192 16.20 -29.05 27.63
C ARG A 192 15.05 -29.18 26.63
N ARG A 193 14.46 -28.05 26.23
CA ARG A 193 13.36 -28.07 25.27
C ARG A 193 13.70 -27.15 24.11
N GLY A 194 13.49 -27.62 22.88
CA GLY A 194 13.64 -26.79 21.70
C GLY A 194 12.44 -25.87 21.50
N ASN A 195 12.50 -25.07 20.43
CA ASN A 195 11.40 -24.21 19.99
C ASN A 195 10.96 -23.20 21.06
N ASP A 196 11.89 -22.76 21.90
CA ASP A 196 11.60 -21.84 22.99
C ASP A 196 12.30 -20.52 22.66
N SER A 197 11.61 -19.68 21.87
CA SER A 197 12.26 -18.46 21.40
C SER A 197 12.49 -17.46 22.54
N ALA A 198 11.61 -17.43 23.54
CA ALA A 198 11.82 -16.50 24.65
C ALA A 198 13.10 -16.83 25.40
N VAL A 199 13.37 -18.12 25.59
CA VAL A 199 14.59 -18.52 26.26
C VAL A 199 15.79 -18.31 25.35
N TYR A 200 15.69 -18.71 24.07
CA TYR A 200 16.80 -18.54 23.15
C TYR A 200 17.15 -17.07 22.94
N ASP A 201 16.13 -16.23 22.74
CA ASP A 201 16.35 -14.80 22.53
C ASP A 201 17.11 -14.20 23.70
N ARG A 202 16.68 -14.52 24.92
CA ARG A 202 17.31 -13.97 26.11
C ARG A 202 18.73 -14.51 26.27
N LEU A 203 18.95 -15.79 25.97
CA LEU A 203 20.31 -16.34 26.03
C LEU A 203 21.25 -15.58 25.12
N LYS A 204 20.82 -15.30 23.89
CA LYS A 204 21.66 -14.54 22.96
C LYS A 204 21.77 -13.09 23.39
N TYR A 205 20.67 -12.51 23.88
CA TYR A 205 20.70 -11.15 24.37
C TYR A 205 21.73 -10.98 25.47
N ILE A 206 21.75 -11.90 26.43
CA ILE A 206 22.71 -11.84 27.51
C ILE A 206 24.11 -12.14 26.99
N THR A 207 24.25 -13.24 26.25
CA THR A 207 25.59 -13.77 26.00
C THR A 207 26.27 -13.07 24.82
N ASP A 208 25.53 -12.83 23.72
CA ASP A 208 26.11 -12.05 22.62
C ASP A 208 26.17 -10.57 23.01
N LEU A 209 25.00 -9.99 23.32
CA LEU A 209 24.91 -8.54 23.34
C LEU A 209 25.50 -7.95 24.63
N LYS A 210 25.12 -8.50 25.79
CA LYS A 210 25.65 -7.96 27.04
C LYS A 210 27.12 -8.32 27.24
N PHE A 211 27.48 -9.60 27.12
CA PHE A 211 28.84 -10.02 27.48
C PHE A 211 29.76 -10.23 26.30
N GLY A 212 29.24 -10.43 25.10
CA GLY A 212 30.13 -10.71 23.98
C GLY A 212 30.92 -11.99 24.20
N ALA A 213 30.30 -13.01 24.78
CA ALA A 213 30.96 -14.30 25.00
C ALA A 213 30.55 -15.25 23.87
N LEU A 214 31.54 -15.95 23.30
CA LEU A 214 31.25 -16.92 22.25
C LEU A 214 30.37 -18.04 22.80
N ASN A 215 29.33 -18.40 22.06
CA ASN A 215 28.44 -19.44 22.54
C ASN A 215 27.66 -20.02 21.36
N SER A 216 27.28 -21.28 21.50
CA SER A 216 26.33 -21.92 20.62
C SER A 216 25.28 -22.63 21.45
N CYS A 217 24.08 -22.72 20.91
CA CYS A 217 23.02 -23.50 21.51
C CYS A 217 22.84 -24.82 20.79
N VAL A 218 22.33 -25.79 21.53
CA VAL A 218 22.10 -27.12 21.01
C VAL A 218 20.86 -27.63 21.73
N VAL A 219 19.90 -28.19 20.98
CA VAL A 219 18.73 -28.81 21.60
C VAL A 219 19.14 -30.18 22.09
N TRP A 220 18.91 -30.44 23.38
CA TRP A 220 19.39 -31.65 24.03
C TRP A 220 18.89 -32.92 23.35
N ASP A 221 17.62 -32.97 22.94
CA ASP A 221 17.13 -34.19 22.32
C ASP A 221 17.81 -34.47 20.99
N ASN A 222 18.40 -33.44 20.37
CA ASN A 222 19.24 -33.68 19.20
C ASN A 222 20.66 -34.06 19.60
N PHE A 223 21.28 -33.23 20.44
CA PHE A 223 22.68 -33.43 20.82
C PHE A 223 22.90 -34.81 21.41
N LYS A 224 21.96 -35.25 22.26
CA LYS A 224 22.11 -36.52 22.97
C LYS A 224 22.17 -37.73 22.04
N LYS A 225 21.82 -37.58 20.76
CA LYS A 225 21.92 -38.71 19.84
C LYS A 225 23.37 -39.08 19.51
N ASN A 226 24.31 -38.17 19.77
CA ASN A 226 25.73 -38.43 19.56
C ASN A 226 26.05 -38.77 18.10
N SER A 227 25.46 -38.03 17.18
CA SER A 227 25.70 -38.23 15.75
C SER A 227 26.91 -37.43 15.29
N ILE A 228 27.84 -38.10 14.61
CA ILE A 228 29.03 -37.42 14.12
C ILE A 228 28.65 -36.34 13.12
N GLN A 229 27.63 -36.59 12.32
CA GLN A 229 27.18 -35.59 11.35
C GLN A 229 26.65 -34.35 12.08
N TYR A 230 25.81 -34.56 13.11
CA TYR A 230 25.32 -33.43 13.89
C TYR A 230 26.47 -32.67 14.54
N ASN A 231 27.41 -33.40 15.13
CA ASN A 231 28.54 -32.76 15.79
C ASN A 231 29.40 -32.00 14.78
N SER A 232 29.61 -32.57 13.60
CA SER A 232 30.39 -31.89 12.58
C SER A 232 29.72 -30.59 12.15
N ASN A 233 28.40 -30.60 12.00
CA ASN A 233 27.70 -29.38 11.62
C ASN A 233 27.77 -28.33 12.72
N VAL A 234 27.57 -28.75 13.97
CA VAL A 234 27.62 -27.82 15.10
C VAL A 234 28.95 -27.09 15.12
N VAL A 235 30.06 -27.82 14.97
CA VAL A 235 31.37 -27.22 15.14
C VAL A 235 31.73 -26.34 13.95
N MET A 236 31.07 -26.52 12.79
CA MET A 236 31.27 -25.57 11.70
C MET A 236 31.01 -24.15 12.20
N LYS A 237 29.91 -23.99 12.92
CA LYS A 237 29.53 -22.68 13.43
C LYS A 237 30.49 -22.20 14.50
N MET A 238 30.87 -23.09 15.42
CA MET A 238 31.83 -22.72 16.46
C MET A 238 33.13 -22.24 15.84
N ASN A 239 33.63 -22.99 14.87
CA ASN A 239 34.91 -22.65 14.25
C ASN A 239 34.87 -21.25 13.63
N LEU A 240 33.76 -20.91 12.95
CA LEU A 240 33.60 -19.57 12.42
C LEU A 240 33.63 -18.52 13.54
N LYS A 241 32.87 -18.76 14.62
CA LYS A 241 32.86 -17.84 15.75
C LYS A 241 34.25 -17.70 16.35
N LEU A 242 35.05 -18.76 16.30
CA LEU A 242 36.45 -18.73 16.70
C LEU A 242 37.37 -18.21 15.60
N LEU A 243 36.84 -17.47 14.62
CA LEU A 243 37.61 -16.81 13.56
C LEU A 243 38.23 -17.82 12.60
N GLY A 244 37.72 -19.05 12.57
CA GLY A 244 38.26 -20.05 11.69
C GLY A 244 37.70 -19.95 10.28
N SER A 245 38.21 -20.84 9.44
CA SER A 245 37.72 -21.05 8.09
C SER A 245 37.39 -22.52 7.97
N ASN A 246 36.20 -22.83 7.47
CA ASN A 246 35.87 -24.23 7.26
C ASN A 246 36.28 -24.65 5.86
N HIS A 247 35.42 -24.38 4.88
CA HIS A 247 35.80 -24.51 3.48
C HIS A 247 35.81 -23.13 2.85
N SER A 248 36.43 -23.06 1.67
CA SER A 248 36.44 -21.86 0.87
C SER A 248 36.38 -22.29 -0.57
N LEU A 249 36.55 -21.34 -1.47
CA LEU A 249 36.81 -21.66 -2.87
C LEU A 249 38.30 -21.73 -3.11
N SER A 250 38.69 -22.36 -4.20
CA SER A 250 40.09 -22.44 -4.55
C SER A 250 40.65 -21.05 -4.82
N ILE A 251 41.98 -20.95 -4.75
CA ILE A 251 42.69 -19.72 -5.10
C ILE A 251 42.32 -19.27 -6.52
N GLU A 252 42.32 -20.20 -7.46
CA GLU A 252 41.95 -19.86 -8.84
C GLU A 252 40.57 -19.21 -8.89
N ASN A 253 39.59 -19.79 -8.19
CA ASN A 253 38.24 -19.23 -8.17
C ASN A 253 38.20 -17.86 -7.48
N ASN A 254 38.98 -17.69 -6.41
CA ASN A 254 38.93 -16.41 -5.70
C ASN A 254 39.47 -15.25 -6.53
N LYS A 255 40.28 -15.53 -7.56
CA LYS A 255 40.78 -14.47 -8.43
C LYS A 255 39.63 -13.66 -9.02
N LEU A 256 38.50 -14.30 -9.27
CA LEU A 256 37.33 -13.60 -9.77
C LEU A 256 36.95 -12.43 -8.89
N LEU A 257 37.21 -12.52 -7.59
CA LEU A 257 36.84 -11.47 -6.65
C LEU A 257 38.04 -10.65 -6.20
N ILE A 258 39.11 -10.61 -7.01
CA ILE A 258 40.29 -9.82 -6.70
C ILE A 258 40.47 -8.78 -7.80
N ASP A 259 40.61 -7.53 -7.39
CA ASP A 259 40.86 -6.44 -8.33
C ASP A 259 42.27 -6.61 -8.87
N LYS A 260 42.39 -6.90 -10.18
CA LYS A 260 43.70 -7.18 -10.76
C LYS A 260 44.62 -5.98 -10.70
N GLU A 261 44.09 -4.76 -10.81
CA GLU A 261 44.97 -3.59 -10.88
C GLU A 261 45.65 -3.32 -9.55
N SER A 262 44.93 -3.47 -8.43
CA SER A 262 45.45 -3.23 -7.10
C SER A 262 45.88 -4.52 -6.41
N ASN A 263 45.52 -5.68 -6.96
CA ASN A 263 45.73 -6.97 -6.32
C ASN A 263 45.10 -6.99 -4.94
N LEU A 264 43.95 -6.36 -4.82
CA LEU A 264 43.26 -6.32 -3.55
C LEU A 264 41.90 -6.99 -3.70
N PRO A 265 41.47 -7.78 -2.72
CA PRO A 265 40.17 -8.45 -2.84
C PRO A 265 39.04 -7.45 -2.83
N ILE A 266 38.01 -7.75 -3.62
CA ILE A 266 36.81 -6.92 -3.61
C ILE A 266 36.18 -7.01 -2.23
N LEU A 267 35.67 -5.87 -1.75
CA LEU A 267 34.89 -5.87 -0.53
C LEU A 267 33.47 -6.29 -0.90
N VAL A 268 33.05 -7.47 -0.43
CA VAL A 268 31.75 -8.02 -0.73
C VAL A 268 30.85 -7.76 0.46
N LEU A 269 29.71 -7.10 0.23
CA LEU A 269 28.78 -6.71 1.27
C LEU A 269 27.45 -7.42 1.07
N GLY A 270 26.78 -7.70 2.18
CA GLY A 270 25.41 -8.17 2.15
C GLY A 270 24.56 -7.37 3.13
N SER A 271 23.38 -6.98 2.69
CA SER A 271 22.45 -6.29 3.55
C SER A 271 21.06 -6.90 3.46
N ASP A 272 20.31 -6.74 4.55
CA ASP A 272 18.94 -7.23 4.62
C ASP A 272 18.19 -6.27 5.55
N VAL A 273 16.89 -6.24 5.38
CA VAL A 273 15.98 -5.55 6.29
C VAL A 273 14.89 -6.53 6.70
N THR A 274 14.56 -6.53 7.98
CA THR A 274 13.40 -7.28 8.45
C THR A 274 12.45 -6.33 9.15
N HIS A 275 11.16 -6.64 9.10
CA HIS A 275 10.14 -5.71 9.53
C HIS A 275 9.40 -6.24 10.74
N TYR A 276 8.89 -5.30 11.53
CA TYR A 276 8.03 -5.59 12.67
C TYR A 276 8.60 -6.69 13.57
N PRO A 277 9.75 -6.44 14.21
CA PRO A 277 10.25 -7.43 15.19
C PRO A 277 9.29 -7.64 16.33
N GLU A 278 8.53 -6.60 16.68
CA GLU A 278 7.30 -6.68 17.43
C GLU A 278 6.27 -5.85 16.67
N LYS A 279 5.03 -5.86 17.13
CA LYS A 279 3.97 -5.19 16.37
C LYS A 279 4.20 -3.69 16.37
N ASP A 280 4.09 -3.09 15.18
CA ASP A 280 4.22 -1.66 14.95
C ASP A 280 5.62 -1.12 15.22
N GLN A 281 6.63 -1.98 15.27
CA GLN A 281 7.97 -1.52 15.62
C GLN A 281 8.78 -1.24 14.37
N ASN A 282 9.82 -0.41 14.54
CA ASN A 282 10.70 -0.03 13.44
C ASN A 282 11.37 -1.26 12.88
N SER A 283 11.73 -1.18 11.60
CA SER A 283 12.42 -2.27 10.95
C SER A 283 13.89 -2.31 11.39
N ILE A 284 14.54 -3.43 11.09
CA ILE A 284 15.94 -3.68 11.44
C ILE A 284 16.70 -3.97 10.15
N ALA A 285 17.83 -3.30 9.98
CA ALA A 285 18.71 -3.50 8.84
C ALA A 285 20.06 -4.03 9.32
N SER A 286 20.69 -4.83 8.47
CA SER A 286 22.02 -5.37 8.77
C SER A 286 22.91 -5.19 7.54
N LEU A 287 24.20 -5.14 7.79
CA LEU A 287 25.20 -5.03 6.72
C LEU A 287 26.40 -5.86 7.15
N VAL A 288 26.70 -6.92 6.39
CA VAL A 288 27.88 -7.74 6.64
C VAL A 288 28.88 -7.47 5.54
N GLY A 289 30.14 -7.75 5.84
CA GLY A 289 31.17 -7.54 4.84
C GLY A 289 32.36 -8.48 4.97
N SER A 290 32.94 -8.85 3.82
CA SER A 290 34.14 -9.65 3.80
C SER A 290 35.34 -8.79 4.20
N TYR A 291 36.48 -9.44 4.44
CA TYR A 291 37.68 -8.66 4.71
C TYR A 291 38.96 -9.21 4.10
N ASP A 292 38.95 -10.30 3.36
CA ASP A 292 40.16 -10.71 2.66
C ASP A 292 39.78 -11.48 1.40
N ASP A 293 40.77 -12.13 0.81
CA ASP A 293 40.58 -12.83 -0.45
C ASP A 293 40.08 -14.27 -0.25
N LYS A 294 39.73 -14.66 0.97
CA LYS A 294 39.15 -15.98 1.20
C LYS A 294 37.63 -15.94 1.35
N PHE A 295 37.06 -14.81 1.80
CA PHE A 295 35.61 -14.61 1.87
C PHE A 295 34.93 -15.60 2.80
N THR A 296 35.66 -15.99 3.81
CA THR A 296 35.25 -16.98 4.79
C THR A 296 34.60 -16.36 6.01
N GLN A 297 34.85 -15.06 6.23
CA GLN A 297 34.41 -14.35 7.42
C GLN A 297 33.66 -13.09 7.00
N PHE A 298 32.43 -12.94 7.49
CA PHE A 298 31.58 -11.79 7.18
C PHE A 298 31.03 -11.17 8.47
N PRO A 299 31.86 -10.50 9.25
CA PRO A 299 31.33 -9.73 10.38
C PRO A 299 30.45 -8.61 9.84
N GLY A 300 29.55 -8.12 10.70
CA GLY A 300 28.57 -7.15 10.27
C GLY A 300 28.10 -6.28 11.40
N ASP A 301 27.29 -5.31 11.03
CA ASP A 301 26.62 -4.45 11.98
C ASP A 301 25.13 -4.44 11.66
N TYR A 302 24.33 -4.11 12.67
CA TYR A 302 22.89 -3.90 12.47
C TYR A 302 22.51 -2.54 13.05
N MET A 303 21.34 -2.05 12.63
CA MET A 303 20.80 -0.84 13.24
C MET A 303 19.28 -0.87 13.13
N LEU A 304 18.64 -0.14 14.02
CA LEU A 304 17.20 0.04 13.97
C LEU A 304 16.87 1.08 12.90
N GLN A 305 15.91 0.77 12.03
CA GLN A 305 15.49 1.73 11.03
C GLN A 305 14.70 2.87 11.69
N ASP A 306 14.34 3.86 10.88
CA ASP A 306 13.69 5.08 11.37
C ASP A 306 12.20 4.91 11.62
N GLY A 307 11.54 3.95 10.98
CA GLY A 307 10.12 3.77 11.13
C GLY A 307 9.69 2.35 10.82
N PRO A 308 8.40 2.06 11.03
CA PRO A 308 7.90 0.71 10.78
C PRO A 308 7.71 0.43 9.30
N GLY A 309 7.91 -0.83 8.93
CA GLY A 309 7.81 -1.22 7.52
C GLY A 309 8.69 -0.42 6.59
N GLU A 310 9.83 0.07 7.08
CA GLU A 310 10.70 0.88 6.24
C GLU A 310 11.67 -0.02 5.51
N GLU A 311 11.51 -0.10 4.19
CA GLU A 311 12.30 -1.01 3.37
C GLU A 311 13.66 -0.45 2.97
N ILE A 312 13.79 0.86 2.79
CA ILE A 312 15.04 1.46 2.33
C ILE A 312 15.93 1.71 3.54
N ILE A 313 17.18 1.25 3.46
CA ILE A 313 18.15 1.48 4.53
C ILE A 313 18.76 2.86 4.33
N THR A 314 18.12 3.88 4.92
CA THR A 314 18.48 5.27 4.64
C THR A 314 19.93 5.56 4.96
N ASN A 315 20.43 5.04 6.07
CA ASN A 315 21.78 5.35 6.52
C ASN A 315 22.66 4.10 6.47
N VAL A 316 22.50 3.30 5.41
CA VAL A 316 23.32 2.09 5.27
C VAL A 316 24.80 2.46 5.28
N GLY A 317 25.13 3.62 4.71
CA GLY A 317 26.51 4.04 4.64
C GLY A 317 27.15 4.21 6.00
N SER A 318 26.36 4.53 7.03
CA SER A 318 26.93 4.65 8.35
C SER A 318 27.55 3.33 8.81
N LEU A 319 26.96 2.20 8.42
CA LEU A 319 27.49 0.87 8.71
C LEU A 319 28.74 0.52 7.93
N MET A 320 29.17 1.38 7.00
CA MET A 320 30.35 1.06 6.20
C MET A 320 31.64 1.21 6.98
N LEU A 321 31.65 2.03 8.05
CA LEU A 321 32.90 2.37 8.71
C LEU A 321 33.63 1.11 9.20
N ASN A 322 32.91 0.22 9.88
CA ASN A 322 33.53 -1.01 10.35
C ASN A 322 33.89 -1.96 9.21
N ARG A 323 33.08 -2.00 8.15
CA ARG A 323 33.49 -2.80 6.99
C ARG A 323 34.86 -2.36 6.50
N LEU A 324 35.10 -1.05 6.45
CA LEU A 324 36.39 -0.55 5.97
C LEU A 324 37.49 -0.83 6.98
N LYS A 325 37.22 -0.58 8.27
CA LYS A 325 38.24 -0.77 9.30
C LYS A 325 38.71 -2.22 9.33
N ILE A 326 37.78 -3.16 9.32
CA ILE A 326 38.15 -4.56 9.40
C ILE A 326 38.89 -4.98 8.14
N TYR A 327 38.38 -4.57 6.98
CA TYR A 327 39.08 -4.87 5.73
C TYR A 327 40.52 -4.38 5.81
N GLN A 328 40.69 -3.14 6.27
CA GLN A 328 42.02 -2.53 6.28
C GLN A 328 42.99 -3.31 7.16
N LYS A 329 42.52 -3.80 8.31
CA LYS A 329 43.40 -4.56 9.21
C LYS A 329 43.91 -5.83 8.56
N HIS A 330 43.16 -6.42 7.64
CA HIS A 330 43.54 -7.67 7.01
C HIS A 330 44.24 -7.46 5.66
N ASN A 331 44.42 -6.23 5.21
CA ASN A 331 45.06 -5.98 3.92
C ASN A 331 46.15 -4.91 4.06
N ASN A 332 46.95 -5.01 5.12
CA ASN A 332 48.13 -4.17 5.30
C ASN A 332 47.83 -2.69 5.11
N GLY A 333 46.76 -2.21 5.74
CA GLY A 333 46.47 -0.79 5.72
C GLY A 333 45.76 -0.28 4.47
N LYS A 334 45.50 -1.14 3.49
CA LYS A 334 44.81 -0.75 2.26
C LYS A 334 43.30 -0.82 2.41
N LEU A 335 42.61 0.16 1.85
CA LEU A 335 41.16 0.08 1.68
C LEU A 335 40.84 -0.66 0.40
N PRO A 336 39.63 -1.24 0.28
CA PRO A 336 39.29 -1.92 -0.96
C PRO A 336 39.19 -0.95 -2.12
N THR A 337 39.48 -1.47 -3.30
CA THR A 337 39.37 -0.65 -4.50
C THR A 337 38.12 -0.96 -5.31
N LYS A 338 37.35 -1.98 -4.92
CA LYS A 338 36.05 -2.28 -5.52
C LYS A 338 35.12 -2.76 -4.40
N ILE A 339 33.85 -2.38 -4.52
CA ILE A 339 32.83 -2.79 -3.55
C ILE A 339 31.70 -3.48 -4.30
N MET A 340 31.28 -4.64 -3.78
CA MET A 340 30.15 -5.41 -4.31
C MET A 340 29.08 -5.46 -3.23
N TYR A 341 27.90 -4.90 -3.53
CA TYR A 341 26.85 -4.68 -2.53
C TYR A 341 25.62 -5.53 -2.86
N PHE A 342 25.42 -6.61 -2.10
CA PHE A 342 24.27 -7.49 -2.30
C PHE A 342 23.15 -7.02 -1.40
N ARG A 343 22.00 -6.71 -1.99
CA ARG A 343 20.88 -6.17 -1.23
C ARG A 343 19.73 -7.17 -1.23
N ASP A 344 19.34 -7.63 -0.05
CA ASP A 344 18.24 -8.58 0.10
C ASP A 344 17.07 -7.90 0.80
N GLY A 345 15.90 -8.50 0.66
CA GLY A 345 14.76 -8.01 1.40
C GLY A 345 14.26 -6.74 0.77
N VAL A 346 13.99 -6.78 -0.55
CA VAL A 346 13.67 -5.57 -1.29
C VAL A 346 12.62 -5.89 -2.36
N SER A 347 11.68 -4.96 -2.56
CA SER A 347 10.66 -5.08 -3.58
C SER A 347 11.16 -4.46 -4.88
N VAL A 348 10.63 -4.96 -5.98
CA VAL A 348 10.98 -4.44 -7.30
C VAL A 348 10.69 -2.94 -7.39
N ASP A 349 9.60 -2.47 -6.79
CA ASP A 349 9.30 -1.05 -6.92
C ASP A 349 10.19 -0.19 -6.06
N GLN A 350 11.03 -0.78 -5.21
CA GLN A 350 11.97 -0.03 -4.40
C GLN A 350 13.36 0.08 -5.03
N PHE A 351 13.57 -0.55 -6.19
CA PHE A 351 14.92 -0.60 -6.79
C PHE A 351 15.49 0.80 -6.99
N SER A 352 14.67 1.73 -7.49
CA SER A 352 15.16 3.06 -7.78
C SER A 352 15.66 3.74 -6.51
N GLN A 353 14.96 3.51 -5.39
CA GLN A 353 15.35 4.08 -4.11
C GLN A 353 16.59 3.39 -3.55
N VAL A 354 16.75 2.08 -3.78
CA VAL A 354 17.99 1.41 -3.39
C VAL A 354 19.19 2.09 -4.03
N VAL A 355 19.10 2.43 -5.31
CA VAL A 355 20.23 3.10 -5.94
C VAL A 355 20.32 4.55 -5.46
N LYS A 356 19.22 5.29 -5.54
CA LYS A 356 19.27 6.73 -5.27
C LYS A 356 19.59 7.03 -3.82
N ILE A 357 19.25 6.12 -2.90
CA ILE A 357 19.45 6.33 -1.48
C ILE A 357 20.60 5.49 -0.95
N GLU A 358 20.51 4.17 -1.11
CA GLU A 358 21.47 3.29 -0.45
C GLU A 358 22.83 3.29 -1.16
N VAL A 359 22.85 3.14 -2.49
CA VAL A 359 24.15 3.18 -3.17
C VAL A 359 24.81 4.55 -2.98
N LYS A 360 24.03 5.63 -3.12
CA LYS A 360 24.54 6.98 -2.83
C LYS A 360 25.04 7.09 -1.40
N SER A 361 24.31 6.50 -0.45
CA SER A 361 24.78 6.54 0.93
C SER A 361 26.12 5.84 1.09
N ILE A 362 26.30 4.71 0.39
CA ILE A 362 27.57 4.00 0.47
C ILE A 362 28.70 4.87 -0.09
N LYS A 363 28.49 5.46 -1.28
CA LYS A 363 29.58 6.20 -1.90
C LYS A 363 29.92 7.45 -1.10
N GLU A 364 28.90 8.12 -0.56
CA GLU A 364 29.14 9.35 0.18
C GLU A 364 29.75 9.06 1.55
N SER A 365 29.32 7.97 2.19
CA SER A 365 29.91 7.61 3.49
C SER A 365 31.38 7.21 3.34
N VAL A 366 31.71 6.39 2.33
CA VAL A 366 33.12 6.01 2.20
C VAL A 366 33.93 7.19 1.71
N ARG A 367 33.32 8.14 1.01
CA ARG A 367 34.05 9.36 0.68
C ARG A 367 34.55 10.05 1.94
N LYS A 368 33.76 9.98 3.00
CA LYS A 368 34.12 10.57 4.29
C LYS A 368 35.01 9.66 5.11
N PHE A 369 34.65 8.36 5.22
CA PHE A 369 35.37 7.45 6.10
C PHE A 369 36.78 7.13 5.60
N GLY A 370 36.93 6.89 4.30
CA GLY A 370 38.21 6.50 3.71
C GLY A 370 39.38 7.39 4.11
N PRO A 371 39.23 8.71 3.93
CA PRO A 371 40.32 9.61 4.34
C PRO A 371 40.63 9.55 5.81
N GLN A 372 39.64 9.27 6.67
CA GLN A 372 39.92 9.09 8.09
C GLN A 372 40.82 7.89 8.33
N LEU A 373 40.79 6.89 7.44
CA LEU A 373 41.52 5.65 7.65
C LEU A 373 42.79 5.52 6.82
N ASN A 374 42.89 6.17 5.65
CA ASN A 374 44.02 5.95 4.76
C ASN A 374 45.08 7.05 4.86
N GLY A 375 45.01 7.88 5.89
CA GLY A 375 45.95 8.96 6.07
C GLY A 375 45.56 10.26 5.39
N GLY A 376 44.31 10.39 4.96
CA GLY A 376 43.79 11.62 4.41
C GLY A 376 43.73 11.70 2.89
N ASN A 377 43.58 10.59 2.20
CA ASN A 377 43.52 10.59 0.75
C ASN A 377 42.07 10.41 0.29
N LYS A 378 41.76 11.02 -0.85
CA LYS A 378 40.46 10.85 -1.49
C LYS A 378 40.16 9.37 -1.67
N TYR A 379 38.91 8.99 -1.41
CA TYR A 379 38.52 7.58 -1.49
C TYR A 379 37.16 7.49 -2.17
N ASP A 380 37.15 6.93 -3.37
CA ASP A 380 35.94 6.82 -4.18
C ASP A 380 35.95 5.50 -4.95
N PRO A 381 35.78 4.38 -4.25
CA PRO A 381 35.87 3.06 -4.92
C PRO A 381 34.60 2.78 -5.73
N PRO A 382 34.74 2.16 -6.90
CA PRO A 382 33.55 1.84 -7.70
C PRO A 382 32.68 0.75 -7.05
N VAL A 383 31.38 0.92 -7.16
CA VAL A 383 30.41 0.05 -6.49
C VAL A 383 29.61 -0.72 -7.54
N THR A 384 29.36 -2.00 -7.27
CA THR A 384 28.35 -2.75 -7.99
C THR A 384 27.29 -3.14 -6.98
N CYS A 385 26.02 -2.92 -7.33
CA CYS A 385 24.90 -3.33 -6.48
C CYS A 385 24.09 -4.44 -7.15
N ILE A 386 23.84 -5.51 -6.39
CA ILE A 386 23.01 -6.60 -6.87
C ILE A 386 21.90 -6.87 -5.86
N ALA A 387 20.66 -6.85 -6.33
CA ALA A 387 19.52 -7.15 -5.48
C ALA A 387 19.09 -8.58 -5.72
N THR A 388 18.70 -9.26 -4.64
CA THR A 388 18.23 -10.62 -4.69
C THR A 388 16.79 -10.72 -4.19
N VAL A 389 15.98 -11.47 -4.91
CA VAL A 389 14.63 -11.82 -4.47
C VAL A 389 14.57 -13.35 -4.49
N LYS A 390 14.55 -13.98 -3.32
CA LYS A 390 14.64 -15.43 -3.31
C LYS A 390 13.30 -16.14 -3.19
N ARG A 391 12.24 -15.45 -2.77
CA ARG A 391 10.90 -16.01 -2.80
C ARG A 391 10.18 -15.42 -4.01
N ASN A 392 9.90 -16.27 -4.99
CA ASN A 392 9.16 -15.83 -6.15
C ASN A 392 8.37 -17.02 -6.67
N GLN A 393 7.52 -16.79 -7.66
CA GLN A 393 6.63 -17.82 -8.15
C GLN A 393 7.22 -18.66 -9.26
N VAL A 394 8.35 -18.25 -9.82
CA VAL A 394 8.95 -18.96 -10.94
C VAL A 394 9.46 -20.32 -10.46
N ARG A 395 9.16 -21.37 -11.22
CA ARG A 395 9.74 -22.68 -10.99
C ARG A 395 10.35 -23.18 -12.29
N PHE A 396 11.47 -23.91 -12.16
CA PHE A 396 12.20 -24.50 -13.28
C PHE A 396 12.05 -26.00 -13.21
N ILE A 397 11.57 -26.61 -14.29
CA ILE A 397 11.34 -28.04 -14.36
C ILE A 397 12.28 -28.60 -15.42
N PRO A 398 13.04 -29.65 -15.14
CA PRO A 398 13.96 -30.17 -16.15
C PRO A 398 13.21 -30.93 -17.22
N ILE A 399 13.76 -30.89 -18.42
CA ILE A 399 13.17 -31.56 -19.57
C ILE A 399 13.95 -32.79 -19.98
N GLN A 400 15.25 -32.82 -19.75
CA GLN A 400 16.12 -33.90 -20.21
C GLN A 400 16.91 -34.41 -19.02
N GLU A 401 17.43 -35.61 -19.16
CA GLU A 401 18.35 -36.11 -18.15
C GLU A 401 19.77 -35.68 -18.43
N ASN A 402 20.19 -35.74 -19.71
CA ASN A 402 21.51 -35.32 -20.16
C ASN A 402 21.38 -34.26 -21.25
N ALA A 403 22.44 -33.46 -21.37
CA ALA A 403 22.64 -32.59 -22.52
C ALA A 403 24.14 -32.54 -22.77
N LYS A 404 24.53 -32.01 -23.93
CA LYS A 404 25.94 -31.87 -24.24
C LYS A 404 26.51 -30.64 -23.56
N ASN A 405 27.59 -30.85 -22.80
CA ASN A 405 28.29 -29.77 -22.13
C ASN A 405 29.32 -29.12 -23.07
N GLU A 406 30.11 -28.20 -22.53
CA GLU A 406 31.09 -27.48 -23.33
C GLU A 406 32.30 -28.33 -23.70
N LYS A 407 32.42 -29.55 -23.17
CA LYS A 407 33.41 -30.48 -23.67
C LYS A 407 32.87 -31.40 -24.74
N GLY A 408 31.57 -31.29 -25.08
CA GLY A 408 30.95 -32.21 -26.01
C GLY A 408 30.53 -33.54 -25.41
N GLU A 409 30.50 -33.65 -24.07
CA GLU A 409 30.04 -34.86 -23.40
C GLU A 409 28.56 -34.78 -23.08
N GLU A 410 27.89 -35.93 -23.12
CA GLU A 410 26.50 -36.05 -22.68
C GLU A 410 26.48 -36.25 -21.16
N VAL A 411 25.82 -35.34 -20.46
CA VAL A 411 26.16 -35.07 -19.07
C VAL A 411 24.87 -34.69 -18.33
N ALA A 412 24.79 -35.07 -17.05
CA ALA A 412 23.57 -34.80 -16.27
C ALA A 412 23.26 -33.31 -16.22
N VAL A 413 22.02 -32.97 -16.55
CA VAL A 413 21.52 -31.60 -16.43
C VAL A 413 20.36 -31.50 -15.46
N GLN A 414 20.09 -32.55 -14.70
CA GLN A 414 19.14 -32.44 -13.60
C GLN A 414 19.63 -33.27 -12.43
N SER A 415 19.12 -32.94 -11.24
CA SER A 415 19.52 -33.64 -10.01
C SER A 415 18.35 -33.61 -9.04
N MET A 416 18.07 -34.77 -8.43
CA MET A 416 16.99 -34.87 -7.44
C MET A 416 15.67 -34.34 -8.00
N GLY A 417 15.39 -34.67 -9.26
CA GLY A 417 14.14 -34.28 -9.87
C GLY A 417 14.04 -32.80 -10.20
N ASN A 418 15.12 -32.06 -10.06
CA ASN A 418 15.11 -30.62 -10.24
C ASN A 418 16.17 -30.23 -11.26
N VAL A 419 16.12 -28.97 -11.71
CA VAL A 419 17.14 -28.55 -12.64
C VAL A 419 18.48 -28.59 -11.92
N MET A 420 19.53 -28.71 -12.71
CA MET A 420 20.87 -28.81 -12.16
C MET A 420 21.21 -27.54 -11.36
N PRO A 421 21.89 -27.67 -10.22
CA PRO A 421 22.56 -26.45 -9.76
C PRO A 421 23.78 -26.14 -10.64
N GLY A 422 24.19 -24.90 -10.89
CA GLY A 422 23.38 -23.72 -10.91
C GLY A 422 22.97 -23.38 -12.34
N THR A 423 21.76 -23.83 -12.61
CA THR A 423 21.02 -23.41 -13.77
C THR A 423 20.82 -21.90 -13.75
N VAL A 424 21.22 -21.24 -14.82
CA VAL A 424 20.98 -19.81 -15.02
C VAL A 424 19.95 -19.65 -16.12
N VAL A 425 19.02 -18.73 -15.92
CA VAL A 425 18.09 -18.29 -16.94
C VAL A 425 18.18 -16.78 -16.97
N ASP A 426 18.68 -16.21 -18.07
CA ASP A 426 18.64 -14.76 -18.21
C ASP A 426 18.01 -14.35 -19.53
N ARG A 427 17.22 -15.24 -20.15
CA ARG A 427 16.47 -14.92 -21.34
C ARG A 427 15.03 -15.40 -21.20
N GLY A 428 14.13 -14.77 -21.94
CA GLY A 428 12.76 -15.23 -22.04
C GLY A 428 11.86 -14.78 -20.91
N ILE A 429 12.17 -15.16 -19.67
CA ILE A 429 11.33 -14.76 -18.54
C ILE A 429 11.91 -13.58 -17.79
N THR A 430 13.04 -13.04 -18.23
CA THR A 430 13.71 -11.93 -17.57
C THR A 430 13.47 -10.63 -18.34
N SER A 431 13.93 -9.54 -17.75
CA SER A 431 13.78 -8.25 -18.38
C SER A 431 14.76 -8.09 -19.53
N VAL A 432 14.29 -7.53 -20.64
CA VAL A 432 15.22 -7.14 -21.69
C VAL A 432 15.97 -5.89 -21.28
N ALA A 433 15.23 -4.83 -20.85
CA ALA A 433 15.86 -3.56 -20.55
C ALA A 433 16.67 -3.60 -19.25
N HIS A 434 16.19 -4.33 -18.25
CA HIS A 434 16.89 -4.35 -16.98
C HIS A 434 17.81 -5.56 -16.90
N PHE A 435 18.75 -5.49 -15.96
CA PHE A 435 19.87 -6.40 -15.87
C PHE A 435 19.55 -7.46 -14.81
N ASP A 436 18.69 -8.41 -15.18
CA ASP A 436 18.30 -9.44 -14.23
C ASP A 436 18.56 -10.84 -14.79
N PHE A 437 18.65 -11.79 -13.86
CA PHE A 437 18.87 -13.19 -14.22
C PHE A 437 18.44 -14.05 -13.05
N PHE A 438 18.08 -15.29 -13.35
CA PHE A 438 17.79 -16.29 -12.32
C PHE A 438 18.96 -17.24 -12.23
N ILE A 439 19.27 -17.66 -11.01
CA ILE A 439 20.17 -18.81 -10.81
C ILE A 439 19.56 -19.70 -9.75
N GLN A 440 19.47 -20.98 -10.04
CA GLN A 440 19.10 -21.98 -9.06
C GLN A 440 20.40 -22.65 -8.69
N SER A 441 21.01 -22.19 -7.59
CA SER A 441 22.39 -22.55 -7.28
C SER A 441 22.50 -23.83 -6.45
N HIS A 442 21.40 -24.28 -5.87
CA HIS A 442 21.39 -25.31 -4.85
C HIS A 442 20.75 -26.60 -5.36
N GLN A 443 21.09 -27.69 -4.69
CA GLN A 443 20.31 -28.92 -4.80
C GLN A 443 18.97 -28.73 -4.12
N ALA A 444 17.89 -29.13 -4.78
CA ALA A 444 16.60 -29.16 -4.11
C ALA A 444 16.54 -30.47 -3.33
N LEU A 445 16.99 -30.44 -2.08
CA LEU A 445 16.98 -31.64 -1.26
C LEU A 445 15.56 -32.13 -1.00
N LYS A 446 14.62 -31.19 -0.97
CA LYS A 446 13.22 -31.51 -0.79
C LYS A 446 12.42 -30.59 -1.69
N GLY A 447 11.26 -31.07 -2.12
CA GLY A 447 10.31 -30.29 -2.91
C GLY A 447 10.85 -29.87 -4.27
N THR A 448 10.27 -28.81 -4.81
CA THR A 448 10.74 -28.20 -6.04
C THR A 448 11.58 -26.98 -5.70
N GLY A 449 12.79 -26.93 -6.23
CA GLY A 449 13.67 -25.83 -5.90
C GLY A 449 13.08 -24.50 -6.35
N VAL A 450 13.45 -23.45 -5.64
CA VAL A 450 13.05 -22.09 -5.99
C VAL A 450 14.30 -21.35 -6.43
N PRO A 451 14.37 -20.86 -7.66
CA PRO A 451 15.55 -20.11 -8.09
C PRO A 451 15.63 -18.75 -7.42
N CYS A 452 16.84 -18.21 -7.35
CA CYS A 452 17.01 -16.84 -6.88
C CYS A 452 16.92 -15.89 -8.06
N HIS A 453 16.18 -14.81 -7.88
CA HIS A 453 16.06 -13.76 -8.89
C HIS A 453 17.00 -12.61 -8.53
N TYR A 454 17.96 -12.33 -9.40
CA TYR A 454 18.98 -11.32 -9.17
C TYR A 454 18.75 -10.14 -10.10
N TRP A 455 19.04 -8.95 -9.59
CA TRP A 455 19.10 -7.76 -10.43
C TRP A 455 20.40 -7.02 -10.16
N CYS A 456 21.17 -6.73 -11.21
CA CYS A 456 22.21 -5.74 -11.08
C CYS A 456 21.54 -4.36 -11.20
N LEU A 457 21.48 -3.63 -10.08
CA LEU A 457 20.85 -2.32 -10.04
C LEU A 457 21.82 -1.18 -10.31
N TYR A 458 23.12 -1.41 -10.14
CA TYR A 458 24.10 -0.36 -10.29
C TYR A 458 25.45 -0.99 -10.46
N ASP A 459 26.26 -0.47 -11.37
CA ASP A 459 27.53 -1.12 -11.64
C ASP A 459 28.51 -0.07 -12.18
N GLU A 460 29.51 0.27 -11.37
CA GLU A 460 30.62 1.07 -11.84
C GLU A 460 31.84 0.21 -12.15
N ASN A 461 31.65 -1.11 -12.28
CA ASN A 461 32.79 -1.99 -12.42
C ASN A 461 32.82 -2.72 -13.76
N GLN A 462 32.04 -2.26 -14.76
CA GLN A 462 32.11 -2.80 -16.12
C GLN A 462 31.88 -4.30 -16.12
N SER A 463 30.84 -4.73 -15.41
CA SER A 463 30.58 -6.14 -15.18
C SER A 463 29.75 -6.71 -16.32
N THR A 464 30.15 -7.87 -16.82
CA THR A 464 29.36 -8.60 -17.80
C THR A 464 28.43 -9.59 -17.10
N SER A 465 27.41 -10.05 -17.83
CA SER A 465 26.53 -11.07 -17.27
C SER A 465 27.32 -12.29 -16.81
N ASP A 466 28.29 -12.74 -17.61
CA ASP A 466 29.05 -13.94 -17.23
C ASP A 466 29.82 -13.73 -15.95
N TYR A 467 30.43 -12.56 -15.78
CA TYR A 467 31.16 -12.26 -14.55
C TYR A 467 30.22 -12.22 -13.36
N LEU A 468 29.11 -11.50 -13.47
CA LEU A 468 28.19 -11.40 -12.33
C LEU A 468 27.55 -12.74 -12.03
N GLN A 469 27.22 -13.53 -13.05
CA GLN A 469 26.57 -14.81 -12.78
C GLN A 469 27.54 -15.79 -12.16
N GLU A 470 28.83 -15.70 -12.55
CA GLU A 470 29.79 -16.62 -11.95
C GLU A 470 30.03 -16.26 -10.49
N ILE A 471 30.16 -14.98 -10.19
CA ILE A 471 30.32 -14.50 -8.81
C ILE A 471 29.13 -14.93 -7.96
N CYS A 472 27.92 -14.63 -8.42
CA CYS A 472 26.72 -14.99 -7.66
C CYS A 472 26.69 -16.48 -7.39
N ASN A 473 26.91 -17.28 -8.44
CA ASN A 473 26.89 -18.72 -8.27
C ASN A 473 28.02 -19.16 -7.33
N ASN A 474 29.25 -18.67 -7.57
CA ASN A 474 30.38 -19.05 -6.73
C ASN A 474 30.14 -18.71 -5.26
N LEU A 475 29.56 -17.54 -5.01
CA LEU A 475 29.37 -17.13 -3.62
C LEU A 475 28.36 -18.00 -2.89
N CYS A 476 27.59 -18.81 -3.61
CA CYS A 476 26.68 -19.77 -3.00
C CYS A 476 27.40 -20.96 -2.40
N TYR A 477 28.67 -21.17 -2.75
CA TYR A 477 29.43 -22.32 -2.28
C TYR A 477 30.28 -22.02 -1.05
N ILE A 478 30.21 -20.82 -0.47
CA ILE A 478 31.00 -20.56 0.72
C ILE A 478 30.13 -20.08 1.87
N PHE A 479 28.96 -20.67 2.01
CA PHE A 479 28.17 -20.48 3.23
C PHE A 479 28.76 -21.40 4.30
N GLY A 480 29.47 -20.82 5.26
CA GLY A 480 30.41 -21.59 6.07
C GLY A 480 29.78 -22.56 7.05
N ARG A 481 28.46 -22.56 7.25
CA ARG A 481 27.87 -23.53 8.15
C ARG A 481 27.13 -24.66 7.44
N SER A 482 27.28 -24.80 6.12
CA SER A 482 26.69 -25.93 5.43
C SER A 482 27.72 -26.54 4.50
N THR A 483 27.51 -27.81 4.17
CA THR A 483 28.34 -28.50 3.17
C THR A 483 27.62 -28.57 1.83
N THR A 484 26.87 -27.51 1.52
CA THR A 484 26.09 -27.45 0.31
C THR A 484 26.28 -26.07 -0.29
N SER A 485 26.02 -25.96 -1.59
CA SER A 485 25.77 -24.65 -2.17
C SER A 485 24.35 -24.21 -1.79
N VAL A 486 24.22 -23.00 -1.28
CA VAL A 486 22.91 -22.51 -0.83
C VAL A 486 22.23 -21.73 -1.93
N LYS A 487 21.00 -21.29 -1.67
CA LYS A 487 20.13 -20.80 -2.73
C LYS A 487 20.39 -19.36 -3.10
N VAL A 488 21.26 -18.68 -2.35
CA VAL A 488 21.50 -17.25 -2.46
C VAL A 488 22.94 -17.03 -2.05
N PRO A 489 23.67 -16.05 -2.59
CA PRO A 489 25.09 -15.91 -2.21
C PRO A 489 25.25 -15.76 -0.71
N ALA A 490 26.36 -16.31 -0.19
CA ALA A 490 26.59 -16.31 1.25
C ALA A 490 26.44 -14.94 1.91
N PRO A 491 26.89 -13.82 1.31
CA PRO A 491 26.67 -12.51 1.96
C PRO A 491 25.22 -12.24 2.26
N VAL A 492 24.32 -12.63 1.35
CA VAL A 492 22.89 -12.39 1.54
C VAL A 492 22.38 -13.24 2.69
N TYR A 493 22.69 -14.53 2.66
CA TYR A 493 22.31 -15.42 3.75
C TYR A 493 22.84 -14.90 5.09
N TYR A 494 24.11 -14.51 5.13
CA TYR A 494 24.69 -13.95 6.35
C TYR A 494 23.94 -12.71 6.82
N ALA A 495 23.60 -11.81 5.90
CA ALA A 495 22.87 -10.61 6.27
C ALA A 495 21.49 -10.94 6.81
N ASP A 496 20.80 -11.91 6.18
CA ASP A 496 19.51 -12.35 6.70
C ASP A 496 19.63 -12.83 8.13
N LEU A 497 20.64 -13.67 8.39
CA LEU A 497 20.83 -14.23 9.74
C LEU A 497 21.16 -13.15 10.76
N LEU A 498 21.90 -12.12 10.35
CA LEU A 498 22.24 -11.08 11.31
C LEU A 498 21.01 -10.26 11.66
N CYS A 499 20.17 -9.96 10.66
CA CYS A 499 18.87 -9.33 10.93
C CYS A 499 18.04 -10.16 11.89
N THR A 500 18.03 -11.48 11.71
CA THR A 500 17.26 -12.33 12.61
C THR A 500 17.85 -12.28 14.02
N ARG A 501 19.17 -12.32 14.13
CA ARG A 501 19.76 -12.23 15.47
C ARG A 501 19.50 -10.87 16.10
N ALA A 502 19.57 -9.81 15.29
CA ALA A 502 19.26 -8.48 15.82
C ALA A 502 17.81 -8.41 16.30
N THR A 503 16.91 -9.13 15.62
CA THR A 503 15.52 -9.23 16.07
C THR A 503 15.42 -9.93 17.42
N CYS A 504 16.17 -11.03 17.62
CA CYS A 504 16.28 -11.63 18.95
C CYS A 504 16.60 -10.58 20.00
N PHE A 505 17.61 -9.73 19.73
CA PHE A 505 18.00 -8.73 20.71
C PHE A 505 16.86 -7.75 20.96
N PHE A 506 16.21 -7.28 19.88
CA PHE A 506 15.11 -6.35 20.03
C PHE A 506 13.99 -6.96 20.88
N LYS A 507 13.64 -8.21 20.58
CA LYS A 507 12.53 -8.88 21.24
C LYS A 507 12.85 -9.19 22.71
N ALA A 508 14.09 -9.57 23.01
CA ALA A 508 14.43 -9.93 24.38
C ALA A 508 14.34 -8.74 25.35
N GLY A 509 14.43 -7.52 24.84
CA GLY A 509 14.40 -6.36 25.71
C GLY A 509 13.13 -5.55 25.56
N PHE A 510 12.24 -6.01 24.69
CA PHE A 510 11.12 -5.18 24.26
C PHE A 510 10.11 -4.97 25.36
N GLU A 511 9.84 -6.01 26.15
CA GLU A 511 8.83 -5.89 27.20
C GLU A 511 9.21 -4.79 28.17
N LEU A 512 10.46 -4.80 28.64
CA LEU A 512 10.94 -3.76 29.55
C LEU A 512 10.97 -2.40 28.86
N ASN A 513 11.41 -2.35 27.61
CA ASN A 513 11.45 -1.08 26.89
C ASN A 513 10.07 -0.47 26.73
N MET A 514 9.03 -1.29 26.58
CA MET A 514 7.66 -0.77 26.50
C MET A 514 7.19 -0.26 27.84
N ALA A 515 7.52 -0.98 28.92
CA ALA A 515 7.05 -0.58 30.24
C ALA A 515 7.59 0.78 30.64
N GLN A 516 8.82 1.11 30.26
CA GLN A 516 9.43 2.33 30.75
C GLN A 516 9.57 3.39 29.66
N ALA A 517 8.71 3.35 28.66
CA ALA A 517 8.57 4.46 27.71
C ALA A 517 7.83 5.64 28.34
N THR A 528 9.17 8.66 22.12
CA THR A 528 9.44 7.24 22.03
C THR A 528 10.80 6.92 22.67
N VAL A 529 11.17 5.66 22.63
CA VAL A 529 12.43 5.16 23.13
C VAL A 529 13.49 5.28 22.04
N SER A 530 14.69 5.69 22.43
CA SER A 530 15.77 5.86 21.46
C SER A 530 16.12 4.52 20.79
N LYS A 531 16.72 4.62 19.59
CA LYS A 531 17.15 3.42 18.86
C LYS A 531 18.08 2.57 19.70
N ASN A 532 19.08 3.20 20.32
CA ASN A 532 20.10 2.45 21.04
C ASN A 532 19.56 1.80 22.31
N VAL A 533 18.39 2.22 22.79
CA VAL A 533 17.77 1.52 23.90
C VAL A 533 16.89 0.38 23.40
N LEU A 534 16.16 0.60 22.31
CA LEU A 534 15.37 -0.49 21.75
C LEU A 534 16.26 -1.60 21.21
N LEU A 535 17.38 -1.22 20.59
CA LEU A 535 18.26 -2.19 19.94
C LEU A 535 19.68 -1.77 20.25
N PRO A 536 20.18 -2.13 21.43
CA PRO A 536 21.55 -1.76 21.79
C PRO A 536 22.54 -2.47 20.89
N GLN A 537 23.69 -1.83 20.72
CA GLN A 537 24.77 -2.42 19.95
C GLN A 537 25.43 -3.53 20.73
N VAL A 538 25.87 -4.53 20.02
CA VAL A 538 26.49 -5.68 20.63
C VAL A 538 27.83 -5.26 21.21
N ASN A 539 28.20 -5.93 22.31
CA ASN A 539 29.50 -5.80 22.96
C ASN A 539 30.62 -5.71 21.93
N ASP A 540 31.55 -4.77 22.12
CA ASP A 540 32.67 -4.61 21.18
C ASP A 540 33.48 -5.89 20.98
N ASN A 541 33.45 -6.82 21.96
CA ASN A 541 34.17 -8.09 21.83
C ASN A 541 33.81 -8.82 20.55
N ILE A 542 32.54 -8.74 20.12
CA ILE A 542 32.07 -9.60 19.06
C ILE A 542 31.64 -8.82 17.83
N LYS A 543 31.86 -7.51 17.80
CA LYS A 543 31.47 -6.73 16.62
C LYS A 543 32.20 -7.21 15.37
N SER A 544 33.39 -7.79 15.51
CA SER A 544 34.11 -8.35 14.38
C SER A 544 33.96 -9.87 14.29
N VAL A 545 32.99 -10.42 14.98
CA VAL A 545 32.77 -11.87 15.03
C VAL A 545 31.45 -12.18 14.35
N MET A 546 31.38 -13.33 13.68
CA MET A 546 30.13 -13.85 13.13
C MET A 546 29.31 -14.54 14.22
N TYR A 547 28.94 -13.76 15.25
CA TYR A 547 28.16 -14.31 16.34
C TYR A 547 26.79 -14.76 15.90
N TYR A 548 26.33 -14.29 14.75
CA TYR A 548 24.99 -14.58 14.27
C TYR A 548 24.90 -15.93 13.57
N ILE A 549 26.03 -16.59 13.29
CA ILE A 549 26.04 -17.81 12.48
C ILE A 549 25.61 -19.03 13.29
N ILE C 2 -7.31 45.98 -52.50
CA ILE C 2 -6.41 46.88 -53.20
C ILE C 2 -4.98 46.39 -53.04
N TYR C 3 -4.76 45.46 -52.10
CA TYR C 3 -3.46 44.77 -51.97
C TYR C 3 -2.32 45.74 -51.70
N LYS C 4 -2.55 46.72 -50.83
CA LYS C 4 -1.49 47.59 -50.36
C LYS C 4 -1.02 47.09 -49.00
N VAL C 5 0.23 47.40 -48.65
CA VAL C 5 0.76 46.99 -47.36
C VAL C 5 0.01 47.72 -46.25
N GLU C 6 -0.45 46.95 -45.26
CA GLU C 6 -1.21 47.49 -44.14
C GLU C 6 -0.43 48.59 -43.43
N ASN C 7 -1.14 49.64 -43.04
CA ASN C 7 -0.54 50.60 -42.11
C ASN C 7 -0.91 50.21 -40.70
N ARG C 8 -0.14 50.73 -39.74
CA ARG C 8 -0.43 50.48 -38.33
C ARG C 8 -1.85 50.94 -37.98
N HIS C 9 -2.59 50.10 -37.27
CA HIS C 9 -3.90 50.47 -36.72
C HIS C 9 -3.74 51.15 -35.36
N ASP C 10 -2.98 50.52 -34.47
CA ASP C 10 -2.98 50.84 -33.05
C ASP C 10 -1.67 50.31 -32.47
N TYR C 11 -1.58 50.34 -31.15
CA TYR C 11 -0.47 49.78 -30.41
C TYR C 11 -1.04 48.79 -29.41
N GLY C 12 -0.21 47.85 -28.97
CA GLY C 12 -0.64 46.92 -27.96
C GLY C 12 -0.77 47.58 -26.60
N THR C 13 -1.61 47.00 -25.76
CA THR C 13 -1.84 47.52 -24.41
C THR C 13 -1.68 46.48 -23.31
N LYS C 14 -1.74 45.19 -23.61
CA LYS C 14 -1.78 44.17 -22.59
C LYS C 14 -0.39 43.83 -22.07
N GLY C 15 -0.35 43.25 -20.88
CA GLY C 15 0.84 42.64 -20.34
C GLY C 15 1.48 43.49 -19.23
N THR C 16 2.52 42.90 -18.64
CA THR C 16 3.31 43.60 -17.63
C THR C 16 4.22 44.62 -18.29
N LYS C 17 4.14 45.87 -17.82
CA LYS C 17 4.92 46.96 -18.39
C LYS C 17 6.28 46.99 -17.71
N VAL C 18 7.34 47.02 -18.52
CA VAL C 18 8.68 47.25 -17.99
C VAL C 18 9.56 47.74 -19.13
N ASP C 19 10.42 48.69 -18.80
CA ASP C 19 11.46 49.13 -19.72
C ASP C 19 12.53 48.05 -19.88
N ILE C 20 13.09 47.98 -21.08
CA ILE C 20 14.24 47.14 -21.35
C ILE C 20 15.27 47.98 -22.06
N LEU C 21 16.47 47.42 -22.17
CA LEU C 21 17.57 48.06 -22.87
C LEU C 21 17.74 47.40 -24.23
N THR C 22 18.00 48.23 -25.23
CA THR C 22 18.30 47.77 -26.56
C THR C 22 19.47 48.59 -27.09
N GLY C 23 19.99 48.22 -28.25
CA GLY C 23 21.08 48.96 -28.85
C GLY C 23 20.73 50.41 -29.14
N SER C 24 19.46 50.70 -29.39
CA SER C 24 19.05 52.10 -29.57
C SER C 24 19.01 52.83 -28.25
N GLY C 25 18.68 52.14 -27.18
CA GLY C 25 18.52 52.74 -25.89
C GLY C 25 17.40 52.06 -25.14
N ARG C 26 16.92 52.73 -24.10
CA ARG C 26 15.84 52.21 -23.28
C ARG C 26 14.52 52.28 -24.05
N VAL C 27 13.72 51.21 -23.99
CA VAL C 27 12.39 51.23 -24.61
C VAL C 27 11.39 50.56 -23.69
N PRO C 28 10.13 50.95 -23.78
CA PRO C 28 9.11 50.25 -23.02
C PRO C 28 8.82 48.90 -23.67
N SER C 29 8.57 47.91 -22.83
CA SER C 29 8.13 46.61 -23.29
C SER C 29 6.91 46.22 -22.49
N ARG C 30 6.18 45.26 -23.01
CA ARG C 30 5.12 44.61 -22.26
C ARG C 30 5.38 43.12 -22.33
N ILE C 31 5.17 42.44 -21.23
CA ILE C 31 5.33 40.99 -21.18
C ILE C 31 3.95 40.36 -21.22
N LEU C 32 3.70 39.56 -22.27
CA LEU C 32 2.42 38.90 -22.41
C LEU C 32 2.40 37.61 -21.60
N ASP C 33 1.24 37.29 -21.04
CA ASP C 33 1.07 36.03 -20.34
C ASP C 33 1.14 34.86 -21.31
N ALA C 34 1.61 33.74 -20.79
CA ALA C 34 1.62 32.51 -21.56
C ALA C 34 0.20 31.98 -21.66
N PRO C 35 -0.12 31.24 -22.72
CA PRO C 35 -1.37 30.50 -22.74
C PRO C 35 -1.29 29.33 -21.77
N VAL C 36 -2.45 28.74 -21.51
CA VAL C 36 -2.53 27.49 -20.77
C VAL C 36 -2.12 26.37 -21.70
N VAL C 37 -1.07 25.64 -21.34
CA VAL C 37 -0.65 24.48 -22.12
C VAL C 37 -1.49 23.28 -21.69
N GLN C 38 -2.04 22.55 -22.65
CA GLN C 38 -2.98 21.48 -22.39
C GLN C 38 -2.31 20.14 -22.65
N PHE C 39 -2.32 19.25 -21.65
CA PHE C 39 -1.97 17.85 -21.81
C PHE C 39 -3.25 17.00 -21.81
N LYS C 40 -3.08 15.68 -21.84
CA LYS C 40 -4.24 14.79 -21.90
C LYS C 40 -5.18 15.02 -20.71
N GLU C 41 -4.63 15.08 -19.51
CA GLU C 41 -5.48 15.08 -18.32
C GLU C 41 -5.13 16.19 -17.35
N SER C 42 -4.27 17.12 -17.73
CA SER C 42 -3.94 18.26 -16.89
C SER C 42 -3.48 19.39 -17.80
N THR C 43 -3.14 20.50 -17.18
CA THR C 43 -2.71 21.70 -17.89
C THR C 43 -1.46 22.24 -17.23
N PHE C 44 -0.77 23.11 -17.95
CA PHE C 44 0.28 23.92 -17.35
C PHE C 44 0.04 25.38 -17.72
N GLU C 45 -0.32 26.18 -16.72
CA GLU C 45 -0.41 27.63 -16.88
C GLU C 45 0.67 28.28 -16.02
N TYR C 46 1.64 28.91 -16.67
CA TYR C 46 2.61 29.70 -15.93
C TYR C 46 1.92 30.88 -15.26
N LYS C 47 2.16 31.02 -13.95
CA LYS C 47 1.64 32.16 -13.20
C LYS C 47 2.79 32.96 -12.60
N ASP C 48 2.68 34.29 -12.70
CA ASP C 48 3.75 35.18 -12.27
C ASP C 48 4.13 34.95 -10.80
N LYS C 49 5.43 34.98 -10.54
CA LYS C 49 5.95 35.04 -9.18
C LYS C 49 7.14 35.97 -9.16
N SER C 50 7.48 36.40 -7.95
CA SER C 50 8.67 37.21 -7.76
C SER C 50 9.90 36.48 -8.27
N TYR C 51 10.83 37.25 -8.84
CA TYR C 51 12.14 36.73 -9.19
C TYR C 51 12.83 36.21 -7.93
N GLY C 52 13.67 35.19 -8.09
CA GLY C 52 14.55 34.83 -7.00
C GLY C 52 14.57 33.35 -6.66
N THR C 53 13.58 32.60 -7.15
CA THR C 53 13.55 31.16 -6.95
C THR C 53 13.56 30.41 -8.26
N LYS C 54 13.90 31.08 -9.37
CA LYS C 54 13.93 30.50 -10.71
C LYS C 54 12.55 30.00 -11.15
N HIS C 55 11.48 30.47 -10.50
CA HIS C 55 10.14 30.16 -10.98
C HIS C 55 9.97 30.59 -12.42
N GLU C 56 10.59 31.72 -12.80
CA GLU C 56 10.39 32.27 -14.14
C GLU C 56 10.93 31.35 -15.24
N GLU C 57 11.87 30.43 -14.92
CA GLU C 57 12.45 29.60 -15.96
C GLU C 57 11.49 28.53 -16.46
N SER C 58 10.33 28.39 -15.84
CA SER C 58 9.34 27.44 -16.31
C SER C 58 8.35 28.07 -17.27
N LYS C 59 8.36 29.38 -17.45
CA LYS C 59 7.47 29.98 -18.43
C LYS C 59 7.91 29.58 -19.83
N GLY C 60 7.02 28.93 -20.58
CA GLY C 60 7.39 28.44 -21.90
C GLY C 60 8.45 27.37 -21.88
N ASN C 61 8.50 26.57 -20.82
CA ASN C 61 9.60 25.63 -20.64
C ASN C 61 9.10 24.60 -19.62
N TRP C 62 8.48 23.54 -20.11
CA TRP C 62 7.94 22.49 -19.25
C TRP C 62 8.59 21.17 -19.65
N ASN C 63 8.02 20.07 -19.15
CA ASN C 63 8.45 18.74 -19.56
C ASN C 63 7.28 17.80 -19.38
N MET C 64 7.40 16.62 -19.99
CA MET C 64 6.30 15.67 -20.06
C MET C 64 6.16 14.79 -18.81
N LYS C 65 7.11 14.85 -17.87
CA LYS C 65 7.05 13.99 -16.69
C LYS C 65 5.70 14.10 -15.99
N GLY C 66 5.03 12.96 -15.84
CA GLY C 66 3.72 12.94 -15.21
C GLY C 66 2.58 13.31 -16.11
N HIS C 67 2.83 13.65 -17.37
CA HIS C 67 1.77 13.99 -18.31
C HIS C 67 1.72 12.96 -19.42
N GLN C 68 0.62 12.99 -20.15
CA GLN C 68 0.45 12.17 -21.34
C GLN C 68 0.06 13.03 -22.52
N PHE C 69 0.38 12.54 -23.71
CA PHE C 69 -0.07 13.18 -24.93
C PHE C 69 -1.59 13.15 -25.03
N ILE C 70 -2.15 14.24 -25.56
CA ILE C 70 -3.59 14.35 -25.72
C ILE C 70 -4.14 13.19 -26.54
N SER C 71 -3.47 12.86 -27.64
CA SER C 71 -4.01 11.88 -28.58
C SER C 71 -2.89 11.00 -29.10
N THR C 72 -3.06 9.69 -28.96
CA THR C 72 -2.08 8.69 -29.37
C THR C 72 -2.81 7.61 -30.15
N PRO C 73 -2.09 6.69 -30.80
CA PRO C 73 -2.77 5.64 -31.55
C PRO C 73 -3.66 4.79 -30.66
N ALA C 74 -4.83 4.44 -31.20
CA ALA C 74 -5.76 3.60 -30.45
C ALA C 74 -5.22 2.18 -30.30
N LYS C 75 -4.66 1.63 -31.38
CA LYS C 75 -4.11 0.29 -31.38
C LYS C 75 -2.58 0.32 -31.27
N GLN C 76 -2.02 -0.76 -30.74
CA GLN C 76 -0.58 -0.88 -30.69
C GLN C 76 0.02 -0.80 -32.09
N VAL C 77 1.14 -0.10 -32.21
CA VAL C 77 1.83 0.06 -33.49
C VAL C 77 3.12 -0.74 -33.45
N ASN C 78 3.45 -1.40 -34.56
CA ASN C 78 4.72 -2.13 -34.64
C ASN C 78 5.85 -1.16 -34.96
N LEU C 79 6.92 -1.24 -34.18
CA LEU C 79 8.08 -0.37 -34.34
C LEU C 79 9.24 -1.22 -34.82
N ARG C 80 9.73 -0.93 -36.02
CA ARG C 80 10.75 -1.76 -36.66
C ARG C 80 12.05 -0.97 -36.77
N ALA C 81 13.08 -1.44 -36.09
CA ALA C 81 14.39 -0.83 -36.16
C ALA C 81 15.14 -1.32 -37.39
N ILE C 82 15.73 -0.40 -38.13
CA ILE C 82 16.60 -0.71 -39.26
C ILE C 82 17.92 0.00 -38.98
N PHE C 83 18.96 -0.76 -38.71
CA PHE C 83 20.26 -0.15 -38.43
C PHE C 83 20.96 0.17 -39.74
N ILE C 84 21.19 1.45 -40.00
CA ILE C 84 21.86 1.87 -41.22
C ILE C 84 23.34 1.99 -40.88
N ASN C 85 24.13 1.02 -41.31
CA ASN C 85 25.55 1.00 -41.00
C ASN C 85 26.30 1.85 -42.02
N ASN C 86 26.24 3.17 -41.84
CA ASN C 86 26.92 4.07 -42.77
C ASN C 86 28.38 4.30 -42.35
N ALA C 87 29.11 3.18 -42.32
CA ALA C 87 30.55 3.18 -42.17
C ALA C 87 31.10 2.01 -42.99
N ASN C 88 32.43 1.93 -43.10
CA ASN C 88 33.04 0.86 -43.88
C ASN C 88 33.43 -0.33 -43.02
N THR C 89 33.17 -0.29 -41.72
CA THR C 89 33.39 -1.41 -40.83
C THR C 89 32.06 -2.02 -40.41
N ALA C 90 32.09 -3.30 -40.05
CA ALA C 90 30.93 -3.91 -39.42
C ALA C 90 30.70 -3.27 -38.07
N PRO C 91 29.45 -3.18 -37.61
CA PRO C 91 29.20 -2.64 -36.26
C PRO C 91 29.84 -3.52 -35.21
N PRO C 92 30.13 -2.98 -34.02
CA PRO C 92 30.63 -3.84 -32.93
C PRO C 92 29.69 -5.02 -32.69
N ALA C 93 30.27 -6.11 -32.22
CA ALA C 93 29.48 -7.31 -31.94
C ALA C 93 28.41 -7.04 -30.88
N SER C 94 28.68 -6.12 -29.95
CA SER C 94 27.71 -5.79 -28.92
C SER C 94 26.49 -5.01 -29.45
N MET C 95 26.54 -4.48 -30.68
CA MET C 95 25.47 -3.60 -31.13
C MET C 95 24.12 -4.32 -31.15
N GLU C 96 24.11 -5.57 -31.62
CA GLU C 96 22.83 -6.26 -31.83
C GLU C 96 22.01 -6.31 -30.55
N SER C 97 22.60 -6.80 -29.46
CA SER C 97 21.83 -6.86 -28.22
C SER C 97 21.70 -5.48 -27.58
N GLU C 98 22.68 -4.60 -27.76
CA GLU C 98 22.51 -3.24 -27.27
C GLU C 98 21.29 -2.58 -27.91
N LEU C 99 21.09 -2.79 -29.21
CA LEU C 99 19.94 -2.18 -29.88
C LEU C 99 18.63 -2.82 -29.42
N ASP C 100 18.61 -4.13 -29.19
CA ASP C 100 17.43 -4.76 -28.61
C ASP C 100 17.09 -4.15 -27.26
N ILE C 101 18.09 -3.98 -26.40
CA ILE C 101 17.88 -3.31 -25.11
C ILE C 101 17.26 -1.95 -25.33
N SER C 102 17.87 -1.14 -26.20
CA SER C 102 17.41 0.24 -26.41
C SER C 102 16.00 0.28 -26.93
N MET C 103 15.64 -0.65 -27.83
CA MET C 103 14.30 -0.72 -28.37
C MET C 103 13.29 -1.07 -27.29
N ASP C 104 13.68 -1.94 -26.36
CA ASP C 104 12.78 -2.33 -25.28
C ASP C 104 12.63 -1.21 -24.28
N LYS C 105 13.74 -0.60 -23.88
CA LYS C 105 13.67 0.56 -23.00
C LYS C 105 12.84 1.67 -23.65
N PHE C 106 13.01 1.88 -24.95
CA PHE C 106 12.25 2.90 -25.65
C PHE C 106 10.75 2.63 -25.56
N ALA C 107 10.33 1.43 -25.95
CA ALA C 107 8.90 1.09 -25.91
C ALA C 107 8.30 1.32 -24.52
N SER C 108 8.98 0.87 -23.48
CA SER C 108 8.38 1.03 -22.15
C SER C 108 8.46 2.47 -21.67
N ASP C 109 9.54 3.20 -22.01
CA ASP C 109 9.60 4.62 -21.68
C ASP C 109 8.39 5.35 -22.24
N VAL C 110 8.07 5.11 -23.51
CA VAL C 110 7.08 5.95 -24.18
C VAL C 110 5.67 5.48 -23.93
N LYS C 111 5.50 4.25 -23.42
CA LYS C 111 4.17 3.82 -23.02
C LYS C 111 3.59 4.75 -21.96
N GLN C 112 4.45 5.28 -21.08
CA GLN C 112 4.05 6.22 -20.05
C GLN C 112 3.37 7.46 -20.61
N LEU C 113 3.75 7.87 -21.83
CA LEU C 113 3.16 9.05 -22.46
C LEU C 113 1.89 8.73 -23.24
N GLY C 114 1.56 7.45 -23.39
CA GLY C 114 0.36 7.00 -24.07
C GLY C 114 0.60 6.33 -25.39
N VAL C 115 1.85 6.14 -25.80
CA VAL C 115 2.18 5.56 -27.10
C VAL C 115 2.60 4.12 -26.87
N ASP C 116 1.91 3.20 -27.53
CA ASP C 116 2.08 1.77 -27.33
C ASP C 116 2.72 1.18 -28.59
N PHE C 117 3.99 0.80 -28.49
CA PHE C 117 4.74 0.21 -29.59
C PHE C 117 4.97 -1.27 -29.32
N ASN C 118 4.90 -2.06 -30.38
CA ASN C 118 5.37 -3.44 -30.38
C ASN C 118 6.75 -3.44 -31.03
N VAL C 119 7.77 -3.81 -30.26
CA VAL C 119 9.16 -3.79 -30.78
C VAL C 119 9.68 -5.22 -30.91
N SER C 120 8.78 -6.19 -31.07
CA SER C 120 9.18 -7.58 -31.11
C SER C 120 9.95 -7.93 -32.38
N GLY C 121 9.62 -7.31 -33.52
CA GLY C 121 10.38 -7.54 -34.73
C GLY C 121 11.87 -7.33 -34.54
N LYS C 122 12.69 -8.27 -34.99
CA LYS C 122 14.13 -8.14 -34.83
C LYS C 122 14.66 -6.98 -35.66
N PRO C 123 15.62 -6.18 -35.13
CA PRO C 123 16.20 -5.11 -35.94
C PRO C 123 16.96 -5.63 -37.15
N ILE C 124 16.85 -4.89 -38.26
CA ILE C 124 17.44 -5.27 -39.53
C ILE C 124 18.70 -4.45 -39.75
N LEU C 125 19.78 -5.10 -40.15
CA LEU C 125 21.05 -4.45 -40.44
C LEU C 125 21.16 -4.20 -41.94
N ILE C 126 21.45 -2.96 -42.32
CA ILE C 126 21.67 -2.62 -43.73
C ILE C 126 23.08 -2.06 -43.89
N ASN C 127 23.89 -2.75 -44.68
CA ASN C 127 25.23 -2.30 -45.00
C ASN C 127 25.24 -1.61 -46.35
N GLN C 128 26.26 -0.77 -46.55
CA GLN C 128 26.56 -0.20 -47.86
C GLN C 128 25.37 0.57 -48.42
N PHE C 129 24.66 1.27 -47.54
CA PHE C 129 23.63 2.20 -47.96
C PHE C 129 24.24 3.59 -48.11
N GLY C 130 23.88 4.26 -49.19
CA GLY C 130 24.38 5.58 -49.46
C GLY C 130 23.82 6.09 -50.77
N PRO C 131 24.24 7.30 -51.16
CA PRO C 131 23.83 7.81 -52.47
C PRO C 131 24.29 6.88 -53.57
N PRO C 132 23.58 6.87 -54.69
CA PRO C 132 24.05 6.09 -55.85
C PRO C 132 25.47 6.49 -56.22
N ILE C 133 26.22 5.53 -56.75
CA ILE C 133 27.67 5.65 -56.88
C ILE C 133 28.05 6.13 -58.29
N LYS C 134 29.05 7.01 -58.34
CA LYS C 134 29.71 7.53 -59.55
C LYS C 134 28.75 8.22 -60.50
N PRO C 163 27.46 10.53 -67.67
CA PRO C 163 27.79 9.68 -66.53
C PRO C 163 26.83 8.51 -66.34
N THR C 164 27.12 7.64 -65.39
CA THR C 164 26.28 6.50 -65.06
C THR C 164 26.28 6.30 -63.55
N PHE C 165 25.18 5.75 -63.03
CA PHE C 165 25.01 5.61 -61.59
C PHE C 165 24.61 4.19 -61.23
N GLU C 166 25.17 3.69 -60.14
CA GLU C 166 24.85 2.38 -59.60
C GLU C 166 24.17 2.55 -58.26
N THR C 167 22.98 1.97 -58.12
CA THR C 167 22.27 2.04 -56.85
C THR C 167 23.05 1.29 -55.78
N SER C 168 23.21 1.91 -54.61
CA SER C 168 24.00 1.27 -53.57
C SER C 168 23.33 -0.05 -53.19
N PRO C 169 24.14 -1.04 -52.79
CA PRO C 169 23.55 -2.33 -52.37
C PRO C 169 22.62 -2.18 -51.19
N GLY C 170 22.91 -1.25 -50.28
CA GLY C 170 22.02 -1.04 -49.15
C GLY C 170 20.69 -0.46 -49.56
N GLU C 171 20.69 0.41 -50.57
CA GLU C 171 19.40 0.91 -51.06
C GLU C 171 18.60 -0.20 -51.73
N ILE C 172 19.27 -1.10 -52.43
CA ILE C 172 18.56 -2.24 -53.02
C ILE C 172 17.88 -3.05 -51.93
N SER C 173 18.61 -3.35 -50.85
CA SER C 173 18.03 -4.13 -49.76
C SER C 173 16.91 -3.38 -49.08
N LEU C 174 17.11 -2.08 -48.84
CA LEU C 174 16.07 -1.29 -48.19
C LEU C 174 14.82 -1.21 -49.07
N LEU C 175 15.02 -1.02 -50.37
CA LEU C 175 13.89 -0.99 -51.30
C LEU C 175 13.08 -2.27 -51.23
N ASN C 176 13.76 -3.41 -51.16
CA ASN C 176 13.04 -4.67 -51.05
C ASN C 176 12.35 -4.79 -49.69
N LEU C 177 13.02 -4.34 -48.63
CA LEU C 177 12.41 -4.31 -47.31
C LEU C 177 11.15 -3.44 -47.31
N LEU C 178 11.22 -2.26 -47.91
CA LEU C 178 10.08 -1.34 -47.89
C LEU C 178 8.91 -1.87 -48.71
N GLU C 179 9.19 -2.51 -49.85
CA GLU C 179 8.13 -3.09 -50.68
C GLU C 179 7.36 -4.15 -49.91
N ASN C 180 7.99 -4.82 -48.95
CA ASN C 180 7.36 -5.91 -48.24
C ASN C 180 7.13 -5.59 -46.76
N ILE C 181 7.08 -4.31 -46.41
CA ILE C 181 6.89 -3.90 -45.01
C ILE C 181 5.46 -4.23 -44.57
N PRO C 182 5.26 -4.88 -43.42
CA PRO C 182 3.88 -5.09 -42.93
C PRO C 182 3.17 -3.79 -42.64
N SER C 183 1.85 -3.88 -42.61
CA SER C 183 1.04 -2.73 -42.26
C SER C 183 1.23 -2.36 -40.80
N ASN C 184 0.74 -1.18 -40.42
CA ASN C 184 0.78 -0.75 -39.03
C ASN C 184 2.22 -0.78 -38.50
N THR C 185 3.16 -0.42 -39.35
CA THR C 185 4.57 -0.45 -38.97
C THR C 185 5.20 0.94 -39.08
N TYR C 186 5.92 1.32 -38.03
CA TYR C 186 6.72 2.53 -37.97
C TYR C 186 8.18 2.14 -38.07
N ILE C 187 8.94 2.84 -38.91
CA ILE C 187 10.36 2.52 -39.10
C ILE C 187 11.20 3.44 -38.23
N LEU C 188 12.12 2.85 -37.48
CA LEU C 188 13.14 3.59 -36.76
C LEU C 188 14.47 3.32 -37.45
N TYR C 189 14.95 4.29 -38.24
CA TYR C 189 16.29 4.19 -38.79
C TYR C 189 17.31 4.54 -37.72
N VAL C 190 18.22 3.61 -37.43
CA VAL C 190 19.25 3.84 -36.43
C VAL C 190 20.56 4.02 -37.17
N LEU C 191 21.10 5.24 -37.12
CA LEU C 191 22.25 5.60 -37.95
C LEU C 191 23.53 5.33 -37.19
N ARG C 192 24.42 4.54 -37.80
CA ARG C 192 25.72 4.29 -37.18
C ARG C 192 26.50 5.58 -36.96
N ARG C 193 26.45 6.49 -37.93
CA ARG C 193 27.19 7.74 -37.84
C ARG C 193 26.22 8.89 -38.05
N GLY C 194 26.29 9.90 -37.17
CA GLY C 194 25.55 11.13 -37.37
C GLY C 194 26.21 12.04 -38.40
N ASN C 195 25.52 13.16 -38.68
CA ASN C 195 26.02 14.22 -39.58
C ASN C 195 26.32 13.71 -40.98
N ASP C 196 25.56 12.74 -41.46
CA ASP C 196 25.76 12.17 -42.79
C ASP C 196 24.54 12.58 -43.62
N SER C 197 24.59 13.80 -44.16
CA SER C 197 23.44 14.32 -44.89
C SER C 197 23.16 13.53 -46.16
N ALA C 198 24.19 12.95 -46.80
CA ALA C 198 23.95 12.18 -48.01
C ALA C 198 23.13 10.93 -47.71
N VAL C 199 23.44 10.26 -46.59
CA VAL C 199 22.69 9.09 -46.18
C VAL C 199 21.31 9.50 -45.68
N TYR C 200 21.23 10.55 -44.85
CA TYR C 200 19.93 10.97 -44.31
C TYR C 200 19.00 11.45 -45.42
N ASP C 201 19.53 12.25 -46.35
CA ASP C 201 18.71 12.74 -47.46
C ASP C 201 18.12 11.61 -48.26
N ARG C 202 18.94 10.59 -48.56
CA ARG C 202 18.48 9.46 -49.36
C ARG C 202 17.46 8.62 -48.60
N LEU C 203 17.67 8.41 -47.29
CA LEU C 203 16.68 7.66 -46.50
C LEU C 203 15.33 8.34 -46.55
N LYS C 204 15.30 9.66 -46.36
CA LYS C 204 14.04 10.37 -46.43
C LYS C 204 13.50 10.40 -47.85
N TYR C 205 14.39 10.56 -48.82
CA TYR C 205 13.98 10.51 -50.22
C TYR C 205 13.29 9.19 -50.53
N ILE C 206 13.89 8.08 -50.10
CA ILE C 206 13.28 6.78 -50.35
C ILE C 206 12.03 6.60 -49.51
N THR C 207 12.14 6.88 -48.20
CA THR C 207 11.09 6.41 -47.31
C THR C 207 9.91 7.37 -47.27
N ASP C 208 10.16 8.68 -47.23
CA ASP C 208 9.06 9.63 -47.34
C ASP C 208 8.55 9.67 -48.76
N LEU C 209 9.42 10.04 -49.70
CA LEU C 209 8.95 10.49 -51.00
C LEU C 209 8.53 9.32 -51.89
N LYS C 210 9.35 8.28 -51.97
CA LYS C 210 9.00 7.14 -52.83
C LYS C 210 7.90 6.31 -52.19
N PHE C 211 8.10 5.85 -50.95
CA PHE C 211 7.19 4.89 -50.33
C PHE C 211 6.15 5.51 -49.40
N GLY C 212 6.36 6.74 -48.94
CA GLY C 212 5.39 7.28 -48.00
C GLY C 212 5.20 6.41 -46.78
N ALA C 213 6.28 5.85 -46.24
CA ALA C 213 6.20 5.06 -45.01
C ALA C 213 6.67 5.91 -43.84
N LEU C 214 5.92 5.87 -42.74
CA LEU C 214 6.30 6.59 -41.53
C LEU C 214 7.67 6.13 -41.04
N ASN C 215 8.53 7.07 -40.69
CA ASN C 215 9.85 6.71 -40.21
C ASN C 215 10.45 7.87 -39.44
N SER C 216 11.29 7.55 -38.47
CA SER C 216 12.16 8.54 -37.84
C SER C 216 13.57 7.99 -37.83
N CYS C 217 14.52 8.92 -37.86
CA CYS C 217 15.92 8.59 -37.70
C CYS C 217 16.40 8.94 -36.31
N VAL C 218 17.35 8.17 -35.85
CA VAL C 218 17.96 8.37 -34.56
C VAL C 218 19.45 8.07 -34.74
N VAL C 219 20.32 8.91 -34.18
CA VAL C 219 21.75 8.63 -34.25
C VAL C 219 22.09 7.64 -33.15
N TRP C 220 22.73 6.54 -33.53
CA TRP C 220 22.95 5.43 -32.61
C TRP C 220 23.70 5.85 -31.34
N ASP C 221 24.74 6.68 -31.46
CA ASP C 221 25.46 7.07 -30.23
C ASP C 221 24.60 7.91 -29.29
N ASN C 222 23.51 8.51 -29.77
CA ASN C 222 22.55 9.15 -28.87
C ASN C 222 21.56 8.14 -28.32
N PHE C 223 20.90 7.40 -29.22
CA PHE C 223 19.86 6.45 -28.84
C PHE C 223 20.37 5.44 -27.81
N LYS C 224 21.60 4.95 -28.00
CA LYS C 224 22.13 3.90 -27.14
C LYS C 224 22.32 4.35 -25.69
N LYS C 225 22.25 5.67 -25.41
CA LYS C 225 22.35 6.11 -24.02
C LYS C 225 21.12 5.75 -23.20
N ASN C 226 20.00 5.43 -23.84
CA ASN C 226 18.80 4.97 -23.13
C ASN C 226 18.27 6.04 -22.16
N SER C 227 18.22 7.29 -22.61
CA SER C 227 17.70 8.38 -21.80
C SER C 227 16.19 8.52 -21.97
N ILE C 228 15.46 8.58 -20.86
CA ILE C 228 14.00 8.75 -20.92
C ILE C 228 13.64 10.07 -21.59
N GLN C 229 14.42 11.12 -21.31
CA GLN C 229 14.18 12.42 -21.94
C GLN C 229 14.41 12.34 -23.44
N TYR C 230 15.48 11.66 -23.87
CA TYR C 230 15.69 11.48 -25.30
C TYR C 230 14.54 10.71 -25.92
N ASN C 231 14.15 9.61 -25.27
CA ASN C 231 13.07 8.79 -25.81
C ASN C 231 11.77 9.56 -25.86
N SER C 232 11.54 10.42 -24.85
CA SER C 232 10.29 11.16 -24.82
C SER C 232 10.23 12.17 -25.95
N ASN C 233 11.35 12.82 -26.23
CA ASN C 233 11.38 13.78 -27.33
C ASN C 233 11.25 13.08 -28.67
N VAL C 234 11.93 11.95 -28.84
CA VAL C 234 11.80 11.17 -30.07
C VAL C 234 10.34 10.85 -30.36
N VAL C 235 9.60 10.31 -29.37
CA VAL C 235 8.21 9.91 -29.66
C VAL C 235 7.30 11.08 -29.91
N MET C 236 7.65 12.28 -29.43
CA MET C 236 6.83 13.42 -29.76
C MET C 236 6.64 13.50 -31.26
N LYS C 237 7.75 13.31 -32.00
CA LYS C 237 7.74 13.38 -33.45
C LYS C 237 6.99 12.21 -34.04
N MET C 238 7.23 11.00 -33.52
CA MET C 238 6.50 9.82 -33.99
C MET C 238 5.01 10.01 -33.80
N ASN C 239 4.60 10.47 -32.61
CA ASN C 239 3.18 10.59 -32.34
C ASN C 239 2.52 11.53 -33.34
N LEU C 240 3.18 12.65 -33.65
CA LEU C 240 2.64 13.58 -34.63
C LEU C 240 2.50 12.91 -35.99
N LYS C 241 3.51 12.14 -36.40
CA LYS C 241 3.47 11.45 -37.69
C LYS C 241 2.36 10.40 -37.71
N LEU C 242 2.07 9.81 -36.55
CA LEU C 242 0.93 8.93 -36.36
C LEU C 242 -0.39 9.69 -36.14
N LEU C 243 -0.45 10.96 -36.54
CA LEU C 243 -1.65 11.79 -36.50
C LEU C 243 -2.07 12.13 -35.07
N GLY C 244 -1.19 11.95 -34.09
CA GLY C 244 -1.52 12.27 -32.73
C GLY C 244 -1.40 13.75 -32.42
N SER C 245 -1.68 14.04 -31.16
CA SER C 245 -1.55 15.37 -30.58
C SER C 245 -0.75 15.18 -29.30
N ASN C 246 0.26 16.02 -29.10
CA ASN C 246 1.04 15.90 -27.88
C ASN C 246 0.50 16.86 -26.82
N HIS C 247 0.91 18.12 -26.87
CA HIS C 247 0.25 19.16 -26.11
C HIS C 247 -0.47 20.09 -27.07
N SER C 248 -1.35 20.91 -26.51
CA SER C 248 -2.02 21.95 -27.26
C SER C 248 -2.20 23.13 -26.31
N LEU C 249 -2.96 24.13 -26.77
CA LEU C 249 -3.42 25.15 -25.85
C LEU C 249 -4.79 24.74 -25.29
N SER C 250 -5.18 25.40 -24.21
CA SER C 250 -6.48 25.15 -23.63
C SER C 250 -7.59 25.58 -24.60
N ILE C 251 -8.76 24.97 -24.41
CA ILE C 251 -9.95 25.39 -25.14
C ILE C 251 -10.16 26.90 -25.03
N GLU C 252 -9.97 27.45 -23.83
CA GLU C 252 -10.14 28.89 -23.66
C GLU C 252 -9.19 29.67 -24.56
N ASN C 253 -7.91 29.27 -24.62
CA ASN C 253 -6.97 29.95 -25.48
C ASN C 253 -7.33 29.75 -26.96
N ASN C 254 -7.82 28.57 -27.32
CA ASN C 254 -8.06 28.35 -28.74
C ASN C 254 -9.20 29.19 -29.26
N LYS C 255 -10.08 29.68 -28.39
CA LYS C 255 -11.18 30.55 -28.82
C LYS C 255 -10.65 31.76 -29.59
N LEU C 256 -9.47 32.24 -29.21
CA LEU C 256 -8.85 33.35 -29.93
C LEU C 256 -8.72 33.06 -31.42
N LEU C 257 -8.55 31.79 -31.78
CA LEU C 257 -8.39 31.40 -33.18
C LEU C 257 -9.65 30.77 -33.75
N ILE C 258 -10.80 31.01 -33.14
CA ILE C 258 -12.08 30.53 -33.66
C ILE C 258 -12.88 31.74 -34.12
N ASP C 259 -13.39 31.66 -35.35
CA ASP C 259 -14.28 32.70 -35.84
C ASP C 259 -15.60 32.60 -35.08
N LYS C 260 -15.93 33.63 -34.29
CA LYS C 260 -17.11 33.56 -33.45
C LYS C 260 -18.40 33.51 -34.27
N GLU C 261 -18.43 34.15 -35.43
CA GLU C 261 -19.66 34.20 -36.21
C GLU C 261 -20.03 32.84 -36.77
N SER C 262 -19.06 32.11 -37.30
CA SER C 262 -19.28 30.80 -37.90
C SER C 262 -19.00 29.66 -36.95
N ASN C 263 -18.40 29.94 -35.79
CA ASN C 263 -17.93 28.91 -34.88
C ASN C 263 -16.93 27.98 -35.56
N LEU C 264 -16.15 28.49 -36.51
CA LEU C 264 -15.21 27.64 -37.22
C LEU C 264 -13.79 28.10 -36.94
N PRO C 265 -12.85 27.18 -36.72
CA PRO C 265 -11.47 27.59 -36.45
C PRO C 265 -10.87 28.30 -37.65
N ILE C 266 -10.03 29.28 -37.36
CA ILE C 266 -9.30 29.98 -38.41
C ILE C 266 -8.33 29.03 -39.06
N LEU C 267 -8.18 29.11 -40.38
CA LEU C 267 -7.16 28.37 -41.08
C LEU C 267 -5.84 29.11 -40.92
N VAL C 268 -4.90 28.53 -40.17
CA VAL C 268 -3.59 29.14 -39.94
C VAL C 268 -2.59 28.51 -40.89
N LEU C 269 -1.90 29.33 -41.67
CA LEU C 269 -0.96 28.89 -42.67
C LEU C 269 0.44 29.38 -42.32
N GLY C 270 1.42 28.58 -42.68
CA GLY C 270 2.81 29.01 -42.63
C GLY C 270 3.49 28.74 -43.95
N SER C 271 4.29 29.69 -44.39
CA SER C 271 5.03 29.51 -45.62
C SER C 271 6.48 29.93 -45.42
N ASP C 272 7.35 29.31 -46.20
CA ASP C 272 8.76 29.60 -46.18
C ASP C 272 9.30 29.37 -47.59
N VAL C 273 10.40 30.03 -47.89
CA VAL C 273 11.18 29.80 -49.10
C VAL C 273 12.62 29.59 -48.68
N THR C 274 13.29 28.63 -49.30
CA THR C 274 14.72 28.44 -49.11
C THR C 274 15.40 28.46 -50.47
N HIS C 275 16.64 28.92 -50.49
CA HIS C 275 17.32 29.20 -51.74
C HIS C 275 18.50 28.26 -51.97
N TYR C 276 18.78 28.03 -53.25
CA TYR C 276 19.90 27.24 -53.74
C TYR C 276 20.03 25.92 -52.99
N PRO C 277 19.08 24.99 -53.16
CA PRO C 277 19.28 23.65 -52.59
C PRO C 277 20.55 23.00 -53.12
N GLU C 278 20.92 23.31 -54.35
CA GLU C 278 22.25 23.13 -54.91
C GLU C 278 22.62 24.42 -55.60
N LYS C 279 23.87 24.53 -56.04
CA LYS C 279 24.33 25.77 -56.65
C LYS C 279 23.51 26.11 -57.89
N ASP C 280 23.07 27.36 -57.97
CA ASP C 280 22.33 27.93 -59.09
C ASP C 280 20.95 27.30 -59.30
N GLN C 281 20.44 26.56 -58.33
CA GLN C 281 19.16 25.89 -58.52
C GLN C 281 17.99 26.75 -58.04
N ASN C 282 16.80 26.42 -58.53
CA ASN C 282 15.61 27.17 -58.21
C ASN C 282 15.32 27.08 -56.72
N SER C 283 14.61 28.08 -56.21
CA SER C 283 14.29 28.06 -54.80
C SER C 283 13.12 27.11 -54.55
N ILE C 284 12.92 26.78 -53.27
CA ILE C 284 11.87 25.85 -52.84
C ILE C 284 10.96 26.57 -51.87
N ALA C 285 9.66 26.47 -52.09
CA ALA C 285 8.67 27.07 -51.21
C ALA C 285 7.80 25.99 -50.59
N SER C 286 7.29 26.27 -49.40
CA SER C 286 6.41 25.36 -48.70
C SER C 286 5.24 26.15 -48.13
N LEU C 287 4.13 25.45 -47.92
CA LEU C 287 2.96 26.04 -47.29
C LEU C 287 2.32 24.96 -46.43
N VAL C 288 2.23 25.19 -45.13
CA VAL C 288 1.56 24.26 -44.22
C VAL C 288 0.30 24.94 -43.74
N GLY C 289 -0.64 24.13 -43.26
CA GLY C 289 -1.88 24.66 -42.74
C GLY C 289 -2.51 23.82 -41.65
N SER C 290 -3.16 24.49 -40.71
CA SER C 290 -3.94 23.82 -39.67
C SER C 290 -5.20 23.23 -40.27
N TYR C 291 -5.90 22.39 -39.50
CA TYR C 291 -7.19 21.94 -39.99
C TYR C 291 -8.28 21.79 -38.95
N ASP C 292 -8.05 22.11 -37.68
CA ASP C 292 -9.13 22.12 -36.71
C ASP C 292 -8.82 23.15 -35.63
N ASP C 293 -9.59 23.11 -34.56
CA ASP C 293 -9.49 24.10 -33.50
C ASP C 293 -8.46 23.71 -32.45
N LYS C 294 -7.67 22.67 -32.70
CA LYS C 294 -6.59 22.32 -31.79
C LYS C 294 -5.22 22.77 -32.28
N PHE C 295 -5.03 22.88 -33.61
CA PHE C 295 -3.81 23.42 -34.20
C PHE C 295 -2.57 22.60 -33.83
N THR C 296 -2.75 21.29 -33.72
CA THR C 296 -1.64 20.40 -33.40
C THR C 296 -1.08 19.71 -34.63
N GLN C 297 -1.78 19.80 -35.76
CA GLN C 297 -1.38 19.14 -36.99
C GLN C 297 -1.32 20.17 -38.10
N PHE C 298 -0.17 20.24 -38.77
CA PHE C 298 0.06 21.18 -39.87
C PHE C 298 0.65 20.46 -41.07
N PRO C 299 -0.14 19.64 -41.76
CA PRO C 299 0.35 19.09 -43.02
C PRO C 299 0.51 20.20 -44.04
N GLY C 300 1.35 19.95 -45.02
CA GLY C 300 1.69 21.00 -45.95
C GLY C 300 2.09 20.42 -47.29
N ASP C 301 2.35 21.33 -48.21
CA ASP C 301 2.86 21.02 -49.54
C ASP C 301 4.11 21.84 -49.80
N TYR C 302 4.95 21.33 -50.71
CA TYR C 302 6.07 22.12 -51.19
C TYR C 302 6.01 22.19 -52.71
N MET C 303 6.76 23.13 -53.27
CA MET C 303 6.95 23.18 -54.71
C MET C 303 8.27 23.87 -55.03
N LEU C 304 8.78 23.55 -56.21
CA LEU C 304 9.97 24.21 -56.74
C LEU C 304 9.55 25.57 -57.29
N GLN C 305 10.29 26.62 -56.94
CA GLN C 305 10.05 27.94 -57.51
C GLN C 305 10.48 27.98 -58.97
N ASP C 306 10.21 29.13 -59.61
CA ASP C 306 10.43 29.29 -61.04
C ASP C 306 11.86 29.64 -61.39
N GLY C 307 12.66 30.12 -60.44
CA GLY C 307 14.02 30.53 -60.73
C GLY C 307 14.90 30.54 -59.50
N PRO C 308 16.20 30.79 -59.71
CA PRO C 308 17.14 30.83 -58.59
C PRO C 308 16.99 32.11 -57.77
N GLY C 309 17.20 31.98 -56.46
CA GLY C 309 17.06 33.09 -55.54
C GLY C 309 15.73 33.80 -55.62
N GLU C 310 14.66 33.08 -55.93
CA GLU C 310 13.35 33.70 -56.09
C GLU C 310 12.67 33.76 -54.73
N GLU C 311 12.51 34.98 -54.20
CA GLU C 311 11.96 35.15 -52.86
C GLU C 311 10.43 35.14 -52.84
N ILE C 312 9.75 35.64 -53.87
CA ILE C 312 8.29 35.71 -53.86
C ILE C 312 7.73 34.37 -54.34
N ILE C 313 6.79 33.80 -53.58
CA ILE C 313 6.14 32.55 -53.96
C ILE C 313 5.01 32.86 -54.91
N THR C 314 5.31 32.94 -56.21
CA THR C 314 4.34 33.51 -57.15
C THR C 314 3.08 32.65 -57.27
N ASN C 315 3.20 31.34 -57.07
CA ASN C 315 2.05 30.45 -57.16
C ASN C 315 1.70 29.82 -55.82
N VAL C 316 1.78 30.61 -54.73
CA VAL C 316 1.48 30.07 -53.42
C VAL C 316 0.02 29.61 -53.35
N GLY C 317 -0.86 30.31 -54.07
CA GLY C 317 -2.26 29.94 -54.08
C GLY C 317 -2.52 28.52 -54.53
N SER C 318 -1.69 28.00 -55.46
CA SER C 318 -1.90 26.64 -55.94
C SER C 318 -1.87 25.63 -54.80
N LEU C 319 -1.04 25.88 -53.77
CA LEU C 319 -0.90 25.01 -52.60
C LEU C 319 -2.05 25.16 -51.61
N MET C 320 -3.00 26.06 -51.89
CA MET C 320 -4.13 26.22 -50.98
C MET C 320 -5.11 25.07 -51.10
N LEU C 321 -5.12 24.34 -52.22
CA LEU C 321 -6.19 23.37 -52.47
C LEU C 321 -6.21 22.28 -51.39
N ASN C 322 -5.05 21.70 -51.09
CA ASN C 322 -5.00 20.69 -50.05
C ASN C 322 -5.25 21.28 -48.66
N ARG C 323 -4.81 22.51 -48.42
CA ARG C 323 -5.15 23.15 -47.15
C ARG C 323 -6.66 23.18 -46.96
N LEU C 324 -7.41 23.49 -48.02
CA LEU C 324 -8.85 23.57 -47.89
C LEU C 324 -9.48 22.19 -47.78
N LYS C 325 -8.99 21.23 -48.60
CA LYS C 325 -9.55 19.89 -48.57
C LYS C 325 -9.38 19.25 -47.21
N ILE C 326 -8.19 19.36 -46.62
CA ILE C 326 -7.96 18.75 -45.32
C ILE C 326 -8.80 19.44 -44.26
N TYR C 327 -8.81 20.78 -44.27
CA TYR C 327 -9.64 21.49 -43.31
C TYR C 327 -11.08 21.02 -43.39
N GLN C 328 -11.59 20.91 -44.62
CA GLN C 328 -12.98 20.54 -44.83
C GLN C 328 -13.30 19.16 -44.26
N LYS C 329 -12.40 18.20 -44.43
CA LYS C 329 -12.63 16.86 -43.86
C LYS C 329 -12.78 16.91 -42.35
N HIS C 330 -12.09 17.83 -41.69
CA HIS C 330 -12.11 17.89 -40.24
C HIS C 330 -13.16 18.85 -39.68
N ASN C 331 -13.96 19.48 -40.52
CA ASN C 331 -14.94 20.44 -40.03
C ASN C 331 -16.28 20.23 -40.72
N ASN C 332 -16.69 18.96 -40.88
CA ASN C 332 -18.03 18.61 -41.31
C ASN C 332 -18.38 19.29 -42.64
N GLY C 333 -17.43 19.29 -43.57
CA GLY C 333 -17.68 19.81 -44.89
C GLY C 333 -17.59 21.32 -45.02
N LYS C 334 -17.25 22.04 -43.95
CA LYS C 334 -17.12 23.48 -43.98
C LYS C 334 -15.72 23.91 -44.37
N LEU C 335 -15.64 24.99 -45.16
CA LEU C 335 -14.39 25.66 -45.44
C LEU C 335 -14.15 26.74 -44.39
N PRO C 336 -12.91 27.17 -44.19
CA PRO C 336 -12.66 28.19 -43.17
C PRO C 336 -13.26 29.53 -43.57
N THR C 337 -13.65 30.30 -42.57
CA THR C 337 -14.19 31.64 -42.81
C THR C 337 -13.17 32.75 -42.56
N LYS C 338 -11.98 32.41 -42.06
CA LYS C 338 -10.89 33.36 -41.88
C LYS C 338 -9.59 32.60 -42.12
N ILE C 339 -8.63 33.27 -42.75
CA ILE C 339 -7.32 32.69 -43.05
C ILE C 339 -6.26 33.60 -42.44
N MET C 340 -5.33 33.01 -41.71
CA MET C 340 -4.16 33.72 -41.20
C MET C 340 -2.93 33.14 -41.88
N TYR C 341 -2.17 34.00 -42.55
CA TYR C 341 -1.08 33.59 -43.43
C TYR C 341 0.23 34.11 -42.86
N PHE C 342 1.02 33.21 -42.27
CA PHE C 342 2.34 33.57 -41.74
C PHE C 342 3.39 33.35 -42.82
N ARG C 343 4.15 34.38 -43.12
CA ARG C 343 5.12 34.33 -44.21
C ARG C 343 6.52 34.47 -43.64
N ASP C 344 7.33 33.44 -43.82
CA ASP C 344 8.70 33.47 -43.33
C ASP C 344 9.67 33.56 -44.50
N GLY C 345 10.86 34.06 -44.21
CA GLY C 345 11.93 34.13 -45.19
C GLY C 345 11.73 35.23 -46.21
N VAL C 346 11.53 36.47 -45.75
CA VAL C 346 11.26 37.61 -46.60
C VAL C 346 12.11 38.79 -46.17
N SER C 347 12.53 39.59 -47.15
CA SER C 347 13.16 40.86 -46.85
C SER C 347 12.11 41.95 -46.75
N VAL C 348 12.44 43.00 -46.03
CA VAL C 348 11.55 44.15 -45.89
C VAL C 348 11.21 44.74 -47.25
N ASP C 349 12.17 44.77 -48.18
CA ASP C 349 11.84 45.40 -49.45
C ASP C 349 10.94 44.52 -50.32
N GLN C 350 10.63 43.30 -49.91
CA GLN C 350 9.75 42.42 -50.65
C GLN C 350 8.31 42.43 -50.11
N PHE C 351 8.06 43.18 -49.04
CA PHE C 351 6.75 43.17 -48.40
C PHE C 351 5.66 43.56 -49.38
N SER C 352 5.91 44.59 -50.19
CA SER C 352 4.91 45.02 -51.17
C SER C 352 4.55 43.87 -52.11
N GLN C 353 5.53 43.07 -52.51
CA GLN C 353 5.31 41.95 -53.41
C GLN C 353 4.62 40.78 -52.73
N VAL C 354 4.93 40.52 -51.45
CA VAL C 354 4.20 39.49 -50.73
C VAL C 354 2.70 39.79 -50.75
N VAL C 355 2.33 41.04 -50.55
CA VAL C 355 0.90 41.36 -50.57
C VAL C 355 0.38 41.34 -52.00
N LYS C 356 1.08 42.00 -52.93
CA LYS C 356 0.54 42.16 -54.28
C LYS C 356 0.53 40.86 -55.06
N ILE C 357 1.42 39.93 -54.73
CA ILE C 357 1.52 38.65 -55.43
C ILE C 357 0.94 37.53 -54.59
N GLU C 358 1.48 37.31 -53.39
CA GLU C 358 1.12 36.10 -52.64
C GLU C 358 -0.27 36.22 -52.01
N VAL C 359 -0.57 37.32 -51.32
CA VAL C 359 -1.89 37.45 -50.74
C VAL C 359 -2.95 37.42 -51.84
N LYS C 360 -2.70 38.14 -52.94
CA LYS C 360 -3.60 38.08 -54.10
C LYS C 360 -3.72 36.66 -54.63
N SER C 361 -2.60 35.92 -54.66
CA SER C 361 -2.66 34.55 -55.12
C SER C 361 -3.57 33.71 -54.24
N ILE C 362 -3.45 33.87 -52.92
CA ILE C 362 -4.31 33.13 -52.00
C ILE C 362 -5.78 33.47 -52.24
N LYS C 363 -6.11 34.76 -52.28
CA LYS C 363 -7.53 35.13 -52.43
C LYS C 363 -8.08 34.64 -53.76
N GLU C 364 -7.28 34.76 -54.83
CA GLU C 364 -7.78 34.37 -56.14
C GLU C 364 -7.84 32.86 -56.30
N SER C 365 -6.92 32.12 -55.70
CA SER C 365 -6.96 30.66 -55.78
C SER C 365 -8.13 30.08 -54.97
N VAL C 366 -8.37 30.58 -53.77
CA VAL C 366 -9.49 30.05 -53.02
C VAL C 366 -10.81 30.52 -53.62
N ARG C 367 -10.81 31.64 -54.34
CA ARG C 367 -12.00 32.01 -55.10
C ARG C 367 -12.36 30.91 -56.09
N LYS C 368 -11.36 30.23 -56.63
CA LYS C 368 -11.56 29.14 -57.58
C LYS C 368 -11.81 27.83 -56.87
N PHE C 369 -10.93 27.48 -55.91
CA PHE C 369 -10.98 26.16 -55.28
C PHE C 369 -12.23 25.98 -54.41
N GLY C 370 -12.57 26.99 -53.61
CA GLY C 370 -13.70 26.93 -52.71
C GLY C 370 -14.99 26.36 -53.33
N PRO C 371 -15.43 26.94 -54.44
CA PRO C 371 -16.66 26.43 -55.07
C PRO C 371 -16.54 24.99 -55.57
N GLN C 372 -15.33 24.55 -55.92
CA GLN C 372 -15.13 23.14 -56.28
C GLN C 372 -15.39 22.22 -55.10
N LEU C 373 -15.23 22.74 -53.88
CA LEU C 373 -15.37 21.92 -52.68
C LEU C 373 -16.66 22.12 -51.91
N ASN C 374 -17.28 23.30 -51.98
CA ASN C 374 -18.44 23.57 -51.11
C ASN C 374 -19.77 23.37 -51.84
N GLY C 375 -19.75 22.76 -53.01
CA GLY C 375 -20.96 22.56 -53.77
C GLY C 375 -21.30 23.69 -54.72
N GLY C 376 -20.36 24.57 -55.02
CA GLY C 376 -20.55 25.62 -56.00
C GLY C 376 -20.91 26.99 -55.46
N ASN C 377 -20.51 27.33 -54.25
CA ASN C 377 -20.83 28.62 -53.67
C ASN C 377 -19.61 29.53 -53.70
N LYS C 378 -19.87 30.83 -53.85
CA LYS C 378 -18.83 31.84 -53.80
C LYS C 378 -18.02 31.69 -52.53
N TYR C 379 -16.71 31.82 -52.64
CA TYR C 379 -15.82 31.64 -51.49
C TYR C 379 -14.78 32.75 -51.48
N ASP C 380 -14.87 33.66 -50.51
CA ASP C 380 -13.93 34.78 -50.39
C ASP C 380 -13.69 35.05 -48.91
N PRO C 381 -12.91 34.21 -48.24
CA PRO C 381 -12.65 34.41 -46.81
C PRO C 381 -11.63 35.52 -46.61
N PRO C 382 -11.82 36.34 -45.58
CA PRO C 382 -10.84 37.40 -45.29
C PRO C 382 -9.49 36.86 -44.84
N VAL C 383 -8.42 37.51 -45.28
CA VAL C 383 -7.06 37.08 -45.03
C VAL C 383 -6.34 38.10 -44.14
N THR C 384 -5.59 37.60 -43.17
CA THR C 384 -4.57 38.38 -42.48
C THR C 384 -3.21 37.78 -42.80
N CYS C 385 -2.27 38.64 -43.17
CA CYS C 385 -0.90 38.21 -43.47
C CYS C 385 0.07 38.78 -42.45
N ILE C 386 0.88 37.91 -41.84
CA ILE C 386 1.94 38.32 -40.93
C ILE C 386 3.27 37.80 -41.45
N ALA C 387 4.22 38.70 -41.62
CA ALA C 387 5.59 38.36 -41.98
C ALA C 387 6.46 38.30 -40.74
N THR C 388 7.32 37.29 -40.67
CA THR C 388 8.28 37.14 -39.57
C THR C 388 9.70 37.24 -40.10
N VAL C 389 10.54 37.99 -39.39
CA VAL C 389 11.99 37.99 -39.61
C VAL C 389 12.64 37.54 -38.31
N LYS C 390 13.24 36.34 -38.34
CA LYS C 390 13.75 35.70 -37.13
C LYS C 390 15.16 36.16 -36.80
N ARG C 391 15.98 36.40 -37.82
CA ARG C 391 17.39 36.77 -37.63
C ARG C 391 17.50 38.27 -37.82
N ASN C 392 17.75 38.99 -36.74
CA ASN C 392 17.93 40.42 -36.84
C ASN C 392 18.94 40.86 -35.79
N GLN C 393 19.32 42.12 -35.85
CA GLN C 393 20.37 42.65 -35.01
C GLN C 393 19.87 43.14 -33.66
N VAL C 394 18.57 43.30 -33.49
CA VAL C 394 18.05 43.86 -32.24
C VAL C 394 18.23 42.85 -31.11
N ARG C 395 18.68 43.33 -29.96
CA ARG C 395 18.77 42.51 -28.77
C ARG C 395 18.12 43.27 -27.62
N PHE C 396 17.42 42.52 -26.78
CA PHE C 396 16.70 43.05 -25.63
C PHE C 396 17.45 42.61 -24.38
N ILE C 397 17.82 43.58 -23.55
CA ILE C 397 18.56 43.34 -22.31
C ILE C 397 17.64 43.72 -21.16
N PRO C 398 17.43 42.86 -20.18
CA PRO C 398 16.58 43.22 -19.05
C PRO C 398 17.25 44.26 -18.18
N ILE C 399 16.42 45.09 -17.56
CA ILE C 399 16.89 46.16 -16.69
C ILE C 399 16.58 45.87 -15.22
N GLN C 400 15.50 45.17 -14.94
CA GLN C 400 15.03 44.94 -13.59
C GLN C 400 14.84 43.46 -13.44
N GLU C 401 14.81 43.01 -12.19
CA GLU C 401 14.45 41.64 -11.90
C GLU C 401 12.94 41.46 -11.79
N ASN C 402 12.26 42.41 -11.13
CA ASN C 402 10.82 42.38 -10.92
C ASN C 402 10.21 43.66 -11.44
N ALA C 403 8.93 43.57 -11.79
CA ALA C 403 8.12 44.75 -12.07
C ALA C 403 6.70 44.40 -11.66
N LYS C 404 5.88 45.44 -11.49
CA LYS C 404 4.50 45.27 -11.08
C LYS C 404 3.69 44.76 -12.27
N ASN C 405 3.02 43.61 -12.11
CA ASN C 405 2.19 43.07 -13.17
C ASN C 405 0.79 43.69 -13.10
N GLU C 406 -0.13 43.20 -13.92
CA GLU C 406 -1.48 43.72 -13.96
C GLU C 406 -2.32 43.30 -12.76
N LYS C 407 -1.80 42.47 -11.87
CA LYS C 407 -2.44 42.24 -10.59
C LYS C 407 -1.92 43.15 -9.49
N GLY C 408 -0.94 44.00 -9.80
CA GLY C 408 -0.27 44.75 -8.76
C GLY C 408 0.78 43.99 -7.98
N GLU C 409 1.18 42.80 -8.43
CA GLU C 409 2.23 42.04 -7.77
C GLU C 409 3.60 42.35 -8.37
N GLU C 410 4.63 42.30 -7.53
CA GLU C 410 6.01 42.44 -7.95
C GLU C 410 6.52 41.08 -8.40
N VAL C 411 6.86 40.99 -9.68
CA VAL C 411 6.88 39.71 -10.39
C VAL C 411 8.09 39.68 -11.33
N ALA C 412 8.65 38.49 -11.53
CA ALA C 412 9.83 38.32 -12.40
C ALA C 412 9.55 38.83 -13.82
N VAL C 413 10.43 39.71 -14.31
CA VAL C 413 10.37 40.19 -15.69
C VAL C 413 11.62 39.82 -16.48
N GLN C 414 12.47 38.95 -15.95
CA GLN C 414 13.56 38.38 -16.73
C GLN C 414 13.71 36.93 -16.38
N SER C 415 14.32 36.16 -17.30
CA SER C 415 14.59 34.75 -17.07
C SER C 415 15.88 34.36 -17.77
N MET C 416 16.74 33.64 -17.06
CA MET C 416 17.99 33.15 -17.64
C MET C 416 18.83 34.29 -18.21
N GLY C 417 18.88 35.40 -17.48
CA GLY C 417 19.67 36.54 -17.93
C GLY C 417 19.11 37.26 -19.13
N ASN C 418 17.92 36.91 -19.57
CA ASN C 418 17.30 37.51 -20.75
C ASN C 418 15.96 38.10 -20.38
N VAL C 419 15.38 38.86 -21.30
CA VAL C 419 14.05 39.39 -21.00
C VAL C 419 13.06 38.23 -20.91
N MET C 420 11.97 38.47 -20.21
CA MET C 420 10.97 37.42 -20.02
C MET C 420 10.41 36.98 -21.37
N PRO C 421 10.15 35.70 -21.57
CA PRO C 421 9.22 35.37 -22.66
C PRO C 421 7.78 35.76 -22.26
N GLY C 422 6.89 36.21 -23.13
CA GLY C 422 7.15 36.91 -24.35
C GLY C 422 6.99 38.39 -24.10
N THR C 423 8.14 38.99 -23.88
CA THR C 423 8.33 40.41 -24.03
C THR C 423 7.93 40.87 -25.43
N VAL C 424 7.04 41.85 -25.48
CA VAL C 424 6.66 42.52 -26.72
C VAL C 424 7.22 43.92 -26.68
N VAL C 425 7.77 44.37 -27.81
CA VAL C 425 8.14 45.76 -28.02
C VAL C 425 7.47 46.17 -29.31
N ASP C 426 6.51 47.10 -29.23
CA ASP C 426 5.96 47.68 -30.45
C ASP C 426 6.03 49.20 -30.42
N ARG C 427 6.85 49.76 -29.54
CA ARG C 427 7.10 51.19 -29.55
C ARG C 427 8.60 51.46 -29.59
N GLY C 428 8.96 52.65 -30.06
CA GLY C 428 10.32 53.13 -29.97
C GLY C 428 11.24 52.67 -31.09
N ILE C 429 11.42 51.36 -31.23
CA ILE C 429 12.30 50.82 -32.27
C ILE C 429 11.51 50.25 -33.43
N THR C 430 10.18 50.36 -33.42
CA THR C 430 9.34 49.83 -34.47
C THR C 430 8.90 50.95 -35.39
N SER C 431 8.15 50.59 -36.42
CA SER C 431 7.66 51.60 -37.34
C SER C 431 6.42 52.27 -36.74
N VAL C 432 6.33 53.59 -36.92
CA VAL C 432 5.08 54.25 -36.59
C VAL C 432 4.04 53.95 -37.67
N ALA C 433 4.41 54.16 -38.94
CA ALA C 433 3.46 54.03 -40.04
C ALA C 433 3.11 52.55 -40.33
N HIS C 434 4.06 51.65 -40.20
CA HIS C 434 3.79 50.25 -40.52
C HIS C 434 3.47 49.47 -39.26
N PHE C 435 2.82 48.32 -39.46
CA PHE C 435 2.22 47.53 -38.40
C PHE C 435 3.21 46.43 -37.98
N ASP C 436 4.21 46.81 -37.19
CA ASP C 436 5.23 45.83 -36.80
C ASP C 436 5.40 45.81 -35.30
N PHE C 437 5.95 44.71 -34.82
CA PHE C 437 6.20 44.53 -33.39
C PHE C 437 7.23 43.43 -33.23
N PHE C 438 7.93 43.46 -32.11
CA PHE C 438 8.85 42.40 -31.73
C PHE C 438 8.20 41.58 -30.65
N ILE C 439 8.41 40.27 -30.70
CA ILE C 439 8.14 39.42 -29.53
C ILE C 439 9.30 38.46 -29.36
N GLN C 440 9.79 38.38 -28.14
CA GLN C 440 10.74 37.33 -27.75
C GLN C 440 9.90 36.35 -26.94
N SER C 441 9.44 35.30 -27.60
CA SER C 441 8.45 34.40 -27.05
C SER C 441 9.06 33.25 -26.26
N HIS C 442 10.37 33.06 -26.37
CA HIS C 442 11.07 31.86 -25.91
C HIS C 442 12.02 32.16 -24.75
N GLN C 443 12.32 31.11 -24.00
CA GLN C 443 13.45 31.16 -23.08
C GLN C 443 14.74 31.13 -23.86
N ALA C 444 15.66 32.04 -23.56
CA ALA C 444 17.00 31.97 -24.12
C ALA C 444 17.79 30.97 -23.30
N LEU C 445 17.72 29.70 -23.71
CA LEU C 445 18.40 28.65 -22.95
C LEU C 445 19.90 28.80 -23.01
N LYS C 446 20.39 29.42 -24.06
CA LYS C 446 21.80 29.67 -24.26
C LYS C 446 21.92 31.04 -24.92
N GLY C 447 23.02 31.73 -24.62
CA GLY C 447 23.35 33.00 -25.23
C GLY C 447 22.32 34.08 -24.91
N THR C 448 22.30 35.07 -25.80
CA THR C 448 21.33 36.16 -25.68
C THR C 448 20.21 35.90 -26.68
N GLY C 449 18.97 35.94 -26.19
CA GLY C 449 17.86 35.61 -27.05
C GLY C 449 17.76 36.59 -28.20
N VAL C 450 17.17 36.13 -29.30
CA VAL C 450 16.93 36.99 -30.46
C VAL C 450 15.43 37.13 -30.61
N PRO C 451 14.89 38.34 -30.51
CA PRO C 451 13.43 38.49 -30.66
C PRO C 451 13.01 38.25 -32.12
N CYS C 452 11.77 37.83 -32.30
CA CYS C 452 11.21 37.76 -33.64
C CYS C 452 10.60 39.12 -33.99
N HIS C 453 10.87 39.57 -35.20
CA HIS C 453 10.29 40.79 -35.74
C HIS C 453 9.13 40.43 -36.65
N TYR C 454 7.93 40.91 -36.29
CA TYR C 454 6.71 40.61 -37.02
C TYR C 454 6.19 41.85 -37.72
N TRP C 455 5.62 41.67 -38.91
CA TRP C 455 4.87 42.72 -39.58
C TRP C 455 3.52 42.15 -39.98
N CYS C 456 2.45 42.85 -39.61
CA CYS C 456 1.18 42.63 -40.28
C CYS C 456 1.23 43.38 -41.61
N LEU C 457 1.28 42.63 -42.72
CA LEU C 457 1.34 43.19 -44.05
C LEU C 457 -0.03 43.41 -44.68
N TYR C 458 -1.05 42.69 -44.20
CA TYR C 458 -2.37 42.71 -44.79
C TYR C 458 -3.34 42.20 -43.75
N ASP C 459 -4.50 42.84 -43.65
CA ASP C 459 -5.46 42.43 -42.63
C ASP C 459 -6.87 42.77 -43.09
N GLU C 460 -7.64 41.74 -43.42
CA GLU C 460 -9.06 41.93 -43.67
C GLU C 460 -9.90 41.49 -42.48
N ASN C 461 -9.28 41.27 -41.33
CA ASN C 461 -9.98 40.72 -40.18
C ASN C 461 -10.07 41.69 -39.00
N GLN C 462 -9.82 42.99 -39.24
CA GLN C 462 -9.99 44.03 -38.21
C GLN C 462 -9.21 43.66 -36.95
N SER C 463 -7.95 43.28 -37.14
CA SER C 463 -7.11 42.82 -36.04
C SER C 463 -6.51 44.00 -35.29
N THR C 464 -6.54 43.94 -33.97
CA THR C 464 -5.79 44.88 -33.14
C THR C 464 -4.40 44.32 -32.84
N SER C 465 -3.50 45.19 -32.40
CA SER C 465 -2.19 44.75 -31.95
C SER C 465 -2.29 43.72 -30.83
N ASP C 466 -3.20 43.94 -29.87
CA ASP C 466 -3.35 42.98 -28.77
C ASP C 466 -3.76 41.61 -29.29
N TYR C 467 -4.72 41.58 -30.20
CA TYR C 467 -5.17 40.31 -30.79
C TYR C 467 -4.02 39.62 -31.53
N LEU C 468 -3.35 40.36 -32.43
CA LEU C 468 -2.28 39.73 -33.21
C LEU C 468 -1.09 39.34 -32.34
N GLN C 469 -0.79 40.14 -31.30
CA GLN C 469 0.34 39.84 -30.44
C GLN C 469 0.05 38.61 -29.60
N GLU C 470 -1.19 38.48 -29.12
CA GLU C 470 -1.53 37.29 -28.36
C GLU C 470 -1.48 36.03 -29.24
N ILE C 471 -2.01 36.12 -30.45
CA ILE C 471 -2.00 34.98 -31.38
C ILE C 471 -0.57 34.55 -31.68
N CYS C 472 0.29 35.50 -32.02
CA CYS C 472 1.68 35.20 -32.35
C CYS C 472 2.37 34.56 -31.17
N ASN C 473 2.25 35.18 -30.01
CA ASN C 473 2.84 34.61 -28.81
C ASN C 473 2.25 33.23 -28.52
N ASN C 474 0.91 33.12 -28.50
CA ASN C 474 0.27 31.82 -28.23
C ASN C 474 0.75 30.74 -29.17
N LEU C 475 0.86 31.05 -30.46
CA LEU C 475 1.24 30.03 -31.42
C LEU C 475 2.65 29.51 -31.20
N CYS C 476 3.45 30.21 -30.40
CA CYS C 476 4.78 29.73 -30.06
C CYS C 476 4.76 28.58 -29.07
N TYR C 477 3.62 28.33 -28.43
CA TYR C 477 3.51 27.32 -27.39
C TYR C 477 2.99 26.00 -27.92
N ILE C 478 2.69 25.89 -29.22
CA ILE C 478 2.18 24.62 -29.73
C ILE C 478 3.10 24.07 -30.81
N PHE C 479 4.40 24.16 -30.59
CA PHE C 479 5.36 23.51 -31.48
C PHE C 479 5.48 22.07 -31.00
N GLY C 480 4.91 21.14 -31.77
CA GLY C 480 4.58 19.80 -31.29
C GLY C 480 5.77 18.92 -30.92
N ARG C 481 6.99 19.25 -31.34
CA ARG C 481 8.13 18.40 -31.00
C ARG C 481 9.03 19.00 -29.92
N SER C 482 8.59 20.07 -29.25
CA SER C 482 9.35 20.58 -28.13
C SER C 482 8.43 20.82 -26.96
N THR C 483 9.00 20.81 -25.76
CA THR C 483 8.29 21.18 -24.53
C THR C 483 8.62 22.61 -24.12
N THR C 484 8.81 23.49 -25.10
CA THR C 484 9.11 24.89 -24.87
C THR C 484 8.24 25.72 -25.78
N SER C 485 8.09 26.99 -25.44
CA SER C 485 7.67 27.98 -26.43
C SER C 485 8.86 28.32 -27.31
N VAL C 486 8.66 28.28 -28.63
CA VAL C 486 9.75 28.52 -29.56
C VAL C 486 9.76 29.98 -29.98
N LYS C 487 10.77 30.36 -30.77
CA LYS C 487 11.10 31.74 -31.07
C LYS C 487 10.14 32.37 -32.08
N VAL C 488 9.33 31.55 -32.74
CA VAL C 488 8.53 31.97 -33.88
C VAL C 488 7.27 31.10 -33.85
N PRO C 489 6.12 31.59 -34.29
CA PRO C 489 4.90 30.77 -34.21
C PRO C 489 5.12 29.43 -34.89
N ALA C 490 4.48 28.39 -34.33
CA ALA C 490 4.63 27.04 -34.86
C ALA C 490 4.42 26.92 -36.36
N PRO C 491 3.44 27.58 -36.99
CA PRO C 491 3.30 27.46 -38.45
C PRO C 491 4.56 27.85 -39.20
N VAL C 492 5.23 28.91 -38.74
CA VAL C 492 6.47 29.36 -39.40
C VAL C 492 7.54 28.29 -39.27
N TYR C 493 7.76 27.82 -38.04
CA TYR C 493 8.74 26.77 -37.80
C TYR C 493 8.44 25.54 -38.66
N TYR C 494 7.18 25.12 -38.67
CA TYR C 494 6.77 23.97 -39.48
C TYR C 494 7.07 24.21 -40.95
N ALA C 495 6.73 25.39 -41.47
CA ALA C 495 7.04 25.70 -42.86
C ALA C 495 8.54 25.67 -43.13
N ASP C 496 9.33 26.22 -42.21
CA ASP C 496 10.79 26.15 -42.37
C ASP C 496 11.23 24.69 -42.49
N LEU C 497 10.71 23.83 -41.60
CA LEU C 497 11.11 22.43 -41.58
C LEU C 497 10.69 21.72 -42.87
N LEU C 498 9.51 22.04 -43.39
CA LEU C 498 9.08 21.40 -44.63
C LEU C 498 9.97 21.82 -45.80
N CYS C 499 10.32 23.10 -45.88
CA CYS C 499 11.30 23.54 -46.88
C CYS C 499 12.60 22.77 -46.77
N THR C 500 13.07 22.53 -45.54
CA THR C 500 14.32 21.80 -45.38
C THR C 500 14.16 20.35 -45.83
N ARG C 501 13.03 19.71 -45.49
CA ARG C 501 12.83 18.35 -45.95
C ARG C 501 12.73 18.30 -47.47
N ALA C 502 12.01 19.25 -48.08
CA ALA C 502 11.95 19.28 -49.54
C ALA C 502 13.34 19.46 -50.14
N THR C 503 14.20 20.24 -49.49
CA THR C 503 15.57 20.36 -49.94
C THR C 503 16.29 19.01 -49.90
N CYS C 504 16.09 18.22 -48.82
CA CYS C 504 16.59 16.85 -48.81
C CYS C 504 16.20 16.10 -50.09
N PHE C 505 14.90 16.15 -50.42
CA PHE C 505 14.43 15.44 -51.61
C PHE C 505 15.13 15.96 -52.86
N PHE C 506 15.26 17.29 -52.97
CA PHE C 506 15.93 17.88 -54.13
C PHE C 506 17.37 17.40 -54.22
N LYS C 507 18.10 17.47 -53.11
CA LYS C 507 19.51 17.09 -53.09
C LYS C 507 19.70 15.60 -53.34
N ALA C 508 18.78 14.75 -52.84
CA ALA C 508 18.98 13.32 -53.00
C ALA C 508 18.87 12.85 -54.45
N GLY C 509 18.15 13.57 -55.30
CA GLY C 509 17.99 13.18 -56.69
C GLY C 509 18.80 14.01 -57.65
N PHE C 510 19.53 15.00 -57.12
CA PHE C 510 20.10 16.05 -57.94
C PHE C 510 21.16 15.53 -58.90
N GLU C 511 22.03 14.64 -58.44
CA GLU C 511 23.14 14.22 -59.29
C GLU C 511 22.64 13.45 -60.51
N LEU C 512 21.65 12.57 -60.30
CA LEU C 512 21.03 11.88 -61.44
C LEU C 512 20.31 12.87 -62.35
N ASN C 513 19.53 13.78 -61.75
CA ASN C 513 18.80 14.76 -62.55
C ASN C 513 19.73 15.63 -63.39
N MET C 514 20.92 15.96 -62.87
CA MET C 514 21.89 16.71 -63.67
C MET C 514 22.45 15.86 -64.80
N ALA C 515 22.70 14.59 -64.53
CA ALA C 515 23.27 13.74 -65.56
C ALA C 515 22.30 13.53 -66.72
N GLN C 516 21.00 13.48 -66.44
CA GLN C 516 19.99 13.17 -67.43
C GLN C 516 19.43 14.40 -68.13
N ALA C 517 19.96 15.59 -67.82
CA ALA C 517 19.56 16.81 -68.51
C ALA C 517 20.04 16.82 -69.97
N THR C 528 15.06 22.83 -69.77
CA THR C 528 15.89 21.94 -68.94
C THR C 528 15.05 20.85 -68.29
N VAL C 529 15.34 20.55 -67.02
CA VAL C 529 14.68 19.48 -66.28
C VAL C 529 13.41 20.03 -65.64
N SER C 530 12.33 19.25 -65.75
CA SER C 530 11.02 19.62 -65.23
C SER C 530 11.03 19.81 -63.71
N LYS C 531 10.12 20.66 -63.22
CA LYS C 531 9.98 20.85 -61.77
C LYS C 531 9.69 19.53 -61.08
N ASN C 532 8.76 18.75 -61.63
CA ASN C 532 8.37 17.52 -60.96
C ASN C 532 9.44 16.46 -61.04
N VAL C 533 10.41 16.60 -61.95
CA VAL C 533 11.53 15.69 -61.96
C VAL C 533 12.61 16.15 -60.96
N LEU C 534 12.87 17.44 -60.90
CA LEU C 534 13.85 17.94 -59.94
C LEU C 534 13.37 17.73 -58.52
N LEU C 535 12.08 17.91 -58.28
CA LEU C 535 11.51 17.86 -56.94
C LEU C 535 10.17 17.15 -57.03
N PRO C 536 10.16 15.82 -57.09
CA PRO C 536 8.89 15.10 -57.17
C PRO C 536 8.08 15.30 -55.91
N GLN C 537 6.76 15.16 -56.05
CA GLN C 537 5.85 15.27 -54.93
C GLN C 537 5.91 14.01 -54.09
N VAL C 538 5.75 14.16 -52.77
CA VAL C 538 5.78 12.98 -51.92
C VAL C 538 4.61 12.09 -52.26
N ASN C 539 4.79 10.82 -51.94
CA ASN C 539 3.75 9.81 -52.01
C ASN C 539 2.44 10.31 -51.41
N ASP C 540 1.32 9.95 -52.04
CA ASP C 540 0.03 10.51 -51.64
C ASP C 540 -0.36 10.18 -50.20
N ASN C 541 0.16 9.08 -49.65
CA ASN C 541 -0.36 8.73 -48.33
C ASN C 541 0.35 9.47 -47.21
N ILE C 542 1.33 10.33 -47.48
CA ILE C 542 1.88 11.18 -46.45
C ILE C 542 1.65 12.65 -46.71
N LYS C 543 0.97 13.03 -47.78
CA LYS C 543 0.80 14.45 -48.05
C LYS C 543 -0.05 15.14 -46.98
N SER C 544 -0.86 14.37 -46.26
CA SER C 544 -1.63 14.86 -45.13
C SER C 544 -0.96 14.55 -43.80
N VAL C 545 0.31 14.18 -43.83
CA VAL C 545 1.06 13.81 -42.64
C VAL C 545 2.18 14.83 -42.45
N MET C 546 2.52 15.13 -41.19
CA MET C 546 3.67 15.95 -40.87
C MET C 546 4.96 15.11 -40.93
N TYR C 547 5.23 14.55 -42.12
CA TYR C 547 6.42 13.71 -42.30
C TYR C 547 7.71 14.51 -42.10
N TYR C 548 7.63 15.84 -42.13
CA TYR C 548 8.80 16.70 -42.04
C TYR C 548 9.22 16.98 -40.60
N ILE C 549 8.39 16.62 -39.63
CA ILE C 549 8.66 16.97 -38.23
C ILE C 549 9.70 16.03 -37.62
N SER E 1 -40.58 -18.79 28.26
CA SER E 1 -39.12 -18.89 28.38
C SER E 1 -38.41 -18.50 27.08
N ILE E 2 -37.16 -18.04 27.17
CA ILE E 2 -36.37 -17.62 26.02
C ILE E 2 -35.02 -18.34 26.05
N TYR E 3 -34.38 -18.40 24.87
CA TYR E 3 -32.99 -18.80 24.79
C TYR E 3 -32.11 -17.67 25.30
N LYS E 4 -31.38 -17.90 26.38
CA LYS E 4 -30.54 -16.85 26.93
C LYS E 4 -29.42 -17.52 27.71
N VAL E 5 -28.40 -16.72 28.04
CA VAL E 5 -27.28 -17.21 28.83
C VAL E 5 -27.76 -17.52 30.25
N GLU E 6 -27.41 -18.70 30.75
CA GLU E 6 -27.91 -19.18 32.02
C GLU E 6 -27.47 -18.27 33.18
N ASN E 7 -28.38 -18.06 34.12
CA ASN E 7 -28.05 -17.40 35.38
C ASN E 7 -27.29 -18.34 36.30
N ARG E 8 -26.45 -17.75 37.14
CA ARG E 8 -25.64 -18.57 38.04
C ARG E 8 -26.55 -19.32 39.00
N HIS E 9 -26.40 -20.63 39.05
CA HIS E 9 -27.19 -21.43 39.97
C HIS E 9 -26.68 -21.31 41.40
N ASP E 10 -25.35 -21.33 41.56
CA ASP E 10 -24.73 -21.37 42.87
C ASP E 10 -23.22 -21.24 42.73
N TYR E 11 -22.52 -21.48 43.83
CA TYR E 11 -21.07 -21.55 43.85
C TYR E 11 -20.67 -22.92 44.34
N GLY E 12 -19.52 -23.39 43.93
CA GLY E 12 -19.10 -24.70 44.38
C GLY E 12 -18.59 -24.66 45.79
N THR E 13 -18.47 -25.84 46.38
CA THR E 13 -18.10 -26.00 47.78
C THR E 13 -16.96 -26.97 48.04
N LYS E 14 -16.67 -27.91 47.13
CA LYS E 14 -15.81 -29.04 47.45
C LYS E 14 -14.34 -28.71 47.21
N GLY E 15 -13.46 -29.50 47.84
CA GLY E 15 -12.05 -29.50 47.57
C GLY E 15 -11.23 -28.86 48.68
N THR E 16 -9.91 -28.99 48.54
CA THR E 16 -8.98 -28.37 49.49
C THR E 16 -8.98 -26.86 49.32
N LYS E 17 -9.23 -26.12 50.40
CA LYS E 17 -9.29 -24.67 50.32
C LYS E 17 -7.89 -24.07 50.45
N VAL E 18 -7.55 -23.15 49.54
CA VAL E 18 -6.33 -22.38 49.68
C VAL E 18 -6.45 -21.16 48.78
N ASP E 19 -5.95 -20.02 49.26
CA ASP E 19 -5.88 -18.84 48.42
C ASP E 19 -4.78 -18.98 47.38
N ILE E 20 -4.98 -18.33 46.24
CA ILE E 20 -3.98 -18.24 45.20
C ILE E 20 -3.90 -16.79 44.77
N LEU E 21 -2.84 -16.47 44.04
CA LEU E 21 -2.63 -15.13 43.53
C LEU E 21 -3.04 -15.09 42.08
N THR E 22 -3.85 -14.11 41.71
CA THR E 22 -4.13 -13.85 40.30
C THR E 22 -3.80 -12.40 40.01
N GLY E 23 -3.82 -12.05 38.73
CA GLY E 23 -3.54 -10.70 38.28
C GLY E 23 -4.36 -9.63 38.97
N SER E 24 -5.53 -9.99 39.51
CA SER E 24 -6.39 -9.03 40.21
C SER E 24 -6.32 -9.18 41.72
N GLY E 25 -5.29 -9.82 42.24
CA GLY E 25 -5.13 -9.99 43.67
C GLY E 25 -5.44 -11.41 44.12
N ARG E 26 -5.46 -11.57 45.43
CA ARG E 26 -5.61 -12.89 46.02
C ARG E 26 -7.08 -13.32 46.02
N VAL E 27 -7.33 -14.57 45.63
CA VAL E 27 -8.70 -15.10 45.55
C VAL E 27 -8.71 -16.46 46.23
N PRO E 28 -9.84 -16.90 46.77
CA PRO E 28 -9.91 -18.28 47.25
C PRO E 28 -9.98 -19.25 46.08
N SER E 29 -9.39 -20.42 46.30
CA SER E 29 -9.43 -21.51 45.34
C SER E 29 -9.75 -22.80 46.09
N ARG E 30 -10.22 -23.79 45.34
CA ARG E 30 -10.51 -25.10 45.89
C ARG E 30 -9.95 -26.13 44.93
N ILE E 31 -9.21 -27.10 45.47
CA ILE E 31 -8.53 -28.10 44.67
C ILE E 31 -9.34 -29.38 44.70
N LEU E 32 -9.82 -29.81 43.54
CA LEU E 32 -10.58 -31.06 43.49
C LEU E 32 -9.65 -32.25 43.43
N ASP E 33 -10.02 -33.31 44.13
CA ASP E 33 -9.34 -34.58 43.99
C ASP E 33 -9.32 -35.00 42.53
N ALA E 34 -8.24 -35.69 42.15
CA ALA E 34 -8.23 -36.38 40.87
C ALA E 34 -9.20 -37.55 40.93
N PRO E 35 -9.85 -37.88 39.81
CA PRO E 35 -10.59 -39.14 39.75
C PRO E 35 -9.63 -40.33 39.76
N VAL E 36 -10.20 -41.51 39.94
CA VAL E 36 -9.44 -42.75 39.82
C VAL E 36 -9.30 -43.10 38.34
N VAL E 37 -8.07 -43.14 37.85
CA VAL E 37 -7.80 -43.56 36.48
C VAL E 37 -7.78 -45.08 36.44
N GLN E 38 -8.52 -45.67 35.50
CA GLN E 38 -8.71 -47.10 35.43
C GLN E 38 -7.93 -47.71 34.27
N PHE E 39 -7.12 -48.73 34.56
CA PHE E 39 -6.44 -49.52 33.55
C PHE E 39 -7.12 -50.88 33.49
N LYS E 40 -6.52 -51.81 32.74
CA LYS E 40 -7.17 -53.11 32.56
C LYS E 40 -7.32 -53.84 33.89
N GLU E 41 -6.24 -53.89 34.67
CA GLU E 41 -6.28 -54.65 35.92
C GLU E 41 -5.71 -53.84 37.06
N SER E 42 -5.70 -52.52 36.94
CA SER E 42 -5.09 -51.66 37.95
C SER E 42 -5.70 -50.28 37.83
N THR E 43 -5.35 -49.42 38.79
CA THR E 43 -5.83 -48.05 38.80
C THR E 43 -4.66 -47.14 39.13
N PHE E 44 -4.85 -45.86 38.84
CA PHE E 44 -3.98 -44.82 39.38
C PHE E 44 -4.87 -43.82 40.11
N GLU E 45 -4.79 -43.82 41.43
CA GLU E 45 -5.53 -42.87 42.26
C GLU E 45 -4.52 -41.98 42.95
N TYR E 46 -4.43 -40.72 42.52
CA TYR E 46 -3.54 -39.79 43.19
C TYR E 46 -3.98 -39.56 44.63
N LYS E 47 -3.06 -39.76 45.58
CA LYS E 47 -3.34 -39.60 47.00
C LYS E 47 -2.55 -38.43 47.53
N ASP E 48 -3.22 -37.60 48.32
CA ASP E 48 -2.63 -36.39 48.86
C ASP E 48 -1.38 -36.69 49.68
N LYS E 49 -0.36 -35.84 49.52
CA LYS E 49 0.86 -35.93 50.30
C LYS E 49 1.42 -34.53 50.51
N SER E 50 2.16 -34.36 51.58
CA SER E 50 2.83 -33.09 51.85
C SER E 50 3.75 -32.71 50.69
N TYR E 51 3.89 -31.41 50.47
CA TYR E 51 4.87 -30.93 49.52
C TYR E 51 6.27 -31.29 49.99
N GLY E 52 7.19 -31.44 49.04
CA GLY E 52 8.59 -31.58 49.41
C GLY E 52 9.34 -32.74 48.80
N THR E 53 8.63 -33.75 48.30
CA THR E 53 9.26 -34.90 47.66
C THR E 53 8.85 -35.03 46.21
N LYS E 54 8.24 -34.00 45.64
CA LYS E 54 7.74 -33.99 44.26
C LYS E 54 6.66 -35.06 44.02
N HIS E 55 6.04 -35.59 45.09
CA HIS E 55 4.93 -36.52 44.90
C HIS E 55 3.79 -35.88 44.12
N GLU E 56 3.56 -34.57 44.33
CA GLU E 56 2.49 -33.86 43.64
C GLU E 56 2.64 -33.88 42.11
N GLU E 57 3.86 -34.07 41.61
CA GLU E 57 4.09 -34.04 40.17
C GLU E 57 3.45 -35.24 39.47
N SER E 58 2.99 -36.24 40.21
CA SER E 58 2.31 -37.39 39.64
C SER E 58 0.80 -37.19 39.47
N LYS E 59 0.22 -36.14 40.07
CA LYS E 59 -1.23 -35.94 39.94
C LYS E 59 -1.55 -35.55 38.50
N GLY E 60 -2.42 -36.30 37.85
CA GLY E 60 -2.71 -36.10 36.45
C GLY E 60 -1.50 -36.26 35.56
N ASN E 61 -0.57 -37.13 35.94
CA ASN E 61 0.70 -37.25 35.20
C ASN E 61 1.29 -38.62 35.57
N TRP E 62 0.87 -39.63 34.84
CA TRP E 62 1.26 -41.01 35.10
C TRP E 62 1.93 -41.58 33.86
N ASN E 63 2.17 -42.88 33.87
CA ASN E 63 2.63 -43.54 32.66
C ASN E 63 2.19 -45.00 32.69
N MET E 64 2.38 -45.66 31.56
CA MET E 64 1.77 -46.97 31.35
C MET E 64 2.61 -48.12 31.91
N LYS E 65 3.79 -47.84 32.49
CA LYS E 65 4.65 -48.92 32.96
C LYS E 65 3.93 -49.79 33.98
N GLY E 66 3.87 -51.09 33.69
CA GLY E 66 3.18 -51.98 34.59
C GLY E 66 1.68 -51.92 34.51
N HIS E 67 1.11 -51.19 33.55
CA HIS E 67 -0.32 -51.16 33.29
C HIS E 67 -0.61 -51.69 31.90
N GLN E 68 -1.86 -52.08 31.69
CA GLN E 68 -2.30 -52.54 30.39
C GLN E 68 -3.56 -51.78 30.00
N PHE E 69 -3.73 -51.59 28.69
CA PHE E 69 -4.92 -50.94 28.18
C PHE E 69 -6.14 -51.74 28.59
N ILE E 70 -7.22 -51.01 28.89
CA ILE E 70 -8.49 -51.62 29.26
C ILE E 70 -8.93 -52.60 28.19
N SER E 71 -8.82 -52.20 26.92
CA SER E 71 -9.41 -52.98 25.85
C SER E 71 -8.56 -52.87 24.61
N THR E 72 -8.17 -54.01 24.05
CA THR E 72 -7.31 -54.10 22.87
C THR E 72 -7.91 -55.14 21.95
N PRO E 73 -7.49 -55.19 20.68
CA PRO E 73 -8.09 -56.16 19.76
C PRO E 73 -7.94 -57.58 20.26
N ALA E 74 -9.02 -58.35 20.17
CA ALA E 74 -9.02 -59.73 20.66
C ALA E 74 -8.15 -60.64 19.80
N LYS E 75 -7.90 -60.27 18.54
CA LYS E 75 -7.08 -61.04 17.63
C LYS E 75 -5.91 -60.20 17.15
N GLN E 76 -4.85 -60.89 16.73
CA GLN E 76 -3.67 -60.22 16.21
C GLN E 76 -4.04 -59.36 15.00
N VAL E 77 -3.49 -58.15 14.94
CA VAL E 77 -3.67 -57.25 13.80
C VAL E 77 -2.37 -57.20 13.01
N ASN E 78 -2.47 -57.18 11.67
CA ASN E 78 -1.31 -57.00 10.82
C ASN E 78 -0.92 -55.53 10.74
N LEU E 79 0.33 -55.24 11.06
CA LEU E 79 0.88 -53.89 11.07
C LEU E 79 1.88 -53.78 9.93
N ARG E 80 1.65 -52.84 9.01
CA ARG E 80 2.45 -52.72 7.79
C ARG E 80 3.14 -51.37 7.76
N ALA E 81 4.47 -51.36 7.78
CA ALA E 81 5.19 -50.11 7.63
C ALA E 81 5.21 -49.71 6.16
N ILE E 82 4.86 -48.46 5.92
CA ILE E 82 4.97 -47.87 4.60
C ILE E 82 5.83 -46.63 4.76
N PHE E 83 7.08 -46.72 4.31
CA PHE E 83 8.02 -45.61 4.42
C PHE E 83 7.71 -44.59 3.33
N ILE E 84 7.35 -43.38 3.73
CA ILE E 84 7.01 -42.32 2.81
C ILE E 84 8.26 -41.46 2.66
N ASN E 85 8.94 -41.61 1.54
CA ASN E 85 10.21 -40.91 1.28
C ASN E 85 9.92 -39.51 0.74
N ASN E 86 9.42 -38.63 1.62
CA ASN E 86 9.14 -37.24 1.25
C ASN E 86 10.42 -36.39 1.25
N ALA E 87 11.37 -36.83 0.43
CA ALA E 87 12.60 -36.08 0.16
C ALA E 87 13.02 -36.44 -1.27
N ASN E 88 13.98 -35.68 -1.81
CA ASN E 88 14.35 -35.93 -3.19
C ASN E 88 15.54 -36.87 -3.35
N THR E 89 16.14 -37.34 -2.25
CA THR E 89 17.19 -38.34 -2.32
C THR E 89 16.60 -39.69 -1.96
N ALA E 90 17.29 -40.75 -2.39
CA ALA E 90 16.96 -42.05 -1.86
C ALA E 90 17.28 -42.06 -0.37
N PRO E 91 16.54 -42.84 0.42
CA PRO E 91 16.94 -43.00 1.82
C PRO E 91 18.22 -43.80 1.91
N PRO E 92 18.91 -43.76 3.06
CA PRO E 92 20.11 -44.59 3.22
C PRO E 92 19.83 -46.06 2.92
N ALA E 93 20.83 -46.74 2.37
CA ALA E 93 20.66 -48.14 1.97
C ALA E 93 20.30 -49.03 3.15
N SER E 94 20.65 -48.63 4.36
CA SER E 94 20.34 -49.37 5.58
C SER E 94 18.93 -49.10 6.10
N MET E 95 18.15 -48.24 5.44
CA MET E 95 16.89 -47.80 6.04
C MET E 95 15.94 -48.97 6.24
N GLU E 96 15.76 -49.78 5.19
CA GLU E 96 14.77 -50.85 5.24
C GLU E 96 15.07 -51.82 6.37
N SER E 97 16.33 -52.19 6.55
CA SER E 97 16.58 -53.16 7.60
C SER E 97 16.56 -52.49 8.96
N GLU E 98 16.95 -51.22 9.03
CA GLU E 98 16.77 -50.48 10.28
C GLU E 98 15.29 -50.34 10.61
N LEU E 99 14.45 -50.09 9.60
CA LEU E 99 13.02 -49.97 9.84
C LEU E 99 12.41 -51.29 10.28
N ASP E 100 12.80 -52.40 9.65
CA ASP E 100 12.27 -53.70 10.03
C ASP E 100 12.63 -54.03 11.48
N ILE E 101 13.83 -53.64 11.90
CA ILE E 101 14.20 -53.81 13.30
C ILE E 101 13.33 -52.94 14.20
N SER E 102 13.08 -51.68 13.81
CA SER E 102 12.23 -50.80 14.61
C SER E 102 10.81 -51.35 14.72
N MET E 103 10.31 -51.96 13.64
CA MET E 103 8.97 -52.56 13.67
C MET E 103 8.92 -53.73 14.64
N ASP E 104 9.94 -54.57 14.61
CA ASP E 104 10.01 -55.70 15.54
C ASP E 104 10.07 -55.22 16.98
N LYS E 105 10.91 -54.22 17.24
CA LYS E 105 10.99 -53.64 18.58
C LYS E 105 9.67 -52.99 18.97
N PHE E 106 8.98 -52.37 18.01
CA PHE E 106 7.66 -51.81 18.27
C PHE E 106 6.67 -52.90 18.70
N ALA E 107 6.55 -53.95 17.88
CA ALA E 107 5.57 -55.00 18.17
C ALA E 107 5.85 -55.65 19.53
N SER E 108 7.12 -55.88 19.83
CA SER E 108 7.53 -56.41 21.12
C SER E 108 7.18 -55.47 22.27
N ASP E 109 7.44 -54.17 22.10
CA ASP E 109 7.11 -53.21 23.15
C ASP E 109 5.62 -53.18 23.46
N VAL E 110 4.78 -53.07 22.43
CA VAL E 110 3.39 -52.76 22.72
C VAL E 110 2.58 -54.00 23.07
N LYS E 111 3.11 -55.19 22.76
CA LYS E 111 2.53 -56.43 23.28
C LYS E 111 2.36 -56.35 24.78
N GLN E 112 3.31 -55.72 25.47
CA GLN E 112 3.23 -55.54 26.91
C GLN E 112 2.04 -54.70 27.34
N LEU E 113 1.51 -53.84 26.47
CA LEU E 113 0.33 -53.07 26.83
C LEU E 113 -0.95 -53.80 26.48
N GLY E 114 -0.85 -54.98 25.86
CA GLY E 114 -2.00 -55.74 25.46
C GLY E 114 -2.31 -55.72 24.00
N VAL E 115 -1.47 -55.08 23.18
CA VAL E 115 -1.77 -54.92 21.76
C VAL E 115 -0.91 -55.89 20.95
N ASP E 116 -1.55 -56.74 20.16
CA ASP E 116 -0.86 -57.83 19.46
C ASP E 116 -0.76 -57.51 17.97
N PHE E 117 0.44 -57.17 17.51
CA PHE E 117 0.67 -56.86 16.11
C PHE E 117 1.54 -57.92 15.46
N ASN E 118 1.19 -58.26 14.22
CA ASN E 118 2.06 -59.02 13.34
C ASN E 118 2.79 -58.04 12.42
N VAL E 119 4.12 -58.04 12.46
CA VAL E 119 4.89 -57.10 11.63
C VAL E 119 5.74 -57.85 10.63
N SER E 120 5.28 -59.00 10.17
CA SER E 120 6.12 -59.77 9.27
C SER E 120 6.01 -59.33 7.80
N GLY E 121 5.04 -58.47 7.45
CA GLY E 121 5.04 -57.92 6.11
C GLY E 121 6.26 -57.04 5.87
N LYS E 122 6.90 -57.20 4.72
CA LYS E 122 8.09 -56.42 4.40
C LYS E 122 7.74 -54.93 4.31
N PRO E 123 8.54 -54.04 4.90
CA PRO E 123 8.26 -52.61 4.79
C PRO E 123 8.27 -52.15 3.33
N ILE E 124 7.33 -51.25 3.01
CA ILE E 124 7.17 -50.69 1.67
C ILE E 124 7.89 -49.35 1.61
N LEU E 125 8.53 -49.06 0.48
CA LEU E 125 9.10 -47.75 0.22
C LEU E 125 8.28 -47.07 -0.87
N ILE E 126 7.83 -45.85 -0.61
CA ILE E 126 7.13 -45.06 -1.60
C ILE E 126 7.93 -43.79 -1.85
N ASN E 127 8.39 -43.62 -3.08
CA ASN E 127 9.11 -42.43 -3.50
C ASN E 127 8.14 -41.49 -4.21
N GLN E 128 8.47 -40.19 -4.19
CA GLN E 128 7.79 -39.20 -5.03
C GLN E 128 6.31 -39.08 -4.70
N PHE E 129 5.95 -39.33 -3.45
CA PHE E 129 4.61 -39.04 -3.00
C PHE E 129 4.50 -37.56 -2.66
N GLY E 130 3.36 -36.97 -3.00
CA GLY E 130 3.10 -35.61 -2.65
C GLY E 130 1.76 -35.16 -3.20
N PRO E 131 1.45 -33.89 -3.02
CA PRO E 131 0.23 -33.32 -3.63
C PRO E 131 0.26 -33.46 -5.14
N PRO E 132 -0.90 -33.46 -5.79
CA PRO E 132 -0.91 -33.51 -7.26
C PRO E 132 0.00 -32.43 -7.84
N ILE E 133 0.64 -32.77 -8.95
CA ILE E 133 1.64 -31.93 -9.58
C ILE E 133 0.95 -31.05 -10.60
N LYS E 134 1.04 -29.73 -10.42
CA LYS E 134 0.58 -28.80 -11.43
C LYS E 134 1.55 -28.86 -12.61
N LYS E 135 1.09 -29.35 -13.76
CA LYS E 135 1.98 -29.64 -14.87
C LYS E 135 1.96 -28.52 -15.91
N PHE E 136 3.15 -28.05 -16.25
CA PHE E 136 3.32 -26.90 -17.12
C PHE E 136 3.22 -27.30 -18.60
N GLN E 137 2.61 -26.44 -19.40
CA GLN E 137 2.59 -26.63 -20.85
C GLN E 137 3.76 -25.88 -21.50
N PRO E 163 -4.69 -25.05 -15.87
CA PRO E 163 -4.96 -25.76 -14.61
C PRO E 163 -5.02 -27.27 -14.80
N THR E 164 -3.85 -27.90 -15.01
CA THR E 164 -3.75 -29.33 -15.29
C THR E 164 -2.91 -30.00 -14.20
N PHE E 165 -3.49 -31.01 -13.55
CA PHE E 165 -2.84 -31.67 -12.43
C PHE E 165 -2.64 -33.13 -12.73
N GLU E 166 -1.47 -33.64 -12.36
CA GLU E 166 -1.19 -35.06 -12.48
C GLU E 166 -0.83 -35.63 -11.11
N THR E 167 -1.48 -36.73 -10.78
CA THR E 167 -1.20 -37.45 -9.55
C THR E 167 0.28 -37.76 -9.44
N SER E 168 0.83 -37.59 -8.23
CA SER E 168 2.25 -37.88 -8.03
C SER E 168 2.49 -39.37 -8.21
N PRO E 169 3.69 -39.74 -8.66
CA PRO E 169 4.00 -41.18 -8.80
C PRO E 169 3.89 -41.93 -7.49
N GLY E 170 4.21 -41.28 -6.38
CA GLY E 170 4.08 -41.94 -5.09
C GLY E 170 2.63 -42.16 -4.72
N GLU E 171 1.75 -41.23 -5.09
CA GLU E 171 0.35 -41.46 -4.80
C GLU E 171 -0.17 -42.66 -5.59
N ILE E 172 0.29 -42.81 -6.85
CA ILE E 172 -0.09 -43.97 -7.65
C ILE E 172 0.35 -45.26 -6.96
N SER E 173 1.63 -45.34 -6.56
CA SER E 173 2.10 -46.54 -5.86
C SER E 173 1.32 -46.78 -4.57
N LEU E 174 1.09 -45.73 -3.78
CA LEU E 174 0.27 -45.89 -2.58
C LEU E 174 -1.14 -46.38 -2.92
N LEU E 175 -1.75 -45.80 -3.94
CA LEU E 175 -3.07 -46.25 -4.36
C LEU E 175 -3.04 -47.71 -4.82
N ASN E 176 -1.96 -48.14 -5.47
CA ASN E 176 -1.87 -49.55 -5.86
C ASN E 176 -1.83 -50.45 -4.64
N LEU E 177 -1.16 -50.01 -3.57
CA LEU E 177 -1.18 -50.79 -2.35
C LEU E 177 -2.55 -50.75 -1.69
N LEU E 178 -3.14 -49.56 -1.57
CA LEU E 178 -4.40 -49.45 -0.85
C LEU E 178 -5.52 -50.20 -1.56
N GLU E 179 -5.52 -50.22 -2.90
CA GLU E 179 -6.55 -50.96 -3.63
C GLU E 179 -6.47 -52.46 -3.39
N ASN E 180 -5.32 -52.95 -2.91
CA ASN E 180 -5.12 -54.38 -2.76
C ASN E 180 -4.88 -54.78 -1.31
N ILE E 181 -5.13 -53.88 -0.37
CA ILE E 181 -4.64 -54.11 0.99
C ILE E 181 -5.43 -55.24 1.63
N PRO E 182 -4.79 -56.16 2.34
CA PRO E 182 -5.54 -57.25 2.98
C PRO E 182 -6.39 -56.72 4.13
N SER E 183 -7.38 -57.51 4.52
CA SER E 183 -8.14 -57.17 5.71
C SER E 183 -7.25 -57.27 6.95
N ASN E 184 -7.77 -56.77 8.06
CA ASN E 184 -7.10 -56.87 9.35
C ASN E 184 -5.70 -56.25 9.28
N THR E 185 -5.57 -55.15 8.53
CA THR E 185 -4.29 -54.48 8.34
C THR E 185 -4.32 -53.06 8.91
N TYR E 186 -3.32 -52.71 9.71
CA TYR E 186 -3.11 -51.36 10.20
C TYR E 186 -1.88 -50.76 9.52
N ILE E 187 -1.98 -49.54 9.02
CA ILE E 187 -0.89 -48.92 8.28
C ILE E 187 -0.10 -48.00 9.21
N LEU E 188 1.22 -48.16 9.20
CA LEU E 188 2.12 -47.21 9.84
C LEU E 188 2.86 -46.45 8.74
N TYR E 189 2.49 -45.19 8.53
CA TYR E 189 3.24 -44.36 7.59
C TYR E 189 4.50 -43.86 8.29
N VAL E 190 5.66 -44.16 7.74
CA VAL E 190 6.92 -43.72 8.31
C VAL E 190 7.46 -42.63 7.40
N LEU E 191 7.46 -41.40 7.90
CA LEU E 191 7.79 -40.22 7.10
C LEU E 191 9.28 -39.94 7.17
N ARG E 192 9.95 -39.87 6.01
CA ARG E 192 11.35 -39.48 5.97
C ARG E 192 11.59 -38.14 6.68
N ARG E 193 10.74 -37.16 6.41
CA ARG E 193 10.88 -35.82 6.95
C ARG E 193 9.61 -35.42 7.68
N GLY E 194 9.76 -34.87 8.88
CA GLY E 194 8.62 -34.35 9.60
C GLY E 194 8.27 -32.96 9.13
N ASN E 195 7.17 -32.42 9.69
CA ASN E 195 6.75 -31.03 9.48
C ASN E 195 6.38 -30.74 8.03
N ASP E 196 5.90 -31.76 7.32
CA ASP E 196 5.55 -31.66 5.90
C ASP E 196 4.03 -31.82 5.82
N SER E 197 3.31 -30.71 5.96
CA SER E 197 1.85 -30.82 6.01
C SER E 197 1.26 -31.15 4.64
N ALA E 198 1.89 -30.72 3.53
CA ALA E 198 1.37 -31.12 2.22
C ALA E 198 1.34 -32.64 2.09
N VAL E 199 2.41 -33.31 2.53
CA VAL E 199 2.45 -34.77 2.49
C VAL E 199 1.51 -35.36 3.55
N TYR E 200 1.57 -34.87 4.78
CA TYR E 200 0.72 -35.42 5.83
C TYR E 200 -0.75 -35.28 5.47
N ASP E 201 -1.16 -34.09 4.99
CA ASP E 201 -2.57 -33.90 4.66
C ASP E 201 -2.99 -34.83 3.54
N ARG E 202 -2.16 -35.00 2.51
CA ARG E 202 -2.51 -35.89 1.42
C ARG E 202 -2.61 -37.34 1.90
N LEU E 203 -1.69 -37.78 2.76
CA LEU E 203 -1.79 -39.12 3.32
C LEU E 203 -3.12 -39.35 4.03
N LYS E 204 -3.56 -38.37 4.83
CA LYS E 204 -4.83 -38.53 5.54
C LYS E 204 -6.01 -38.41 4.60
N TYR E 205 -5.94 -37.48 3.66
CA TYR E 205 -6.99 -37.36 2.65
C TYR E 205 -7.22 -38.69 1.94
N ILE E 206 -6.14 -39.31 1.48
CA ILE E 206 -6.26 -40.57 0.75
C ILE E 206 -6.66 -41.70 1.71
N THR E 207 -5.96 -41.81 2.83
CA THR E 207 -6.07 -43.04 3.60
C THR E 207 -7.25 -42.98 4.57
N ASP E 208 -7.50 -41.82 5.20
CA ASP E 208 -8.73 -41.64 5.98
C ASP E 208 -9.93 -41.43 5.05
N LEU E 209 -9.93 -40.31 4.33
CA LEU E 209 -11.16 -39.87 3.69
C LEU E 209 -11.54 -40.80 2.53
N LYS E 210 -10.60 -41.07 1.62
CA LYS E 210 -10.95 -41.89 0.46
C LYS E 210 -11.14 -43.35 0.83
N PHE E 211 -10.14 -43.97 1.49
CA PHE E 211 -10.16 -45.42 1.69
C PHE E 211 -10.70 -45.84 3.04
N GLY E 212 -10.72 -44.96 4.02
CA GLY E 212 -11.16 -45.38 5.34
C GLY E 212 -10.33 -46.50 5.91
N ALA E 213 -9.02 -46.49 5.64
CA ALA E 213 -8.12 -47.51 6.14
C ALA E 213 -7.41 -46.97 7.39
N LEU E 214 -7.33 -47.80 8.42
CA LEU E 214 -6.68 -47.36 9.65
C LEU E 214 -5.20 -47.13 9.39
N ASN E 215 -4.70 -45.98 9.85
CA ASN E 215 -3.31 -45.65 9.66
C ASN E 215 -2.89 -44.66 10.74
N SER E 216 -1.61 -44.74 11.09
CA SER E 216 -0.94 -43.74 11.91
C SER E 216 0.33 -43.30 11.18
N CYS E 217 0.72 -42.06 11.42
CA CYS E 217 1.99 -41.54 10.90
C CYS E 217 3.00 -41.43 12.01
N VAL E 218 4.27 -41.57 11.62
CA VAL E 218 5.36 -41.51 12.56
C VAL E 218 6.53 -40.87 11.83
N VAL E 219 7.19 -39.92 12.47
CA VAL E 219 8.37 -39.30 11.86
C VAL E 219 9.56 -40.22 12.07
N TRP E 220 10.25 -40.56 10.97
CA TRP E 220 11.29 -41.59 11.00
C TRP E 220 12.37 -41.28 12.02
N ASP E 221 12.83 -40.03 12.08
CA ASP E 221 13.90 -39.69 13.01
C ASP E 221 13.47 -39.88 14.46
N ASN E 222 12.17 -39.76 14.75
CA ASN E 222 11.66 -40.11 16.07
C ASN E 222 11.57 -41.63 16.25
N PHE E 223 10.91 -42.29 15.31
CA PHE E 223 10.60 -43.72 15.46
C PHE E 223 11.87 -44.56 15.56
N LYS E 224 12.91 -44.21 14.78
CA LYS E 224 14.11 -45.04 14.72
C LYS E 224 14.88 -45.03 16.03
N LYS E 225 14.50 -44.17 16.99
CA LYS E 225 15.11 -44.20 18.30
C LYS E 225 14.74 -45.45 19.09
N ASN E 226 13.69 -46.16 18.69
CA ASN E 226 13.26 -47.39 19.36
C ASN E 226 13.01 -47.18 20.84
N SER E 227 12.40 -46.04 21.18
CA SER E 227 12.08 -45.72 22.56
C SER E 227 10.78 -46.41 22.96
N ILE E 228 10.82 -47.13 24.09
CA ILE E 228 9.61 -47.79 24.58
C ILE E 228 8.53 -46.77 24.91
N GLN E 229 8.92 -45.61 25.44
CA GLN E 229 7.93 -44.60 25.79
C GLN E 229 7.28 -44.00 24.55
N TYR E 230 8.09 -43.69 23.53
CA TYR E 230 7.55 -43.29 22.24
C TYR E 230 6.59 -44.34 21.69
N ASN E 231 7.02 -45.61 21.69
CA ASN E 231 6.18 -46.67 21.12
C ASN E 231 4.87 -46.83 21.91
N SER E 232 4.92 -46.68 23.24
CA SER E 232 3.70 -46.79 24.04
C SER E 232 2.71 -45.67 23.72
N ASN E 233 3.21 -44.46 23.53
CA ASN E 233 2.32 -43.35 23.18
C ASN E 233 1.72 -43.54 21.80
N VAL E 234 2.53 -44.02 20.84
CA VAL E 234 2.03 -44.29 19.49
C VAL E 234 0.87 -45.30 19.51
N VAL E 235 1.02 -46.41 20.24
CA VAL E 235 -0.06 -47.43 20.22
C VAL E 235 -1.33 -46.93 20.87
N MET E 236 -1.22 -45.98 21.80
CA MET E 236 -2.42 -45.42 22.43
C MET E 236 -3.38 -44.91 21.37
N LYS E 237 -2.84 -44.23 20.36
CA LYS E 237 -3.68 -43.75 19.28
C LYS E 237 -4.17 -44.90 18.40
N MET E 238 -3.30 -45.88 18.13
CA MET E 238 -3.73 -47.02 17.33
C MET E 238 -4.83 -47.81 18.04
N ASN E 239 -4.63 -48.08 19.33
CA ASN E 239 -5.62 -48.87 20.05
C ASN E 239 -6.99 -48.20 20.00
N LEU E 240 -7.01 -46.87 20.14
CA LEU E 240 -8.28 -46.16 20.02
C LEU E 240 -8.86 -46.32 18.64
N LYS E 241 -8.03 -46.17 17.60
CA LYS E 241 -8.50 -46.34 16.23
C LYS E 241 -9.02 -47.75 15.99
N LEU E 242 -8.43 -48.74 16.67
CA LEU E 242 -8.91 -50.11 16.69
C LEU E 242 -10.09 -50.33 17.66
N LEU E 243 -10.78 -49.26 18.04
CA LEU E 243 -11.97 -49.33 18.89
C LEU E 243 -11.67 -49.84 20.29
N GLY E 244 -10.42 -49.77 20.72
CA GLY E 244 -10.06 -50.16 22.06
C GLY E 244 -10.24 -49.01 23.05
N SER E 245 -9.88 -49.30 24.29
CA SER E 245 -9.86 -48.32 25.37
C SER E 245 -8.49 -48.40 26.01
N ASN E 246 -7.91 -47.25 26.33
CA ASN E 246 -6.61 -47.22 26.97
C ASN E 246 -6.80 -47.15 28.47
N HIS E 247 -6.99 -45.94 29.01
CA HIS E 247 -7.47 -45.78 30.38
C HIS E 247 -8.89 -45.21 30.35
N SER E 248 -9.52 -45.25 31.51
CA SER E 248 -10.82 -44.60 31.71
C SER E 248 -10.84 -44.10 33.15
N LEU E 249 -11.99 -43.58 33.56
CA LEU E 249 -12.20 -43.35 34.98
C LEU E 249 -12.86 -44.59 35.57
N SER E 250 -12.82 -44.68 36.89
CA SER E 250 -13.41 -45.81 37.58
C SER E 250 -14.93 -45.80 37.39
N ILE E 251 -15.52 -46.96 37.66
CA ILE E 251 -16.98 -47.09 37.59
C ILE E 251 -17.65 -46.04 38.47
N GLU E 252 -17.14 -45.88 39.70
CA GLU E 252 -17.74 -44.90 40.61
C GLU E 252 -17.66 -43.49 40.04
N ASN E 253 -16.54 -43.15 39.41
CA ASN E 253 -16.39 -41.83 38.82
C ASN E 253 -17.36 -41.63 37.66
N ASN E 254 -17.52 -42.65 36.81
CA ASN E 254 -18.40 -42.55 35.65
C ASN E 254 -19.86 -42.39 36.05
N LYS E 255 -20.23 -42.78 37.27
CA LYS E 255 -21.62 -42.66 37.70
C LYS E 255 -22.11 -41.22 37.62
N LEU E 256 -21.22 -40.25 37.79
CA LEU E 256 -21.61 -38.85 37.62
C LEU E 256 -22.14 -38.57 36.23
N LEU E 257 -21.70 -39.34 35.25
CA LEU E 257 -22.11 -39.14 33.87
C LEU E 257 -23.12 -40.18 33.41
N ILE E 258 -23.87 -40.75 34.35
CA ILE E 258 -24.95 -41.68 34.06
C ILE E 258 -26.24 -41.11 34.62
N ASP E 259 -27.30 -41.11 33.81
CA ASP E 259 -28.62 -40.69 34.25
C ASP E 259 -29.19 -41.78 35.15
N LYS E 260 -29.34 -41.49 36.45
CA LYS E 260 -29.80 -42.52 37.39
C LYS E 260 -31.24 -42.93 37.13
N GLU E 261 -32.04 -42.03 36.57
CA GLU E 261 -33.43 -42.35 36.27
C GLU E 261 -33.53 -43.46 35.23
N SER E 262 -32.77 -43.33 34.15
CA SER E 262 -32.84 -44.26 33.04
C SER E 262 -31.74 -45.29 33.06
N ASN E 263 -30.75 -45.14 33.93
CA ASN E 263 -29.53 -45.93 33.90
C ASN E 263 -28.85 -45.86 32.53
N LEU E 264 -28.97 -44.70 31.87
CA LEU E 264 -28.33 -44.54 30.57
C LEU E 264 -27.22 -43.51 30.66
N PRO E 265 -26.08 -43.74 30.02
CA PRO E 265 -25.00 -42.76 30.08
C PRO E 265 -25.41 -41.46 29.40
N ILE E 266 -24.95 -40.35 29.98
CA ILE E 266 -25.17 -39.06 29.35
C ILE E 266 -24.44 -39.04 28.02
N LEU E 267 -25.08 -38.45 27.01
CA LEU E 267 -24.42 -38.24 25.72
C LEU E 267 -23.53 -37.01 25.85
N VAL E 268 -22.21 -37.21 25.80
CA VAL E 268 -21.28 -36.10 25.97
C VAL E 268 -20.77 -35.68 24.60
N LEU E 269 -21.00 -34.41 24.26
CA LEU E 269 -20.62 -33.83 22.98
C LEU E 269 -19.50 -32.82 23.14
N GLY E 270 -18.70 -32.69 22.10
CA GLY E 270 -17.75 -31.60 21.99
C GLY E 270 -17.78 -31.03 20.59
N SER E 271 -17.74 -29.71 20.51
CA SER E 271 -17.70 -29.06 19.21
C SER E 271 -16.62 -28.01 19.19
N ASP E 272 -16.11 -27.77 18.00
CA ASP E 272 -15.11 -26.74 17.79
C ASP E 272 -15.33 -26.17 16.39
N VAL E 273 -14.80 -24.99 16.14
CA VAL E 273 -14.78 -24.40 14.81
C VAL E 273 -13.36 -23.92 14.57
N THR E 274 -12.88 -24.09 13.33
CA THR E 274 -11.60 -23.52 12.94
C THR E 274 -11.80 -22.70 11.67
N HIS E 275 -10.97 -21.70 11.49
CA HIS E 275 -11.25 -20.69 10.47
C HIS E 275 -10.17 -20.68 9.41
N TYR E 276 -10.57 -20.28 8.20
CA TYR E 276 -9.65 -20.07 7.08
C TYR E 276 -8.72 -21.26 6.83
N PRO E 277 -9.28 -22.45 6.56
CA PRO E 277 -8.41 -23.59 6.18
C PRO E 277 -7.51 -23.25 5.01
N GLU E 278 -8.02 -22.47 4.05
CA GLU E 278 -7.23 -21.68 3.12
C GLU E 278 -7.77 -20.25 3.15
N LYS E 279 -7.04 -19.35 2.49
CA LYS E 279 -7.37 -17.92 2.52
C LYS E 279 -8.83 -17.66 2.10
N ASP E 280 -9.54 -16.91 2.94
CA ASP E 280 -10.92 -16.48 2.67
C ASP E 280 -11.88 -17.65 2.47
N GLN E 281 -11.52 -18.86 2.90
CA GLN E 281 -12.42 -20.00 2.78
C GLN E 281 -13.32 -20.12 4.01
N ASN E 282 -14.40 -20.87 3.83
CA ASN E 282 -15.37 -21.07 4.90
C ASN E 282 -14.74 -21.79 6.10
N SER E 283 -15.29 -21.51 7.27
CA SER E 283 -14.85 -22.16 8.48
C SER E 283 -15.32 -23.60 8.51
N ILE E 284 -14.70 -24.39 9.39
CA ILE E 284 -15.00 -25.81 9.54
C ILE E 284 -15.42 -26.04 10.97
N ALA E 285 -16.48 -26.80 11.17
CA ALA E 285 -16.96 -27.13 12.50
C ALA E 285 -17.00 -28.63 12.68
N SER E 286 -16.80 -29.08 13.91
CA SER E 286 -16.83 -30.51 14.21
C SER E 286 -17.76 -30.75 15.38
N LEU E 287 -18.25 -31.98 15.49
CA LEU E 287 -19.04 -32.38 16.64
C LEU E 287 -18.74 -33.83 16.95
N VAL E 288 -18.17 -34.09 18.12
CA VAL E 288 -17.89 -35.46 18.57
C VAL E 288 -18.88 -35.81 19.68
N GLY E 289 -19.06 -37.11 19.89
CA GLY E 289 -19.98 -37.56 20.91
C GLY E 289 -19.55 -38.89 21.48
N SER E 290 -19.89 -39.11 22.76
CA SER E 290 -19.67 -40.39 23.40
C SER E 290 -20.78 -41.37 23.02
N TYR E 291 -20.61 -42.61 23.40
CA TYR E 291 -21.71 -43.53 23.17
C TYR E 291 -21.89 -44.59 24.24
N ASP E 292 -21.13 -44.57 25.33
CA ASP E 292 -21.40 -45.50 26.41
C ASP E 292 -20.92 -44.87 27.71
N ASP E 293 -20.83 -45.70 28.75
CA ASP E 293 -20.58 -45.23 30.10
C ASP E 293 -19.10 -45.26 30.44
N LYS E 294 -18.24 -45.54 29.46
CA LYS E 294 -16.79 -45.47 29.64
C LYS E 294 -16.17 -44.21 29.06
N PHE E 295 -16.81 -43.58 28.07
CA PHE E 295 -16.39 -42.29 27.54
C PHE E 295 -14.97 -42.32 26.97
N THR E 296 -14.56 -43.47 26.43
CA THR E 296 -13.23 -43.60 25.84
C THR E 296 -13.24 -43.42 24.33
N GLN E 297 -14.42 -43.35 23.72
CA GLN E 297 -14.55 -43.32 22.27
C GLN E 297 -15.42 -42.15 21.90
N PHE E 298 -14.89 -41.23 21.09
CA PHE E 298 -15.63 -40.05 20.67
C PHE E 298 -15.59 -39.90 19.17
N PRO E 299 -16.30 -40.75 18.44
CA PRO E 299 -16.48 -40.48 17.01
C PRO E 299 -17.20 -39.17 16.82
N GLY E 300 -17.05 -38.59 15.64
CA GLY E 300 -17.73 -37.35 15.39
C GLY E 300 -17.92 -37.13 13.90
N ASP E 301 -18.47 -35.97 13.58
CA ASP E 301 -18.67 -35.53 12.22
C ASP E 301 -18.13 -34.12 12.09
N TYR E 302 -17.88 -33.71 10.86
CA TYR E 302 -17.46 -32.34 10.58
C TYR E 302 -18.32 -31.82 9.43
N MET E 303 -18.30 -30.50 9.24
CA MET E 303 -18.98 -29.92 8.09
C MET E 303 -18.36 -28.56 7.81
N LEU E 304 -18.48 -28.13 6.57
CA LEU E 304 -18.06 -26.80 6.20
C LEU E 304 -19.14 -25.79 6.60
N GLN E 305 -18.70 -24.66 7.19
CA GLN E 305 -19.61 -23.58 7.52
C GLN E 305 -20.03 -22.80 6.26
N ASP E 306 -21.02 -21.92 6.43
CA ASP E 306 -21.57 -21.18 5.32
C ASP E 306 -20.75 -19.98 4.90
N GLY E 307 -19.75 -19.58 5.69
CA GLY E 307 -19.00 -18.40 5.39
C GLY E 307 -17.65 -18.36 6.08
N PRO E 308 -16.79 -17.45 5.63
CA PRO E 308 -15.48 -17.31 6.27
C PRO E 308 -15.60 -16.61 7.60
N GLY E 309 -14.69 -16.95 8.53
CA GLY E 309 -14.68 -16.34 9.84
C GLY E 309 -16.01 -16.49 10.56
N GLU E 310 -16.68 -17.60 10.32
CA GLU E 310 -18.01 -17.84 10.90
C GLU E 310 -17.86 -18.70 12.15
N GLU E 311 -17.97 -18.07 13.32
CA GLU E 311 -17.76 -18.79 14.57
C GLU E 311 -18.98 -19.58 15.00
N ILE E 312 -20.18 -19.10 14.72
CA ILE E 312 -21.39 -19.76 15.21
C ILE E 312 -21.73 -20.92 14.29
N ILE E 313 -21.97 -22.10 14.87
CA ILE E 313 -22.28 -23.30 14.10
C ILE E 313 -23.79 -23.29 13.89
N THR E 314 -24.20 -22.69 12.77
CA THR E 314 -25.61 -22.39 12.56
C THR E 314 -26.44 -23.66 12.38
N ASN E 315 -25.83 -24.74 11.88
CA ASN E 315 -26.58 -25.98 11.79
C ASN E 315 -25.83 -27.11 12.50
N VAL E 316 -25.38 -26.86 13.74
CA VAL E 316 -24.71 -27.90 14.50
C VAL E 316 -25.64 -29.09 14.71
N GLY E 317 -26.94 -28.84 14.84
CA GLY E 317 -27.86 -29.91 15.08
C GLY E 317 -27.90 -30.96 13.99
N SER E 318 -27.55 -30.59 12.75
CA SER E 318 -27.48 -31.60 11.69
C SER E 318 -26.45 -32.68 12.01
N LEU E 319 -25.41 -32.34 12.78
CA LEU E 319 -24.37 -33.29 13.14
C LEU E 319 -24.79 -34.21 14.28
N MET E 320 -25.98 -33.98 14.84
CA MET E 320 -26.49 -34.82 15.93
C MET E 320 -26.95 -36.18 15.45
N LEU E 321 -27.27 -36.31 14.15
CA LEU E 321 -27.87 -37.55 13.66
C LEU E 321 -27.01 -38.76 14.01
N ASN E 322 -25.72 -38.72 13.66
CA ASN E 322 -24.88 -39.87 13.95
C ASN E 322 -24.52 -39.95 15.42
N ARG E 323 -24.58 -38.82 16.14
CA ARG E 323 -24.38 -38.90 17.58
C ARG E 323 -25.44 -39.79 18.20
N LEU E 324 -26.69 -39.63 17.77
CA LEU E 324 -27.78 -40.42 18.32
C LEU E 324 -27.70 -41.87 17.86
N LYS E 325 -27.44 -42.09 16.56
CA LYS E 325 -27.47 -43.44 16.00
C LYS E 325 -26.39 -44.32 16.61
N ILE E 326 -25.18 -43.79 16.75
CA ILE E 326 -24.12 -44.56 17.38
C ILE E 326 -24.45 -44.84 18.84
N TYR E 327 -24.98 -43.85 19.55
CA TYR E 327 -25.37 -44.07 20.93
C TYR E 327 -26.41 -45.20 21.03
N GLN E 328 -27.41 -45.16 20.16
CA GLN E 328 -28.41 -46.24 20.13
C GLN E 328 -27.76 -47.60 19.96
N LYS E 329 -26.86 -47.71 18.98
CA LYS E 329 -26.22 -49.00 18.69
C LYS E 329 -25.50 -49.56 19.91
N HIS E 330 -25.03 -48.71 20.81
CA HIS E 330 -24.32 -49.18 21.99
C HIS E 330 -25.18 -49.21 23.24
N ASN E 331 -26.47 -48.88 23.14
CA ASN E 331 -27.32 -48.85 24.32
C ASN E 331 -28.67 -49.48 24.01
N ASN E 332 -28.65 -50.58 23.26
CA ASN E 332 -29.84 -51.40 23.04
C ASN E 332 -30.95 -50.61 22.36
N GLY E 333 -30.57 -49.74 21.43
CA GLY E 333 -31.53 -48.90 20.74
C GLY E 333 -32.06 -47.72 21.52
N LYS E 334 -31.67 -47.55 22.78
CA LYS E 334 -32.17 -46.42 23.57
C LYS E 334 -31.44 -45.13 23.21
N LEU E 335 -32.20 -44.05 23.10
CA LEU E 335 -31.64 -42.72 22.97
C LEU E 335 -31.19 -42.21 24.33
N PRO E 336 -30.21 -41.30 24.37
CA PRO E 336 -29.80 -40.74 25.66
C PRO E 336 -30.92 -39.91 26.28
N THR E 337 -30.95 -39.89 27.61
CA THR E 337 -31.91 -39.08 28.34
C THR E 337 -31.31 -37.79 28.88
N LYS E 338 -30.02 -37.56 28.68
CA LYS E 338 -29.39 -36.30 29.02
C LYS E 338 -28.26 -36.06 28.04
N ILE E 339 -28.06 -34.81 27.67
CA ILE E 339 -27.03 -34.43 26.72
C ILE E 339 -26.21 -33.29 27.33
N MET E 340 -24.89 -33.43 27.27
CA MET E 340 -23.97 -32.38 27.69
C MET E 340 -23.21 -31.91 26.45
N TYR E 341 -23.32 -30.62 26.17
CA TYR E 341 -22.74 -30.02 24.97
C TYR E 341 -21.55 -29.15 25.36
N PHE E 342 -20.33 -29.62 25.12
CA PHE E 342 -19.14 -28.81 25.37
C PHE E 342 -18.78 -28.04 24.10
N ARG E 343 -18.73 -26.72 24.20
CA ARG E 343 -18.47 -25.87 23.05
C ARG E 343 -17.14 -25.18 23.25
N ASP E 344 -16.19 -25.44 22.34
CA ASP E 344 -14.86 -24.89 22.51
C ASP E 344 -14.66 -23.56 21.78
N GLY E 345 -13.85 -22.69 22.39
CA GLY E 345 -13.23 -21.61 21.66
C GLY E 345 -14.23 -20.58 21.18
N VAL E 346 -14.83 -19.90 22.14
CA VAL E 346 -15.84 -18.91 21.87
C VAL E 346 -15.55 -17.76 22.82
N SER E 347 -15.81 -16.55 22.38
CA SER E 347 -15.61 -15.40 23.24
C SER E 347 -16.92 -14.99 23.88
N VAL E 348 -16.79 -14.20 24.96
CA VAL E 348 -17.95 -13.81 25.76
C VAL E 348 -19.02 -13.16 24.90
N ASP E 349 -18.63 -12.38 23.90
CA ASP E 349 -19.60 -11.66 23.09
C ASP E 349 -20.39 -12.57 22.15
N GLN E 350 -20.01 -13.85 22.05
CA GLN E 350 -20.73 -14.81 21.21
C GLN E 350 -21.60 -15.76 22.03
N PHE E 351 -21.56 -15.65 23.35
CA PHE E 351 -22.30 -16.55 24.23
C PHE E 351 -23.78 -16.59 23.90
N SER E 352 -24.40 -15.41 23.78
CA SER E 352 -25.83 -15.34 23.51
C SER E 352 -26.17 -16.05 22.20
N GLN E 353 -25.30 -15.91 21.19
CA GLN E 353 -25.54 -16.54 19.90
C GLN E 353 -25.35 -18.05 19.97
N VAL E 354 -24.44 -18.52 20.81
CA VAL E 354 -24.28 -19.97 20.98
C VAL E 354 -25.57 -20.57 21.52
N VAL E 355 -26.21 -19.91 22.48
CA VAL E 355 -27.44 -20.44 23.05
C VAL E 355 -28.58 -20.28 22.06
N LYS E 356 -28.75 -19.06 21.52
CA LYS E 356 -29.87 -18.77 20.62
C LYS E 356 -29.78 -19.54 19.30
N ILE E 357 -28.58 -19.92 18.87
CA ILE E 357 -28.38 -20.57 17.58
C ILE E 357 -27.99 -22.04 17.74
N GLU E 358 -26.86 -22.31 18.41
CA GLU E 358 -26.35 -23.68 18.45
C GLU E 358 -27.18 -24.57 19.36
N VAL E 359 -27.42 -24.14 20.60
CA VAL E 359 -28.24 -24.94 21.51
C VAL E 359 -29.63 -25.13 20.92
N LYS E 360 -30.21 -24.07 20.37
CA LYS E 360 -31.51 -24.19 19.71
C LYS E 360 -31.46 -25.21 18.59
N SER E 361 -30.39 -25.20 17.80
CA SER E 361 -30.24 -26.16 16.70
C SER E 361 -30.18 -27.58 17.22
N ILE E 362 -29.42 -27.81 18.29
CA ILE E 362 -29.37 -29.13 18.89
C ILE E 362 -30.75 -29.57 19.36
N LYS E 363 -31.42 -28.71 20.13
CA LYS E 363 -32.70 -29.13 20.70
C LYS E 363 -33.72 -29.39 19.59
N GLU E 364 -33.76 -28.55 18.56
CA GLU E 364 -34.71 -28.79 17.49
C GLU E 364 -34.32 -29.99 16.66
N SER E 365 -33.02 -30.20 16.42
CA SER E 365 -32.60 -31.36 15.64
C SER E 365 -32.92 -32.66 16.35
N VAL E 366 -32.72 -32.71 17.67
CA VAL E 366 -33.00 -33.97 18.34
C VAL E 366 -34.50 -34.22 18.44
N ARG E 367 -35.31 -33.15 18.57
CA ARG E 367 -36.76 -33.35 18.56
C ARG E 367 -37.24 -33.89 17.22
N LYS E 368 -36.52 -33.57 16.14
CA LYS E 368 -36.83 -34.12 14.81
C LYS E 368 -36.26 -35.53 14.63
N PHE E 369 -34.98 -35.72 14.95
CA PHE E 369 -34.36 -37.02 14.71
C PHE E 369 -34.87 -38.08 15.66
N GLY E 370 -35.22 -37.70 16.89
CA GLY E 370 -35.61 -38.65 17.92
C GLY E 370 -36.69 -39.61 17.46
N PRO E 371 -37.84 -39.07 17.05
CA PRO E 371 -38.93 -39.95 16.60
C PRO E 371 -38.60 -40.78 15.37
N GLN E 372 -37.73 -40.33 14.48
CA GLN E 372 -37.40 -41.20 13.36
C GLN E 372 -36.42 -42.29 13.72
N LEU E 373 -35.80 -42.23 14.90
CA LEU E 373 -34.91 -43.30 15.35
C LEU E 373 -35.53 -44.19 16.41
N ASN E 374 -36.58 -43.75 17.09
CA ASN E 374 -37.12 -44.48 18.23
C ASN E 374 -38.51 -45.08 17.99
N GLY E 375 -38.97 -45.12 16.73
CA GLY E 375 -40.29 -45.65 16.44
C GLY E 375 -41.43 -44.67 16.56
N GLY E 376 -41.17 -43.39 16.37
CA GLY E 376 -42.21 -42.38 16.30
C GLY E 376 -42.60 -41.72 17.59
N ASN E 377 -41.78 -41.80 18.63
CA ASN E 377 -42.14 -41.25 19.93
C ASN E 377 -41.44 -39.92 20.20
N LYS E 378 -42.11 -39.07 20.96
CA LYS E 378 -41.60 -37.75 21.29
C LYS E 378 -40.23 -37.85 21.96
N TYR E 379 -39.34 -36.93 21.63
CA TYR E 379 -37.98 -36.97 22.17
C TYR E 379 -37.48 -35.55 22.34
N ASP E 380 -37.19 -35.17 23.58
CA ASP E 380 -36.78 -33.81 23.89
C ASP E 380 -35.95 -33.85 25.17
N PRO E 381 -34.77 -34.46 25.12
CA PRO E 381 -34.01 -34.68 26.35
C PRO E 381 -33.41 -33.38 26.84
N PRO E 382 -33.15 -33.25 28.14
CA PRO E 382 -32.56 -32.01 28.67
C PRO E 382 -31.09 -31.86 28.31
N VAL E 383 -30.71 -30.62 27.99
CA VAL E 383 -29.37 -30.30 27.49
C VAL E 383 -28.67 -29.38 28.47
N THR E 384 -27.39 -29.66 28.75
CA THR E 384 -26.50 -28.71 29.42
C THR E 384 -25.39 -28.30 28.45
N CYS E 385 -25.19 -27.01 28.30
CA CYS E 385 -24.14 -26.47 27.45
C CYS E 385 -23.06 -25.84 28.32
N ILE E 386 -21.81 -26.23 28.09
CA ILE E 386 -20.66 -25.66 28.77
C ILE E 386 -19.69 -25.16 27.71
N ALA E 387 -19.39 -23.87 27.73
CA ALA E 387 -18.41 -23.30 26.81
C ALA E 387 -17.07 -23.16 27.50
N THR E 388 -16.00 -23.39 26.75
CA THR E 388 -14.64 -23.24 27.26
C THR E 388 -13.93 -22.18 26.45
N VAL E 389 -13.30 -21.25 27.16
CA VAL E 389 -12.23 -20.45 26.59
C VAL E 389 -10.95 -20.95 27.25
N LYS E 390 -10.19 -21.78 26.54
CA LYS E 390 -8.98 -22.33 27.14
C LYS E 390 -7.79 -21.40 26.99
N ARG E 391 -7.89 -20.36 26.16
CA ARG E 391 -6.86 -19.33 26.02
C ARG E 391 -7.47 -18.00 26.49
N ASN E 392 -7.07 -17.60 27.68
CA ASN E 392 -7.51 -16.38 28.35
C ASN E 392 -6.31 -15.82 29.09
N GLN E 393 -6.42 -14.60 29.58
CA GLN E 393 -5.25 -13.98 30.19
C GLN E 393 -5.14 -14.21 31.69
N VAL E 394 -6.10 -14.91 32.29
CA VAL E 394 -6.08 -15.15 33.73
C VAL E 394 -4.99 -16.15 34.07
N ARG E 395 -4.19 -15.83 35.09
CA ARG E 395 -3.12 -16.71 35.56
C ARG E 395 -3.22 -16.88 37.06
N PHE E 396 -2.92 -18.09 37.53
CA PHE E 396 -2.98 -18.45 38.93
C PHE E 396 -1.56 -18.74 39.41
N ILE E 397 -1.18 -18.14 40.53
CA ILE E 397 0.13 -18.34 41.13
C ILE E 397 -0.07 -18.88 42.53
N PRO E 398 0.57 -19.98 42.90
CA PRO E 398 0.40 -20.50 44.26
C PRO E 398 0.99 -19.55 45.28
N ILE E 399 0.42 -19.60 46.49
CA ILE E 399 0.92 -18.84 47.62
C ILE E 399 1.59 -19.74 48.65
N GLN E 400 1.11 -20.97 48.79
CA GLN E 400 1.57 -21.89 49.82
C GLN E 400 2.09 -23.15 49.16
N GLU E 401 2.93 -23.87 49.89
CA GLU E 401 3.29 -25.20 49.47
C GLU E 401 2.26 -26.22 49.94
N ASN E 402 1.77 -26.09 51.17
CA ASN E 402 0.78 -26.99 51.71
C ASN E 402 -0.43 -26.22 52.22
N ALA E 403 -1.53 -26.95 52.35
CA ALA E 403 -2.74 -26.51 53.01
C ALA E 403 -3.44 -27.74 53.57
N LYS E 404 -4.34 -27.52 54.53
CA LYS E 404 -5.09 -28.63 55.10
C LYS E 404 -6.20 -29.05 54.14
N ASN E 405 -6.26 -30.35 53.84
CA ASN E 405 -7.29 -30.90 52.99
C ASN E 405 -8.52 -31.21 53.84
N GLU E 406 -9.50 -31.91 53.25
CA GLU E 406 -10.76 -32.12 53.95
C GLU E 406 -10.58 -33.04 55.16
N LYS E 407 -9.64 -33.97 55.09
CA LYS E 407 -9.33 -34.82 56.24
C LYS E 407 -8.44 -34.13 57.26
N GLY E 408 -8.10 -32.86 57.08
CA GLY E 408 -7.22 -32.18 58.00
C GLY E 408 -5.72 -32.38 57.78
N GLU E 409 -5.34 -33.17 56.77
CA GLU E 409 -3.93 -33.41 56.48
C GLU E 409 -3.31 -32.20 55.77
N GLU E 410 -2.11 -31.83 56.20
CA GLU E 410 -1.36 -30.75 55.58
C GLU E 410 -0.75 -31.28 54.28
N VAL E 411 -1.14 -30.70 53.14
CA VAL E 411 -0.92 -31.39 51.87
C VAL E 411 -0.54 -30.42 50.76
N ALA E 412 0.20 -30.94 49.78
CA ALA E 412 0.68 -30.14 48.66
C ALA E 412 -0.47 -29.50 47.89
N VAL E 413 -0.35 -28.20 47.62
CA VAL E 413 -1.35 -27.47 46.86
C VAL E 413 -0.69 -26.78 45.68
N GLN E 414 0.56 -27.13 45.39
CA GLN E 414 1.19 -26.64 44.18
C GLN E 414 2.11 -27.70 43.61
N SER E 415 2.42 -27.58 42.33
CA SER E 415 3.22 -28.59 41.64
C SER E 415 3.94 -27.93 40.47
N MET E 416 5.22 -28.21 40.32
CA MET E 416 5.98 -27.66 39.20
C MET E 416 5.88 -26.15 39.18
N GLY E 417 5.90 -25.53 40.37
CA GLY E 417 5.80 -24.10 40.47
C GLY E 417 4.45 -23.53 40.12
N ASN E 418 3.45 -24.36 39.84
CA ASN E 418 2.14 -23.87 39.46
C ASN E 418 1.11 -24.32 40.47
N VAL E 419 -0.09 -23.75 40.39
CA VAL E 419 -1.14 -24.24 41.29
C VAL E 419 -1.39 -25.71 41.02
N MET E 420 -1.88 -26.41 42.02
CA MET E 420 -2.18 -27.82 41.89
C MET E 420 -3.23 -28.03 40.80
N PRO E 421 -3.07 -29.03 39.94
CA PRO E 421 -4.28 -29.51 39.25
C PRO E 421 -5.24 -30.19 40.25
N GLY E 422 -6.56 -30.21 40.11
CA GLY E 422 -7.39 -29.26 39.45
C GLY E 422 -7.89 -28.24 40.47
N THR E 423 -7.16 -27.14 40.49
CA THR E 423 -7.55 -25.95 41.21
C THR E 423 -8.76 -25.33 40.52
N VAL E 424 -9.82 -25.10 41.29
CA VAL E 424 -11.02 -24.43 40.83
C VAL E 424 -11.04 -23.04 41.46
N VAL E 425 -11.33 -22.02 40.66
CA VAL E 425 -11.61 -20.69 41.19
C VAL E 425 -12.96 -20.28 40.62
N ASP E 426 -13.94 -20.02 41.49
CA ASP E 426 -15.22 -19.53 40.98
C ASP E 426 -15.75 -18.36 41.80
N ARG E 427 -14.91 -17.76 42.63
CA ARG E 427 -15.21 -16.53 43.33
C ARG E 427 -14.27 -15.42 42.87
N GLY E 428 -14.71 -14.19 43.05
CA GLY E 428 -13.84 -13.02 42.88
C GLY E 428 -13.58 -12.58 41.47
N ILE E 429 -13.25 -13.51 40.59
CA ILE E 429 -12.93 -13.19 39.21
C ILE E 429 -13.96 -13.74 38.26
N THR E 430 -15.07 -14.25 38.77
CA THR E 430 -16.17 -14.77 37.98
C THR E 430 -17.31 -13.77 37.92
N SER E 431 -18.31 -14.11 37.09
CA SER E 431 -19.53 -13.33 37.00
C SER E 431 -20.42 -13.63 38.20
N VAL E 432 -21.02 -12.59 38.77
CA VAL E 432 -22.01 -12.82 39.81
C VAL E 432 -23.36 -13.19 39.20
N ALA E 433 -23.66 -12.71 38.02
CA ALA E 433 -24.95 -12.99 37.40
C ALA E 433 -24.94 -14.26 36.55
N HIS E 434 -23.82 -14.57 35.92
CA HIS E 434 -23.77 -15.71 35.03
C HIS E 434 -22.94 -16.82 35.65
N PHE E 435 -22.88 -17.95 34.96
CA PHE E 435 -22.56 -19.23 35.58
C PHE E 435 -21.21 -19.73 35.09
N ASP E 436 -20.13 -19.08 35.56
CA ASP E 436 -18.78 -19.40 35.10
C ASP E 436 -17.88 -19.79 36.26
N PHE E 437 -16.80 -20.50 35.92
CA PHE E 437 -15.78 -20.91 36.89
C PHE E 437 -14.49 -21.20 36.13
N PHE E 438 -13.38 -21.25 36.87
CA PHE E 438 -12.09 -21.62 36.32
C PHE E 438 -11.63 -22.94 36.90
N ILE E 439 -10.99 -23.78 36.07
CA ILE E 439 -10.30 -24.95 36.56
C ILE E 439 -8.98 -25.07 35.82
N GLN E 440 -7.91 -25.22 36.58
CA GLN E 440 -6.60 -25.57 36.04
C GLN E 440 -6.44 -27.07 36.31
N SER E 441 -6.70 -27.88 35.31
CA SER E 441 -6.80 -29.32 35.51
C SER E 441 -5.50 -30.07 35.26
N HIS E 442 -4.48 -29.43 34.68
CA HIS E 442 -3.31 -30.12 34.18
C HIS E 442 -2.07 -29.75 34.98
N GLN E 443 -1.04 -30.60 34.85
CA GLN E 443 0.29 -30.19 35.27
C GLN E 443 0.87 -29.21 34.26
N ALA E 444 1.46 -28.12 34.74
CA ALA E 444 2.15 -27.17 33.89
C ALA E 444 3.58 -27.66 33.73
N LEU E 445 3.81 -28.55 32.75
CA LEU E 445 5.13 -29.13 32.55
C LEU E 445 6.16 -28.09 32.12
N LYS E 446 5.70 -27.03 31.48
CA LYS E 446 6.56 -25.95 31.04
C LYS E 446 5.81 -24.65 31.21
N GLY E 447 6.53 -23.59 31.57
CA GLY E 447 5.92 -22.27 31.61
C GLY E 447 4.92 -22.11 32.76
N THR E 448 4.06 -21.10 32.61
CA THR E 448 3.01 -20.82 33.58
C THR E 448 1.71 -21.40 33.05
N GLY E 449 1.05 -22.24 33.84
CA GLY E 449 -0.14 -22.92 33.37
C GLY E 449 -1.25 -21.93 33.06
N VAL E 450 -2.10 -22.32 32.12
CA VAL E 450 -3.25 -21.50 31.72
C VAL E 450 -4.51 -22.24 32.16
N PRO E 451 -5.28 -21.71 33.09
CA PRO E 451 -6.53 -22.38 33.47
C PRO E 451 -7.55 -22.27 32.35
N CYS E 452 -8.45 -23.23 32.32
CA CYS E 452 -9.59 -23.16 31.43
C CYS E 452 -10.70 -22.34 32.10
N HIS E 453 -11.31 -21.46 31.33
CA HIS E 453 -12.45 -20.67 31.82
C HIS E 453 -13.73 -21.30 31.28
N TYR E 454 -14.55 -21.84 32.17
CA TYR E 454 -15.79 -22.50 31.80
C TYR E 454 -16.99 -21.60 32.03
N TRP E 455 -17.93 -21.62 31.09
CA TRP E 455 -19.23 -20.96 31.26
C TRP E 455 -20.31 -22.01 31.00
N CYS E 456 -21.21 -22.20 31.96
CA CYS E 456 -22.41 -22.96 31.70
C CYS E 456 -23.42 -21.99 31.10
N LEU E 457 -23.63 -22.09 29.80
CA LEU E 457 -24.47 -21.13 29.08
C LEU E 457 -25.93 -21.53 29.08
N TYR E 458 -26.22 -22.80 29.36
CA TYR E 458 -27.57 -23.30 29.22
C TYR E 458 -27.67 -24.61 29.98
N ASP E 459 -28.72 -24.77 30.78
CA ASP E 459 -28.79 -25.95 31.64
C ASP E 459 -30.25 -26.32 31.86
N GLU E 460 -30.62 -27.53 31.42
CA GLU E 460 -31.92 -28.10 31.71
C GLU E 460 -31.81 -29.24 32.69
N ASN E 461 -30.63 -29.45 33.27
CA ASN E 461 -30.41 -30.63 34.10
C ASN E 461 -30.25 -30.28 35.57
N GLN E 462 -30.58 -29.03 35.95
CA GLN E 462 -30.49 -28.57 37.34
C GLN E 462 -29.11 -28.82 37.93
N SER E 463 -28.09 -28.32 37.24
CA SER E 463 -26.71 -28.63 37.57
C SER E 463 -26.20 -27.66 38.62
N THR E 464 -25.57 -28.20 39.66
CA THR E 464 -24.86 -27.42 40.65
C THR E 464 -23.43 -27.15 40.17
N SER E 465 -22.80 -26.13 40.77
CA SER E 465 -21.38 -25.88 40.51
C SER E 465 -20.53 -27.09 40.87
N ASP E 466 -20.79 -27.72 42.02
CA ASP E 466 -19.98 -28.87 42.41
C ASP E 466 -20.09 -29.98 41.39
N TYR E 467 -21.29 -30.20 40.84
CA TYR E 467 -21.46 -31.25 39.85
C TYR E 467 -20.73 -30.89 38.56
N LEU E 468 -20.98 -29.69 38.02
CA LEU E 468 -20.31 -29.31 36.77
C LEU E 468 -18.79 -29.27 36.93
N GLN E 469 -18.31 -28.77 38.06
CA GLN E 469 -16.86 -28.69 38.26
C GLN E 469 -16.22 -30.07 38.32
N GLU E 470 -16.89 -31.03 38.94
CA GLU E 470 -16.33 -32.38 39.02
C GLU E 470 -16.35 -33.08 37.67
N ILE E 471 -17.43 -32.89 36.92
CA ILE E 471 -17.54 -33.44 35.55
C ILE E 471 -16.43 -32.88 34.68
N CYS E 472 -16.25 -31.57 34.71
CA CYS E 472 -15.27 -30.91 33.86
C CYS E 472 -13.86 -31.37 34.20
N ASN E 473 -13.52 -31.38 35.50
CA ASN E 473 -12.20 -31.82 35.90
C ASN E 473 -12.00 -33.29 35.56
N ASN E 474 -13.00 -34.13 35.85
CA ASN E 474 -12.90 -35.56 35.55
C ASN E 474 -12.67 -35.81 34.06
N LEU E 475 -13.38 -35.07 33.20
CA LEU E 475 -13.22 -35.29 31.76
C LEU E 475 -11.83 -34.91 31.25
N CYS E 476 -11.01 -34.24 32.06
CA CYS E 476 -9.65 -33.93 31.65
C CYS E 476 -8.70 -35.12 31.85
N TYR E 477 -9.13 -36.17 32.55
CA TYR E 477 -8.30 -37.35 32.80
C TYR E 477 -8.53 -38.48 31.81
N ILE E 478 -9.43 -38.32 30.83
CA ILE E 478 -9.67 -39.40 29.87
C ILE E 478 -9.44 -38.90 28.44
N PHE E 479 -8.45 -38.04 28.27
CA PHE E 479 -7.93 -37.78 26.93
C PHE E 479 -7.09 -38.99 26.53
N GLY E 480 -7.61 -39.80 25.60
CA GLY E 480 -7.17 -41.18 25.39
C GLY E 480 -5.75 -41.37 24.85
N ARG E 481 -5.11 -40.34 24.31
CA ARG E 481 -3.77 -40.53 23.75
C ARG E 481 -2.67 -39.94 24.63
N SER E 482 -3.00 -39.52 25.84
CA SER E 482 -1.98 -39.03 26.75
C SER E 482 -2.15 -39.68 28.10
N THR E 483 -1.03 -39.78 28.83
CA THR E 483 -1.03 -40.28 30.20
C THR E 483 -1.02 -39.14 31.18
N THR E 484 -1.82 -38.10 30.92
CA THR E 484 -1.86 -36.91 31.73
C THR E 484 -3.29 -36.40 31.75
N SER E 485 -3.59 -35.58 32.75
CA SER E 485 -4.81 -34.82 32.67
C SER E 485 -4.54 -33.60 31.82
N VAL E 486 -5.43 -33.30 30.90
CA VAL E 486 -5.21 -32.24 29.95
C VAL E 486 -5.93 -30.98 30.42
N LYS E 487 -5.63 -29.87 29.76
CA LYS E 487 -6.04 -28.53 30.22
C LYS E 487 -7.51 -28.27 29.95
N VAL E 488 -8.19 -29.16 29.24
CA VAL E 488 -9.57 -28.90 28.83
C VAL E 488 -10.24 -30.27 28.79
N PRO E 489 -11.56 -30.38 28.98
CA PRO E 489 -12.19 -31.70 28.94
C PRO E 489 -11.88 -32.40 27.62
N ALA E 490 -11.63 -33.71 27.70
CA ALA E 490 -11.37 -34.53 26.52
C ALA E 490 -12.31 -34.27 25.35
N PRO E 491 -13.64 -34.17 25.51
CA PRO E 491 -14.48 -33.90 24.34
C PRO E 491 -14.10 -32.64 23.62
N VAL E 492 -13.62 -31.63 24.34
CA VAL E 492 -13.20 -30.39 23.72
C VAL E 492 -11.94 -30.61 22.89
N TYR E 493 -10.96 -31.28 23.49
CA TYR E 493 -9.72 -31.58 22.78
C TYR E 493 -10.02 -32.44 21.56
N TYR E 494 -10.94 -33.42 21.70
CA TYR E 494 -11.28 -34.27 20.56
C TYR E 494 -11.92 -33.46 19.43
N ALA E 495 -12.81 -32.54 19.77
CA ALA E 495 -13.45 -31.75 18.72
C ALA E 495 -12.43 -30.85 18.02
N ASP E 496 -11.51 -30.26 18.78
CA ASP E 496 -10.43 -29.48 18.16
C ASP E 496 -9.66 -30.34 17.16
N LEU E 497 -9.33 -31.56 17.55
CA LEU E 497 -8.50 -32.40 16.71
C LEU E 497 -9.25 -32.83 15.46
N LEU E 498 -10.55 -33.08 15.59
CA LEU E 498 -11.35 -33.41 14.41
C LEU E 498 -11.41 -32.24 13.44
N CYS E 499 -11.57 -31.01 13.97
CA CYS E 499 -11.55 -29.82 13.12
C CYS E 499 -10.25 -29.74 12.34
N THR E 500 -9.13 -29.98 13.01
CA THR E 500 -7.84 -29.96 12.36
C THR E 500 -7.73 -31.04 11.29
N ARG E 501 -8.17 -32.27 11.59
CA ARG E 501 -8.12 -33.31 10.56
C ARG E 501 -8.99 -32.94 9.37
N ALA E 502 -10.20 -32.40 9.64
CA ALA E 502 -11.06 -31.94 8.55
C ALA E 502 -10.37 -30.87 7.73
N THR E 503 -9.59 -30.01 8.39
CA THR E 503 -8.83 -28.99 7.66
C THR E 503 -7.79 -29.63 6.75
N CYS E 504 -7.13 -30.71 7.21
CA CYS E 504 -6.25 -31.48 6.32
C CYS E 504 -6.98 -31.92 5.08
N PHE E 505 -8.19 -32.48 5.25
CA PHE E 505 -8.98 -32.92 4.11
C PHE E 505 -9.28 -31.76 3.16
N PHE E 506 -9.75 -30.64 3.71
CA PHE E 506 -10.02 -29.45 2.91
C PHE E 506 -8.78 -29.02 2.13
N LYS E 507 -7.66 -28.86 2.83
CA LYS E 507 -6.46 -28.39 2.15
C LYS E 507 -5.95 -29.38 1.11
N ALA E 508 -6.09 -30.68 1.36
CA ALA E 508 -5.48 -31.66 0.45
C ALA E 508 -6.19 -31.70 -0.90
N GLY E 509 -7.46 -31.34 -0.94
CA GLY E 509 -8.21 -31.30 -2.17
C GLY E 509 -8.41 -29.92 -2.75
N PHE E 510 -7.96 -28.87 -2.07
CA PHE E 510 -8.39 -27.52 -2.42
C PHE E 510 -7.85 -27.08 -3.78
N GLU E 511 -6.58 -27.36 -4.07
CA GLU E 511 -6.02 -26.91 -5.36
C GLU E 511 -6.78 -27.50 -6.54
N LEU E 512 -7.00 -28.81 -6.52
CA LEU E 512 -7.75 -29.44 -7.58
C LEU E 512 -9.20 -28.96 -7.59
N ASN E 513 -9.79 -28.78 -6.41
CA ASN E 513 -11.17 -28.28 -6.37
C ASN E 513 -11.27 -26.88 -6.99
N MET E 514 -10.29 -26.03 -6.73
CA MET E 514 -10.30 -24.68 -7.29
C MET E 514 -10.09 -24.70 -8.80
N ALA E 515 -9.23 -25.59 -9.29
CA ALA E 515 -9.00 -25.69 -10.73
C ALA E 515 -10.26 -26.10 -11.46
N GLN E 516 -11.04 -27.01 -10.88
CA GLN E 516 -12.24 -27.57 -11.49
C GLN E 516 -13.49 -26.73 -11.23
N ALA E 517 -13.34 -25.47 -10.85
CA ALA E 517 -14.49 -24.59 -10.63
C ALA E 517 -15.03 -24.05 -11.96
N THR E 528 -19.01 -20.74 -4.71
CA THR E 528 -19.04 -21.23 -6.08
C THR E 528 -18.90 -22.75 -6.14
N VAL E 529 -18.11 -23.32 -5.22
CA VAL E 529 -17.89 -24.76 -5.15
C VAL E 529 -18.66 -25.34 -3.97
N SER E 530 -19.29 -26.49 -4.19
CA SER E 530 -20.17 -27.12 -3.21
C SER E 530 -19.41 -27.61 -1.97
N LYS E 531 -20.10 -27.53 -0.82
CA LYS E 531 -19.53 -27.98 0.45
C LYS E 531 -19.01 -29.41 0.38
N ASN E 532 -19.82 -30.32 -0.17
CA ASN E 532 -19.45 -31.73 -0.26
C ASN E 532 -18.30 -31.95 -1.24
N VAL E 533 -18.09 -31.02 -2.17
CA VAL E 533 -16.90 -31.10 -3.01
C VAL E 533 -15.69 -30.53 -2.29
N LEU E 534 -15.87 -29.40 -1.61
CA LEU E 534 -14.75 -28.78 -0.90
C LEU E 534 -14.31 -29.65 0.27
N LEU E 535 -15.25 -30.28 0.95
CA LEU E 535 -14.97 -31.03 2.18
C LEU E 535 -15.89 -32.23 2.23
N PRO E 536 -15.54 -33.29 1.50
CA PRO E 536 -16.37 -34.50 1.51
C PRO E 536 -16.33 -35.17 2.87
N GLN E 537 -17.33 -36.02 3.09
CA GLN E 537 -17.36 -36.88 4.27
C GLN E 537 -16.41 -38.04 4.10
N VAL E 538 -15.88 -38.53 5.23
CA VAL E 538 -14.93 -39.64 5.17
C VAL E 538 -15.67 -40.89 4.71
N ASN E 539 -14.91 -41.81 4.12
CA ASN E 539 -15.34 -43.19 3.92
C ASN E 539 -16.17 -43.69 5.10
N ASP E 540 -17.26 -44.39 4.79
CA ASP E 540 -18.17 -44.84 5.85
C ASP E 540 -17.51 -45.80 6.82
N ASN E 541 -16.44 -46.49 6.41
CA ASN E 541 -15.75 -47.42 7.29
C ASN E 541 -15.21 -46.77 8.56
N ILE E 542 -14.98 -45.45 8.57
CA ILE E 542 -14.34 -44.78 9.70
C ILE E 542 -15.21 -43.67 10.28
N LYS E 543 -16.46 -43.55 9.82
CA LYS E 543 -17.37 -42.55 10.37
C LYS E 543 -17.60 -42.75 11.87
N SER E 544 -17.49 -43.99 12.36
CA SER E 544 -17.62 -44.29 13.78
C SER E 544 -16.28 -44.58 14.45
N VAL E 545 -15.19 -44.17 13.82
CA VAL E 545 -13.83 -44.38 14.32
C VAL E 545 -13.24 -43.03 14.69
N MET E 546 -12.42 -42.99 15.74
CA MET E 546 -11.66 -41.77 16.06
C MET E 546 -10.43 -41.69 15.15
N TYR E 547 -10.67 -41.54 13.84
CA TYR E 547 -9.57 -41.51 12.89
C TYR E 547 -8.70 -40.27 13.07
N TYR E 548 -9.21 -39.26 13.78
CA TYR E 548 -8.53 -37.98 14.01
C TYR E 548 -7.58 -38.01 15.18
N ILE E 549 -7.56 -39.07 15.97
CA ILE E 549 -6.76 -39.08 17.19
C ILE E 549 -5.29 -39.37 16.90
N SER G 1 0.44 38.46 -15.46
CA SER G 1 -0.76 37.72 -15.05
C SER G 1 -1.87 38.71 -14.63
N ILE G 2 -3.12 38.28 -14.73
CA ILE G 2 -4.29 39.12 -14.45
C ILE G 2 -5.19 38.36 -13.49
N TYR G 3 -6.05 39.12 -12.80
CA TYR G 3 -7.14 38.53 -12.02
C TYR G 3 -8.23 38.05 -12.97
N LYS G 4 -8.41 36.75 -13.07
CA LYS G 4 -9.41 36.20 -13.99
C LYS G 4 -9.97 34.92 -13.40
N VAL G 5 -11.09 34.48 -13.98
CA VAL G 5 -11.72 33.23 -13.56
C VAL G 5 -10.86 32.05 -14.00
N GLU G 6 -10.62 31.12 -13.08
CA GLU G 6 -9.62 30.08 -13.28
C GLU G 6 -10.00 29.13 -14.41
N ASN G 7 -9.00 28.76 -15.20
CA ASN G 7 -9.13 27.71 -16.20
C ASN G 7 -9.30 26.35 -15.54
N ARG G 8 -10.05 25.45 -16.20
CA ARG G 8 -10.22 24.11 -15.66
C ARG G 8 -8.89 23.36 -15.64
N HIS G 9 -8.48 22.89 -14.46
CA HIS G 9 -7.24 22.14 -14.36
C HIS G 9 -7.38 20.73 -14.91
N ASP G 10 -8.53 20.10 -14.67
CA ASP G 10 -8.73 18.71 -14.99
C ASP G 10 -10.14 18.28 -14.62
N TYR G 11 -10.40 16.98 -14.69
CA TYR G 11 -11.62 16.35 -14.21
C TYR G 11 -11.26 15.37 -13.11
N GLY G 12 -12.23 15.07 -12.24
CA GLY G 12 -11.93 14.16 -11.15
C GLY G 12 -12.05 12.73 -11.58
N THR G 13 -11.55 11.84 -10.71
CA THR G 13 -11.47 10.42 -11.04
C THR G 13 -12.07 9.49 -9.97
N LYS G 14 -12.12 9.93 -8.72
CA LYS G 14 -12.40 9.03 -7.59
C LYS G 14 -13.89 8.69 -7.48
N GLY G 15 -14.17 7.60 -6.76
CA GLY G 15 -15.52 7.29 -6.31
C GLY G 15 -16.18 6.19 -7.12
N THR G 16 -17.33 5.72 -6.60
CA THR G 16 -18.12 4.72 -7.30
C THR G 16 -18.77 5.32 -8.53
N LYS G 17 -18.59 4.68 -9.69
CA LYS G 17 -19.13 5.19 -10.94
C LYS G 17 -20.55 4.70 -11.15
N VAL G 18 -21.44 5.61 -11.52
CA VAL G 18 -22.79 5.24 -11.94
C VAL G 18 -23.37 6.43 -12.69
N ASP G 19 -24.17 6.15 -13.71
CA ASP G 19 -24.87 7.21 -14.40
C ASP G 19 -26.06 7.67 -13.55
N ILE G 20 -26.43 8.94 -13.74
CA ILE G 20 -27.67 9.46 -13.18
C ILE G 20 -28.40 10.22 -14.28
N LEU G 21 -29.65 10.54 -14.00
CA LEU G 21 -30.46 11.33 -14.91
C LEU G 21 -30.49 12.77 -14.44
N THR G 22 -30.32 13.69 -15.37
CA THR G 22 -30.49 15.10 -15.08
C THR G 22 -31.42 15.66 -16.13
N GLY G 23 -31.90 16.89 -15.90
CA GLY G 23 -32.82 17.51 -16.85
C GLY G 23 -32.29 17.53 -18.28
N SER G 24 -30.98 17.54 -18.45
CA SER G 24 -30.37 17.54 -19.77
C SER G 24 -30.03 16.16 -20.29
N GLY G 25 -30.49 15.10 -19.61
CA GLY G 25 -30.22 13.74 -20.01
C GLY G 25 -29.33 13.01 -19.01
N ARG G 26 -28.85 11.86 -19.43
CA ARG G 26 -28.04 11.01 -18.56
C ARG G 26 -26.58 11.45 -18.57
N VAL G 27 -25.96 11.46 -17.40
CA VAL G 27 -24.55 11.87 -17.27
C VAL G 27 -23.84 10.92 -16.32
N PRO G 28 -22.53 10.77 -16.48
CA PRO G 28 -21.78 10.00 -15.49
C PRO G 28 -21.69 10.75 -14.17
N SER G 29 -21.73 9.99 -13.09
CA SER G 29 -21.51 10.53 -11.76
C SER G 29 -20.54 9.61 -11.03
N ARG G 30 -19.93 10.15 -9.99
CA ARG G 30 -18.99 9.42 -9.16
C ARG G 30 -19.38 9.74 -7.72
N ILE G 31 -19.53 8.71 -6.90
CA ILE G 31 -19.95 8.86 -5.52
C ILE G 31 -18.73 8.76 -4.63
N LEU G 32 -18.44 9.83 -3.88
CA LEU G 32 -17.29 9.82 -2.99
C LEU G 32 -17.68 9.20 -1.66
N ASP G 33 -16.74 8.46 -1.08
CA ASP G 33 -16.93 7.94 0.26
C ASP G 33 -17.13 9.08 1.24
N ALA G 34 -17.94 8.81 2.26
CA ALA G 34 -18.01 9.72 3.39
C ALA G 34 -16.67 9.74 4.12
N PRO G 35 -16.29 10.87 4.70
CA PRO G 35 -15.13 10.86 5.61
C PRO G 35 -15.49 10.15 6.89
N VAL G 36 -14.48 9.88 7.70
CA VAL G 36 -14.70 9.32 9.03
C VAL G 36 -15.14 10.42 9.98
N VAL G 37 -16.35 10.32 10.50
CA VAL G 37 -16.81 11.29 11.49
C VAL G 37 -16.25 10.89 12.85
N GLN G 38 -15.62 11.84 13.52
CA GLN G 38 -14.88 11.58 14.74
C GLN G 38 -15.64 12.15 15.94
N PHE G 39 -15.86 11.30 16.96
CA PHE G 39 -16.40 11.69 18.25
C PHE G 39 -15.29 11.59 19.28
N LYS G 40 -15.64 11.77 20.56
CA LYS G 40 -14.62 11.80 21.60
C LYS G 40 -13.85 10.48 21.66
N GLU G 41 -14.58 9.36 21.66
CA GLU G 41 -13.92 8.07 21.80
C GLU G 41 -14.49 7.06 20.81
N SER G 42 -15.08 7.51 19.72
CA SER G 42 -15.65 6.63 18.72
C SER G 42 -15.71 7.39 17.40
N THR G 43 -16.11 6.68 16.35
CA THR G 43 -16.22 7.25 15.03
C THR G 43 -17.51 6.77 14.39
N PHE G 44 -17.91 7.46 13.32
CA PHE G 44 -18.94 6.96 12.42
C PHE G 44 -18.34 6.97 11.02
N GLU G 45 -18.11 5.78 10.48
CA GLU G 45 -17.58 5.62 9.14
C GLU G 45 -18.61 4.83 8.35
N TYR G 46 -19.30 5.50 7.41
CA TYR G 46 -20.27 4.80 6.58
C TYR G 46 -19.57 3.78 5.70
N LYS G 47 -20.04 2.52 5.76
CA LYS G 47 -19.49 1.43 4.96
C LYS G 47 -20.50 1.03 3.91
N ASP G 48 -20.04 0.94 2.67
CA ASP G 48 -20.91 0.59 1.56
C ASP G 48 -21.65 -0.72 1.83
N LYS G 49 -22.93 -0.75 1.47
CA LYS G 49 -23.71 -1.97 1.52
C LYS G 49 -24.69 -1.96 0.35
N SER G 50 -25.14 -3.16 -0.02
CA SER G 50 -26.16 -3.28 -1.05
C SER G 50 -27.40 -2.51 -0.63
N TYR G 51 -28.08 -1.94 -1.62
CA TYR G 51 -29.39 -1.36 -1.40
C TYR G 51 -30.36 -2.44 -0.94
N GLY G 52 -31.41 -2.02 -0.21
CA GLY G 52 -32.46 -2.95 0.12
C GLY G 52 -32.86 -3.04 1.59
N THR G 53 -31.99 -2.60 2.49
CA THR G 53 -32.28 -2.60 3.92
C THR G 53 -32.18 -1.21 4.52
N LYS G 54 -32.18 -0.18 3.68
CA LYS G 54 -32.10 1.22 4.11
C LYS G 54 -30.80 1.55 4.85
N HIS G 55 -29.79 0.69 4.73
CA HIS G 55 -28.48 1.00 5.31
C HIS G 55 -27.94 2.33 4.77
N GLU G 56 -28.22 2.62 3.49
CA GLU G 56 -27.69 3.82 2.85
C GLU G 56 -28.20 5.10 3.49
N GLU G 57 -29.35 5.05 4.18
CA GLU G 57 -29.94 6.23 4.79
C GLU G 57 -29.11 6.76 5.95
N SER G 58 -28.15 5.98 6.45
CA SER G 58 -27.26 6.44 7.52
C SER G 58 -26.03 7.20 7.00
N LYS G 59 -25.73 7.15 5.70
CA LYS G 59 -24.58 7.92 5.21
C LYS G 59 -24.86 9.40 5.37
N GLY G 60 -23.98 10.11 6.06
CA GLY G 60 -24.18 11.53 6.34
C GLY G 60 -25.40 11.82 7.18
N ASN G 61 -25.77 10.88 8.05
CA ASN G 61 -27.02 10.95 8.78
C ASN G 61 -26.90 10.03 9.99
N TRP G 62 -26.34 10.54 11.06
CA TRP G 62 -26.06 9.79 12.26
C TRP G 62 -26.79 10.45 13.41
N ASN G 63 -26.52 10.00 14.62
CA ASN G 63 -27.00 10.68 15.81
C ASN G 63 -26.06 10.37 16.95
N MET G 64 -26.21 11.14 18.02
CA MET G 64 -25.22 11.12 19.10
C MET G 64 -25.40 9.97 20.07
N LYS G 65 -26.40 9.10 19.90
CA LYS G 65 -26.67 8.03 20.84
C LYS G 65 -25.44 7.19 21.04
N GLY G 66 -24.93 7.14 22.27
CA GLY G 66 -23.75 6.35 22.51
C GLY G 66 -22.43 7.00 22.15
N HIS G 67 -22.46 8.26 21.70
CA HIS G 67 -21.25 9.03 21.43
C HIS G 67 -21.17 10.21 22.37
N GLN G 68 -19.99 10.82 22.40
CA GLN G 68 -19.77 12.01 23.20
C GLN G 68 -19.06 13.07 22.37
N PHE G 69 -19.32 14.32 22.72
CA PHE G 69 -18.66 15.43 22.06
C PHE G 69 -17.16 15.33 22.28
N ILE G 70 -16.41 15.67 21.24
CA ILE G 70 -14.95 15.66 21.30
C ILE G 70 -14.45 16.48 22.48
N SER G 71 -15.02 17.66 22.67
CA SER G 71 -14.48 18.58 23.66
C SER G 71 -15.61 19.39 24.29
N THR G 72 -15.66 19.40 25.61
CA THR G 72 -16.70 20.08 26.39
C THR G 72 -16.01 20.85 27.50
N PRO G 73 -16.71 21.80 28.15
CA PRO G 73 -16.04 22.57 29.20
C PRO G 73 -15.46 21.68 30.28
N ALA G 74 -14.22 21.98 30.70
CA ALA G 74 -13.56 21.15 31.70
C ALA G 74 -14.24 21.24 33.05
N LYS G 75 -14.94 22.35 33.32
CA LYS G 75 -15.60 22.58 34.58
C LYS G 75 -17.10 22.80 34.37
N GLN G 76 -17.87 22.62 35.44
CA GLN G 76 -19.31 22.80 35.37
C GLN G 76 -19.66 24.25 35.03
N VAL G 77 -20.64 24.43 34.14
CA VAL G 77 -21.14 25.75 33.78
C VAL G 77 -22.53 25.95 34.39
N ASN G 78 -22.79 27.16 34.88
CA ASN G 78 -24.12 27.51 35.36
C ASN G 78 -25.02 27.85 34.17
N LEU G 79 -26.14 27.16 34.09
CA LEU G 79 -27.13 27.34 33.04
C LEU G 79 -28.35 27.99 33.68
N ARG G 80 -28.71 29.19 33.22
CA ARG G 80 -29.75 29.99 33.85
C ARG G 80 -30.91 30.16 32.88
N ALA G 81 -32.07 29.59 33.21
CA ALA G 81 -33.23 29.75 32.35
C ALA G 81 -33.84 31.13 32.55
N ILE G 82 -34.07 31.83 31.45
CA ILE G 82 -34.75 33.13 31.51
C ILE G 82 -35.96 33.03 30.60
N PHE G 83 -37.15 32.94 31.20
CA PHE G 83 -38.38 32.80 30.44
C PHE G 83 -38.78 34.17 29.89
N ILE G 84 -38.82 34.29 28.58
CA ILE G 84 -39.19 35.53 27.92
C ILE G 84 -40.66 35.42 27.56
N ASN G 85 -41.52 36.09 28.32
CA ASN G 85 -42.97 35.94 28.14
C ASN G 85 -43.41 36.93 27.07
N ASN G 86 -43.14 36.58 25.81
CA ASN G 86 -43.47 37.47 24.70
C ASN G 86 -44.93 37.26 24.27
N ALA G 87 -45.82 37.50 25.21
CA ALA G 87 -47.26 37.50 25.01
C ALA G 87 -47.84 38.45 26.05
N ASN G 88 -49.11 38.84 25.88
CA ASN G 88 -49.67 39.84 26.78
C ASN G 88 -50.44 39.23 27.95
N THR G 89 -50.45 37.91 28.08
CA THR G 89 -51.04 37.25 29.23
C THR G 89 -49.93 36.74 30.13
N ALA G 90 -50.26 36.56 31.41
CA ALA G 90 -49.33 35.82 32.24
C ALA G 90 -49.21 34.40 31.70
N PRO G 91 -48.07 33.76 31.87
CA PRO G 91 -47.96 32.35 31.53
C PRO G 91 -48.74 31.53 32.54
N PRO G 92 -49.02 30.26 32.24
CA PRO G 92 -49.74 29.42 33.20
C PRO G 92 -49.00 29.35 34.53
N ALA G 93 -49.77 29.27 35.62
CA ALA G 93 -49.17 29.30 36.95
C ALA G 93 -48.21 28.13 37.18
N SER G 94 -48.42 27.03 36.47
CA SER G 94 -47.54 25.87 36.55
C SER G 94 -46.25 26.04 35.75
N MET G 95 -46.05 27.15 35.05
CA MET G 95 -44.97 27.18 34.07
C MET G 95 -43.62 27.10 34.75
N GLU G 96 -43.45 27.84 35.85
CA GLU G 96 -42.16 27.91 36.51
C GLU G 96 -41.73 26.53 37.01
N SER G 97 -42.67 25.75 37.54
CA SER G 97 -42.26 24.45 38.02
C SER G 97 -42.13 23.48 36.85
N GLU G 98 -42.94 23.65 35.80
CA GLU G 98 -42.74 22.82 34.62
C GLU G 98 -41.39 23.10 33.96
N LEU G 99 -40.99 24.38 33.93
CA LEU G 99 -39.70 24.74 33.34
C LEU G 99 -38.53 24.25 34.20
N ASP G 100 -38.67 24.36 35.52
CA ASP G 100 -37.62 23.85 36.40
C ASP G 100 -37.38 22.37 36.15
N ILE G 101 -38.46 21.61 35.98
CA ILE G 101 -38.34 20.19 35.65
C ILE G 101 -37.66 20.00 34.31
N SER G 102 -38.05 20.78 33.29
CA SER G 102 -37.40 20.67 31.98
C SER G 102 -35.90 20.99 32.07
N MET G 103 -35.53 21.97 32.89
CA MET G 103 -34.13 22.31 33.07
C MET G 103 -33.38 21.16 33.71
N ASP G 104 -34.00 20.46 34.68
CA ASP G 104 -33.34 19.31 35.29
C ASP G 104 -33.21 18.16 34.29
N LYS G 105 -34.27 17.90 33.54
CA LYS G 105 -34.23 16.86 32.51
C LYS G 105 -33.20 17.23 31.44
N PHE G 106 -33.09 18.52 31.09
CA PHE G 106 -32.09 18.95 30.13
C PHE G 106 -30.69 18.68 30.65
N ALA G 107 -30.41 19.13 31.88
CA ALA G 107 -29.10 18.89 32.48
C ALA G 107 -28.82 17.39 32.53
N SER G 108 -29.76 16.59 33.02
CA SER G 108 -29.57 15.14 33.03
C SER G 108 -29.24 14.60 31.62
N ASP G 109 -29.98 15.03 30.60
CA ASP G 109 -29.76 14.54 29.24
C ASP G 109 -28.34 14.86 28.73
N VAL G 110 -27.91 16.12 28.86
CA VAL G 110 -26.70 16.47 28.13
C VAL G 110 -25.41 16.10 28.84
N LYS G 111 -25.45 15.75 30.13
CA LYS G 111 -24.24 15.18 30.76
C LYS G 111 -23.79 13.94 30.03
N GLN G 112 -24.73 13.12 29.54
CA GLN G 112 -24.37 11.94 28.77
C GLN G 112 -23.55 12.29 27.55
N LEU G 113 -23.70 13.50 27.04
CA LEU G 113 -22.88 13.93 25.90
C LEU G 113 -21.57 14.54 26.34
N GLY G 114 -21.38 14.74 27.63
CA GLY G 114 -20.15 15.28 28.16
C GLY G 114 -20.25 16.70 28.63
N VAL G 115 -21.43 17.31 28.60
CA VAL G 115 -21.59 18.72 28.95
C VAL G 115 -22.16 18.81 30.34
N ASP G 116 -21.49 19.55 31.23
CA ASP G 116 -21.84 19.59 32.66
C ASP G 116 -22.41 20.97 33.03
N PHE G 117 -23.72 21.00 33.27
CA PHE G 117 -24.46 22.22 33.61
C PHE G 117 -25.03 22.13 35.01
N ASN G 118 -24.89 23.22 35.74
CA ASN G 118 -25.62 23.44 36.97
C ASN G 118 -26.88 24.24 36.65
N VAL G 119 -28.05 23.71 36.98
CA VAL G 119 -29.31 24.40 36.73
C VAL G 119 -30.04 24.70 38.03
N SER G 120 -29.28 24.97 39.09
CA SER G 120 -29.92 25.19 40.38
C SER G 120 -30.43 26.62 40.58
N GLY G 121 -30.06 27.56 39.71
CA GLY G 121 -30.64 28.87 39.78
C GLY G 121 -32.12 28.84 39.40
N LYS G 122 -32.94 29.54 40.18
CA LYS G 122 -34.37 29.60 39.92
C LYS G 122 -34.63 30.26 38.57
N PRO G 123 -35.52 29.71 37.75
CA PRO G 123 -35.82 30.34 36.45
C PRO G 123 -36.35 31.76 36.66
N ILE G 124 -36.00 32.65 35.74
CA ILE G 124 -36.38 34.05 35.80
C ILE G 124 -37.54 34.27 34.84
N LEU G 125 -38.53 35.04 35.25
CA LEU G 125 -39.64 35.43 34.38
C LEU G 125 -39.45 36.88 33.99
N ILE G 126 -39.50 37.16 32.69
CA ILE G 126 -39.40 38.51 32.18
C ILE G 126 -40.66 38.79 31.37
N ASN G 127 -41.44 39.75 31.83
CA ASN G 127 -42.65 40.18 31.16
C ASN G 127 -42.37 41.45 30.38
N GLN G 128 -43.16 41.66 29.33
CA GLN G 128 -43.19 42.94 28.61
C GLN G 128 -41.84 43.28 27.97
N PHE G 129 -41.09 42.26 27.58
CA PHE G 129 -39.89 42.49 26.79
C PHE G 129 -40.28 42.70 25.32
N GLY G 130 -39.62 43.65 24.69
CA GLY G 130 -39.79 43.83 23.27
C GLY G 130 -38.89 44.93 22.74
N PRO G 131 -39.08 45.26 21.46
CA PRO G 131 -38.37 46.39 20.88
C PRO G 131 -38.72 47.67 21.62
N PRO G 132 -37.86 48.69 21.56
CA PRO G 132 -38.20 49.97 22.19
C PRO G 132 -39.58 50.44 21.75
N ILE G 133 -40.30 51.07 22.68
CA ILE G 133 -41.68 51.49 22.46
C ILE G 133 -41.66 52.91 21.90
N LYS G 134 -42.30 53.11 20.75
CA LYS G 134 -42.51 54.46 20.25
C LYS G 134 -43.69 55.06 20.98
N LYS G 135 -43.43 56.02 21.87
CA LYS G 135 -44.48 56.58 22.71
C LYS G 135 -45.05 57.85 22.08
N PHE G 136 -46.36 58.00 22.18
CA PHE G 136 -47.08 59.04 21.46
C PHE G 136 -47.01 60.34 22.26
N GLN G 137 -46.32 61.34 21.70
CA GLN G 137 -46.06 62.66 22.29
C GLN G 137 -45.90 62.66 23.81
N PRO G 163 -40.18 61.69 16.88
CA PRO G 163 -39.90 60.27 17.16
C PRO G 163 -39.21 60.06 18.51
N THR G 164 -39.91 59.44 19.46
CA THR G 164 -39.44 59.30 20.83
C THR G 164 -39.65 57.88 21.33
N PHE G 165 -38.59 57.24 21.83
CA PHE G 165 -38.60 55.82 22.14
C PHE G 165 -38.32 55.58 23.62
N GLU G 166 -39.02 54.60 24.17
CA GLU G 166 -38.84 54.20 25.56
C GLU G 166 -38.52 52.72 25.62
N THR G 167 -37.42 52.39 26.28
CA THR G 167 -37.01 51.01 26.51
C THR G 167 -38.16 50.23 27.15
N SER G 168 -38.43 49.03 26.65
CA SER G 168 -39.52 48.23 27.17
C SER G 168 -39.23 47.84 28.62
N PRO G 169 -40.29 47.65 29.44
CA PRO G 169 -40.06 47.24 30.84
C PRO G 169 -39.31 45.93 30.94
N GLY G 170 -39.60 44.97 30.05
CA GLY G 170 -38.88 43.72 30.07
C GLY G 170 -37.41 43.90 29.72
N GLU G 171 -37.11 44.80 28.79
CA GLU G 171 -35.70 45.01 28.48
C GLU G 171 -34.98 45.59 29.70
N ILE G 172 -35.63 46.50 30.43
CA ILE G 172 -35.06 47.02 31.67
C ILE G 172 -34.80 45.88 32.65
N SER G 173 -35.80 45.01 32.88
CA SER G 173 -35.59 43.86 33.78
C SER G 173 -34.46 42.97 33.30
N LEU G 174 -34.40 42.69 32.00
CA LEU G 174 -33.30 41.88 31.49
C LEU G 174 -31.96 42.59 31.67
N LEU G 175 -31.91 43.89 31.41
CA LEU G 175 -30.68 44.64 31.62
C LEU G 175 -30.23 44.59 33.08
N ASN G 176 -31.18 44.63 34.01
CA ASN G 176 -30.82 44.50 35.42
C ASN G 176 -30.18 43.16 35.70
N LEU G 177 -30.67 42.10 35.06
CA LEU G 177 -30.05 40.80 35.26
C LEU G 177 -28.67 40.77 34.59
N LEU G 178 -28.58 41.25 33.36
CA LEU G 178 -27.33 41.16 32.62
C LEU G 178 -26.23 41.99 33.28
N GLU G 179 -26.58 43.16 33.86
CA GLU G 179 -25.57 43.99 34.51
C GLU G 179 -24.99 43.32 35.74
N ASN G 180 -25.68 42.31 36.28
CA ASN G 180 -25.26 41.67 37.52
C ASN G 180 -24.96 40.20 37.33
N ILE G 181 -24.87 39.73 36.09
CA ILE G 181 -24.79 38.29 35.82
C ILE G 181 -23.50 37.72 36.41
N PRO G 182 -23.55 36.58 37.10
CA PRO G 182 -22.32 35.97 37.59
C PRO G 182 -21.46 35.45 36.44
N SER G 183 -20.18 35.27 36.72
CA SER G 183 -19.32 34.60 35.77
C SER G 183 -19.76 33.15 35.59
N ASN G 184 -19.20 32.51 34.56
CA ASN G 184 -19.42 31.09 34.29
C ASN G 184 -20.92 30.77 34.15
N THR G 185 -21.64 31.63 33.44
CA THR G 185 -23.08 31.53 33.31
C THR G 185 -23.47 31.47 31.85
N TYR G 186 -24.29 30.50 31.50
CA TYR G 186 -24.85 30.37 30.16
C TYR G 186 -26.35 30.65 30.27
N ILE G 187 -26.86 31.53 29.40
CA ILE G 187 -28.27 31.91 29.44
C ILE G 187 -29.05 31.04 28.48
N LEU G 188 -30.15 30.48 28.94
CA LEU G 188 -31.12 29.83 28.07
C LEU G 188 -32.37 30.70 28.06
N TYR G 189 -32.59 31.43 26.97
CA TYR G 189 -33.83 32.19 26.83
C TYR G 189 -34.94 31.24 26.41
N VAL G 190 -36.01 31.20 27.18
CA VAL G 190 -37.12 30.31 26.89
C VAL G 190 -38.28 31.20 26.45
N LEU G 191 -38.61 31.13 25.17
CA LEU G 191 -39.59 32.04 24.58
C LEU G 191 -40.99 31.45 24.72
N ARG G 192 -41.91 32.24 25.28
CA ARG G 192 -43.31 31.82 25.30
C ARG G 192 -43.83 31.52 23.90
N ARG G 193 -43.55 32.40 22.94
CA ARG G 193 -44.01 32.29 21.57
C ARG G 193 -42.83 32.19 20.62
N GLY G 194 -42.89 31.24 19.69
CA GLY G 194 -41.89 31.20 18.64
C GLY G 194 -42.25 32.14 17.51
N ASN G 195 -41.33 32.24 16.53
CA ASN G 195 -41.55 33.00 15.30
C ASN G 195 -41.72 34.49 15.56
N ASP G 196 -41.08 35.01 16.61
CA ASP G 196 -41.19 36.41 17.00
C ASP G 196 -39.81 37.02 16.76
N SER G 197 -39.59 37.51 15.54
CA SER G 197 -38.25 38.02 15.23
C SER G 197 -37.98 39.36 15.91
N ALA G 198 -39.01 40.18 16.17
CA ALA G 198 -38.75 41.42 16.90
C ALA G 198 -38.17 41.13 18.28
N VAL G 199 -38.72 40.14 18.98
CA VAL G 199 -38.20 39.76 20.28
C VAL G 199 -36.86 39.04 20.15
N TYR G 200 -36.76 38.09 19.23
CA TYR G 200 -35.52 37.32 19.10
C TYR G 200 -34.36 38.20 18.69
N ASP G 201 -34.57 39.10 17.73
CA ASP G 201 -33.49 39.99 17.30
C ASP G 201 -33.04 40.89 18.43
N ARG G 202 -33.98 41.40 19.22
CA ARG G 202 -33.62 42.27 20.33
C ARG G 202 -32.84 41.52 21.40
N LEU G 203 -33.27 40.28 21.70
CA LEU G 203 -32.53 39.45 22.65
C LEU G 203 -31.08 39.26 22.20
N LYS G 204 -30.87 38.95 20.92
CA LYS G 204 -29.49 38.77 20.44
C LYS G 204 -28.74 40.10 20.38
N TYR G 205 -29.43 41.16 19.96
CA TYR G 205 -28.84 42.48 19.97
C TYR G 205 -28.33 42.84 21.36
N ILE G 206 -29.16 42.63 22.39
CA ILE G 206 -28.74 42.96 23.74
C ILE G 206 -27.69 41.98 24.23
N THR G 207 -27.94 40.68 24.05
CA THR G 207 -27.15 39.68 24.75
C THR G 207 -25.86 39.34 24.01
N ASP G 208 -25.91 39.21 22.67
CA ASP G 208 -24.68 39.08 21.90
C ASP G 208 -23.97 40.43 21.81
N LEU G 209 -24.62 41.39 21.17
CA LEU G 209 -23.88 42.54 20.67
C LEU G 209 -23.51 43.49 21.81
N LYS G 210 -24.45 43.78 22.70
CA LYS G 210 -24.14 44.69 23.79
C LYS G 210 -23.30 44.01 24.86
N PHE G 211 -23.76 42.88 25.39
CA PHE G 211 -23.11 42.30 26.57
C PHE G 211 -22.12 41.19 26.25
N GLY G 212 -22.19 40.59 25.07
CA GLY G 212 -21.30 39.48 24.77
C GLY G 212 -21.45 38.34 25.75
N ALA G 213 -22.67 38.08 26.22
CA ALA G 213 -22.95 36.99 27.15
C ALA G 213 -23.47 35.79 26.38
N LEU G 214 -22.96 34.61 26.71
CA LEU G 214 -23.38 33.41 25.99
C LEU G 214 -24.85 33.10 26.27
N ASN G 215 -25.59 32.81 25.21
CA ASN G 215 -27.01 32.56 25.36
C ASN G 215 -27.48 31.73 24.19
N SER G 216 -28.49 30.90 24.44
CA SER G 216 -29.25 30.21 23.41
C SER G 216 -30.72 30.47 23.65
N CYS G 217 -31.50 30.45 22.57
CA CYS G 217 -32.93 30.58 22.66
C CYS G 217 -33.61 29.25 22.33
N VAL G 218 -34.78 29.09 22.88
CA VAL G 218 -35.48 27.83 22.82
C VAL G 218 -36.97 28.15 22.93
N VAL G 219 -37.77 27.61 22.01
CA VAL G 219 -39.20 27.88 22.04
C VAL G 219 -39.84 26.96 23.08
N TRP G 220 -40.56 27.56 24.01
CA TRP G 220 -41.12 26.84 25.17
C TRP G 220 -41.92 25.61 24.76
N ASP G 221 -42.78 25.75 23.75
CA ASP G 221 -43.61 24.61 23.36
C ASP G 221 -42.77 23.46 22.80
N ASN G 222 -41.58 23.76 22.28
CA ASN G 222 -40.66 22.69 21.90
C ASN G 222 -39.94 22.13 23.12
N PHE G 223 -39.31 23.02 23.88
CA PHE G 223 -38.46 22.61 25.00
C PHE G 223 -39.24 21.81 26.04
N LYS G 224 -40.52 22.16 26.27
CA LYS G 224 -41.24 21.50 27.35
C LYS G 224 -41.61 20.07 27.01
N LYS G 225 -41.37 19.63 25.78
CA LYS G 225 -41.57 18.22 25.44
C LYS G 225 -40.54 17.32 26.12
N ASN G 226 -39.43 17.88 26.58
CA ASN G 226 -38.39 17.12 27.30
C ASN G 226 -37.83 15.97 26.46
N SER G 227 -37.67 16.22 25.17
CA SER G 227 -37.14 15.22 24.26
C SER G 227 -35.63 15.15 24.39
N ILE G 228 -35.08 13.94 24.55
CA ILE G 228 -33.63 13.80 24.59
C ILE G 228 -32.99 14.24 23.28
N GLN G 229 -33.66 14.00 22.15
CA GLN G 229 -33.07 14.39 20.87
C GLN G 229 -33.07 15.90 20.69
N TYR G 230 -34.18 16.57 21.01
CA TYR G 230 -34.19 18.03 21.06
C TYR G 230 -33.07 18.56 21.95
N ASN G 231 -32.96 18.02 23.17
CA ASN G 231 -31.98 18.52 24.12
C ASN G 231 -30.55 18.29 23.62
N SER G 232 -30.28 17.13 23.00
CA SER G 232 -28.95 16.87 22.43
C SER G 232 -28.60 17.87 21.34
N ASN G 233 -29.55 18.17 20.45
CA ASN G 233 -29.28 19.14 19.40
C ASN G 233 -29.04 20.54 19.96
N VAL G 234 -29.82 20.93 20.98
CA VAL G 234 -29.65 22.24 21.62
C VAL G 234 -28.24 22.38 22.20
N VAL G 235 -27.73 21.35 22.90
CA VAL G 235 -26.39 21.55 23.50
C VAL G 235 -25.27 21.56 22.49
N MET G 236 -25.48 20.97 21.31
CA MET G 236 -24.45 21.07 20.27
C MET G 236 -24.10 22.51 20.00
N LYS G 237 -25.12 23.37 19.94
CA LYS G 237 -24.88 24.80 19.75
C LYS G 237 -24.26 25.42 20.99
N MET G 238 -24.76 25.06 22.18
CA MET G 238 -24.14 25.58 23.39
C MET G 238 -22.68 25.17 23.48
N ASN G 239 -22.38 23.90 23.22
CA ASN G 239 -21.00 23.44 23.35
C ASN G 239 -20.09 24.22 22.41
N LEU G 240 -20.55 24.47 21.18
CA LEU G 240 -19.74 25.27 20.26
C LEU G 240 -19.50 26.65 20.82
N LYS G 241 -20.54 27.27 21.40
CA LYS G 241 -20.38 28.62 21.95
C LYS G 241 -19.46 28.62 23.16
N LEU G 242 -19.46 27.52 23.92
CA LEU G 242 -18.51 27.30 25.01
C LEU G 242 -17.13 26.85 24.49
N LEU G 243 -16.82 27.11 23.21
CA LEU G 243 -15.53 26.80 22.60
C LEU G 243 -15.26 25.29 22.54
N GLY G 244 -16.30 24.47 22.62
CA GLY G 244 -16.10 23.04 22.51
C GLY G 244 -16.06 22.59 21.07
N SER G 245 -15.96 21.28 20.91
CA SER G 245 -16.05 20.59 19.64
C SER G 245 -17.07 19.47 19.80
N ASN G 246 -17.92 19.29 18.82
CA ASN G 246 -18.89 18.21 18.88
C ASN G 246 -18.34 17.00 18.14
N HIS G 247 -18.56 16.95 16.84
CA HIS G 247 -17.87 15.97 16.01
C HIS G 247 -16.85 16.68 15.13
N SER G 248 -15.99 15.89 14.50
CA SER G 248 -15.05 16.41 13.53
C SER G 248 -14.78 15.29 12.54
N LEU G 249 -13.85 15.52 11.63
CA LEU G 249 -13.39 14.42 10.81
C LEU G 249 -12.15 13.82 11.47
N SER G 250 -11.82 12.61 11.04
CA SER G 250 -10.66 11.92 11.57
C SER G 250 -9.37 12.68 11.25
N ILE G 251 -8.33 12.38 12.03
CA ILE G 251 -7.00 12.93 11.77
C ILE G 251 -6.58 12.69 10.32
N GLU G 252 -6.87 11.49 9.80
CA GLU G 252 -6.49 11.16 8.43
C GLU G 252 -7.18 12.07 7.41
N ASN G 253 -8.49 12.28 7.58
CA ASN G 253 -9.22 13.15 6.67
C ASN G 253 -8.72 14.59 6.77
N ASN G 254 -8.44 15.06 7.99
CA ASN G 254 -7.99 16.43 8.18
C ASN G 254 -6.65 16.71 7.51
N LYS G 255 -5.87 15.67 7.19
CA LYS G 255 -4.57 15.91 6.56
C LYS G 255 -4.72 16.57 5.19
N LEU G 256 -5.86 16.35 4.52
CA LEU G 256 -6.11 17.08 3.28
C LEU G 256 -6.08 18.59 3.47
N LEU G 257 -6.36 19.07 4.68
CA LEU G 257 -6.46 20.51 4.94
C LEU G 257 -5.29 21.02 5.76
N ILE G 258 -4.16 20.33 5.71
CA ILE G 258 -2.94 20.77 6.35
C ILE G 258 -1.92 20.98 5.24
N ASP G 259 -1.12 22.03 5.36
CA ASP G 259 -0.01 22.24 4.45
C ASP G 259 1.15 21.35 4.89
N LYS G 260 1.52 20.37 4.05
CA LYS G 260 2.58 19.44 4.41
C LYS G 260 3.94 20.11 4.55
N GLU G 261 4.17 21.17 3.78
CA GLU G 261 5.45 21.86 3.85
C GLU G 261 5.65 22.53 5.20
N SER G 262 4.59 23.16 5.72
CA SER G 262 4.71 23.90 6.97
C SER G 262 4.15 23.15 8.16
N ASN G 263 3.48 22.02 7.95
CA ASN G 263 2.67 21.37 8.97
C ASN G 263 1.65 22.33 9.59
N LEU G 264 1.16 23.29 8.79
CA LEU G 264 0.19 24.22 9.36
C LEU G 264 -1.17 24.01 8.70
N PRO G 265 -2.27 24.06 9.46
CA PRO G 265 -3.58 23.88 8.84
C PRO G 265 -3.89 25.02 7.89
N ILE G 266 -4.56 24.67 6.79
CA ILE G 266 -5.03 25.69 5.87
C ILE G 266 -6.05 26.57 6.58
N LEU G 267 -5.98 27.87 6.32
CA LEU G 267 -6.98 28.79 6.83
C LEU G 267 -8.19 28.71 5.92
N VAL G 268 -9.28 28.14 6.43
CA VAL G 268 -10.49 27.97 5.64
C VAL G 268 -11.45 29.09 5.99
N LEU G 269 -11.88 29.82 4.96
CA LEU G 269 -12.75 30.97 5.10
C LEU G 269 -14.09 30.71 4.44
N GLY G 270 -15.11 31.38 4.95
CA GLY G 270 -16.40 31.39 4.29
C GLY G 270 -16.97 32.80 4.32
N SER G 271 -17.60 33.22 3.23
CA SER G 271 -18.18 34.54 3.20
C SER G 271 -19.56 34.45 2.57
N ASP G 272 -20.43 35.37 2.98
CA ASP G 272 -21.76 35.47 2.44
C ASP G 272 -22.16 36.94 2.46
N VAL G 273 -23.15 37.27 1.64
CA VAL G 273 -23.76 38.61 1.64
C VAL G 273 -25.25 38.41 1.69
N THR G 274 -25.93 39.20 2.53
CA THR G 274 -27.40 39.25 2.51
C THR G 274 -27.84 40.68 2.28
N HIS G 275 -29.01 40.84 1.69
CA HIS G 275 -29.40 42.12 1.15
C HIS G 275 -30.64 42.64 1.84
N TYR G 276 -30.74 43.97 1.87
CA TYR G 276 -31.93 44.65 2.38
C TYR G 276 -32.36 44.15 3.76
N PRO G 277 -31.49 44.28 4.77
CA PRO G 277 -31.91 43.94 6.14
C PRO G 277 -33.12 44.74 6.59
N GLU G 278 -33.23 45.97 6.11
CA GLU G 278 -34.49 46.71 6.02
C GLU G 278 -34.58 47.30 4.62
N LYS G 279 -35.78 47.79 4.29
CA LYS G 279 -36.04 48.32 2.96
C LYS G 279 -34.98 49.33 2.53
N ASP G 280 -34.42 49.10 1.34
CA ASP G 280 -33.45 50.00 0.70
C ASP G 280 -32.17 50.19 1.53
N GLN G 281 -31.93 49.33 2.51
CA GLN G 281 -30.73 49.47 3.34
C GLN G 281 -29.57 48.70 2.73
N ASN G 282 -28.36 49.10 3.13
CA ASN G 282 -27.15 48.47 2.61
C ASN G 282 -27.11 46.98 2.88
N SER G 283 -26.39 46.26 2.02
CA SER G 283 -26.18 44.84 2.24
C SER G 283 -25.20 44.59 3.37
N ILE G 284 -25.21 43.37 3.87
CA ILE G 284 -24.38 42.94 4.99
C ILE G 284 -23.53 41.77 4.52
N ALA G 285 -22.24 41.80 4.83
CA ALA G 285 -21.35 40.74 4.43
C ALA G 285 -20.66 40.16 5.65
N SER G 286 -20.33 38.88 5.59
CA SER G 286 -19.70 38.21 6.71
C SER G 286 -18.49 37.44 6.22
N LEU G 287 -17.57 37.18 7.13
CA LEU G 287 -16.39 36.38 6.82
C LEU G 287 -16.05 35.55 8.04
N VAL G 288 -16.13 34.23 7.92
CA VAL G 288 -15.72 33.35 9.01
C VAL G 288 -14.41 32.66 8.62
N GLY G 289 -13.68 32.20 9.62
CA GLY G 289 -12.45 31.49 9.35
C GLY G 289 -12.16 30.45 10.40
N SER G 290 -11.45 29.40 9.99
CA SER G 290 -10.97 28.38 10.89
C SER G 290 -9.71 28.86 11.60
N TYR G 291 -9.27 28.10 12.58
CA TYR G 291 -7.98 28.44 13.17
C TYR G 291 -7.15 27.26 13.62
N ASP G 292 -7.57 26.01 13.38
CA ASP G 292 -6.66 24.91 13.67
C ASP G 292 -6.98 23.77 12.71
N ASP G 293 -6.43 22.60 13.02
CA ASP G 293 -6.50 21.46 12.14
C ASP G 293 -7.73 20.59 12.41
N LYS G 294 -8.61 21.03 13.30
CA LYS G 294 -9.87 20.34 13.58
C LYS G 294 -11.06 20.96 12.87
N PHE G 295 -11.01 22.26 12.58
CA PHE G 295 -12.02 22.94 11.76
C PHE G 295 -13.42 22.87 12.39
N THR G 296 -13.48 22.84 13.72
CA THR G 296 -14.76 22.82 14.41
C THR G 296 -15.21 24.20 14.86
N GLN G 297 -14.32 25.20 14.78
CA GLN G 297 -14.61 26.54 15.29
C GLN G 297 -14.38 27.55 14.18
N PHE G 298 -15.42 28.31 13.84
CA PHE G 298 -15.33 29.32 12.77
C PHE G 298 -15.85 30.65 13.26
N PRO G 299 -15.11 31.33 14.14
CA PRO G 299 -15.45 32.72 14.43
C PRO G 299 -15.33 33.57 13.17
N GLY G 300 -15.99 34.72 13.20
CA GLY G 300 -15.98 35.56 12.02
C GLY G 300 -16.30 36.99 12.37
N ASP G 301 -16.34 37.81 11.33
CA ASP G 301 -16.69 39.21 11.44
C ASP G 301 -17.76 39.52 10.41
N TYR G 302 -18.44 40.64 10.60
CA TYR G 302 -19.38 41.13 9.61
C TYR G 302 -19.13 42.61 9.40
N MET G 303 -19.72 43.15 8.34
CA MET G 303 -19.58 44.56 8.03
C MET G 303 -20.76 44.96 7.16
N LEU G 304 -21.16 46.21 7.29
CA LEU G 304 -22.15 46.76 6.37
C LEU G 304 -21.46 47.10 5.06
N GLN G 305 -22.13 46.79 3.95
CA GLN G 305 -21.65 47.13 2.62
C GLN G 305 -21.89 48.61 2.34
N ASP G 306 -21.33 49.07 1.24
CA ASP G 306 -21.40 50.48 0.86
C ASP G 306 -22.74 50.87 0.23
N GLY G 307 -23.57 49.91 -0.17
CA GLY G 307 -24.81 50.22 -0.84
C GLY G 307 -25.81 49.09 -0.79
N PRO G 308 -27.05 49.38 -1.18
CA PRO G 308 -28.08 48.34 -1.21
C PRO G 308 -27.88 47.44 -2.43
N GLY G 309 -28.35 46.20 -2.31
CA GLY G 309 -28.19 45.23 -3.38
C GLY G 309 -26.75 45.05 -3.85
N GLU G 310 -25.78 45.33 -2.98
CA GLU G 310 -24.36 45.25 -3.34
C GLU G 310 -23.90 43.82 -3.06
N GLU G 311 -23.73 43.04 -4.14
CA GLU G 311 -23.41 41.62 -4.00
C GLU G 311 -21.91 41.34 -3.92
N ILE G 312 -21.05 42.28 -4.33
CA ILE G 312 -19.61 42.08 -4.25
C ILE G 312 -19.10 42.69 -2.95
N ILE G 313 -18.27 41.95 -2.22
CA ILE G 313 -17.73 42.43 -0.94
C ILE G 313 -16.46 43.21 -1.28
N THR G 314 -16.64 44.52 -1.45
CA THR G 314 -15.58 45.35 -2.01
C THR G 314 -14.39 45.48 -1.05
N ASN G 315 -14.61 45.31 0.26
CA ASN G 315 -13.52 45.36 1.21
C ASN G 315 -13.52 44.11 2.09
N VAL G 316 -13.65 42.93 1.49
CA VAL G 316 -13.64 41.70 2.28
C VAL G 316 -12.30 41.53 2.98
N GLY G 317 -11.22 41.99 2.35
CA GLY G 317 -9.90 41.82 2.95
C GLY G 317 -9.74 42.49 4.30
N SER G 318 -10.50 43.56 4.55
CA SER G 318 -10.46 44.18 5.87
C SER G 318 -10.93 43.22 6.95
N LEU G 319 -11.78 42.26 6.61
CA LEU G 319 -12.24 41.28 7.58
C LEU G 319 -11.22 40.17 7.82
N MET G 320 -10.11 40.19 7.07
CA MET G 320 -9.07 39.19 7.23
C MET G 320 -8.25 39.38 8.49
N LEU G 321 -8.27 40.58 9.08
CA LEU G 321 -7.36 40.88 10.18
C LEU G 321 -7.55 39.91 11.33
N ASN G 322 -8.80 39.76 11.81
CA ASN G 322 -9.05 38.83 12.89
C ASN G 322 -8.94 37.38 12.45
N ARG G 323 -9.17 37.09 11.17
CA ARG G 323 -8.91 35.72 10.72
C ARG G 323 -7.46 35.36 10.95
N LEU G 324 -6.54 36.28 10.64
CA LEU G 324 -5.12 36.00 10.82
C LEU G 324 -4.75 35.95 12.30
N LYS G 325 -5.24 36.92 13.08
CA LYS G 325 -4.86 37.03 14.49
C LYS G 325 -5.32 35.84 15.30
N ILE G 326 -6.57 35.40 15.09
CA ILE G 326 -7.03 34.21 15.79
C ILE G 326 -6.25 32.97 15.33
N TYR G 327 -5.94 32.89 14.04
CA TYR G 327 -5.16 31.75 13.57
C TYR G 327 -3.79 31.73 14.26
N GLN G 328 -3.13 32.88 14.33
CA GLN G 328 -1.84 32.98 15.00
C GLN G 328 -1.92 32.48 16.43
N LYS G 329 -2.95 32.94 17.15
CA LYS G 329 -3.10 32.58 18.56
C LYS G 329 -3.14 31.06 18.75
N HIS G 330 -3.67 30.31 17.79
CA HIS G 330 -3.79 28.87 17.93
C HIS G 330 -2.69 28.10 17.19
N ASN G 331 -1.71 28.80 16.62
CA ASN G 331 -0.64 28.12 15.89
C ASN G 331 0.71 28.73 16.23
N ASN G 332 0.90 29.07 17.51
CA ASN G 332 2.19 29.51 18.05
C ASN G 332 2.70 30.75 17.34
N GLY G 333 1.80 31.68 17.03
CA GLY G 333 2.17 32.89 16.34
C GLY G 333 2.38 32.77 14.85
N LYS G 334 2.24 31.58 14.27
CA LYS G 334 2.47 31.42 12.84
C LYS G 334 1.23 31.81 12.03
N LEU G 335 1.47 32.47 10.92
CA LEU G 335 0.41 32.74 9.94
C LEU G 335 0.19 31.51 9.07
N PRO G 336 -1.02 31.35 8.52
CA PRO G 336 -1.25 30.23 7.63
C PRO G 336 -0.43 30.37 6.35
N THR G 337 -0.07 29.22 5.78
CA THR G 337 0.67 29.19 4.53
C THR G 337 -0.21 28.86 3.34
N LYS G 338 -1.49 28.57 3.57
CA LYS G 338 -2.47 28.38 2.50
C LYS G 338 -3.80 28.92 3.01
N ILE G 339 -4.56 29.54 2.11
CA ILE G 339 -5.88 30.08 2.42
C ILE G 339 -6.88 29.55 1.40
N MET G 340 -7.99 29.00 1.88
CA MET G 340 -9.12 28.62 1.04
C MET G 340 -10.27 29.58 1.31
N TYR G 341 -10.78 30.22 0.26
CA TYR G 341 -11.85 31.21 0.38
C TYR G 341 -13.13 30.65 -0.25
N PHE G 342 -14.08 30.24 0.59
CA PHE G 342 -15.38 29.78 0.11
C PHE G 342 -16.34 30.97 0.07
N ARG G 343 -16.88 31.25 -1.12
CA ARG G 343 -17.75 32.41 -1.32
C ARG G 343 -19.14 31.90 -1.66
N ASP G 344 -20.12 32.22 -0.83
CA ASP G 344 -21.46 31.69 -1.03
C ASP G 344 -22.34 32.62 -1.87
N GLY G 345 -23.12 32.01 -2.76
CA GLY G 345 -24.28 32.65 -3.34
C GLY G 345 -23.98 33.80 -4.27
N VAL G 346 -23.11 33.58 -5.23
CA VAL G 346 -22.90 34.49 -6.34
C VAL G 346 -23.47 33.82 -7.57
N SER G 347 -23.81 34.63 -8.56
CA SER G 347 -24.21 34.09 -9.85
C SER G 347 -23.02 34.14 -10.82
N VAL G 348 -23.16 33.39 -11.92
CA VAL G 348 -22.08 33.26 -12.89
C VAL G 348 -21.56 34.61 -13.33
N ASP G 349 -22.45 35.57 -13.54
CA ASP G 349 -22.08 36.85 -14.12
C ASP G 349 -21.34 37.76 -13.13
N GLN G 350 -21.18 37.32 -11.89
CA GLN G 350 -20.41 38.04 -10.89
C GLN G 350 -19.06 37.39 -10.60
N PHE G 351 -18.78 36.23 -11.20
CA PHE G 351 -17.54 35.50 -10.96
C PHE G 351 -16.31 36.38 -11.19
N SER G 352 -16.26 37.04 -12.34
CA SER G 352 -15.12 37.90 -12.66
C SER G 352 -14.91 38.95 -11.57
N GLN G 353 -16.00 39.58 -11.09
CA GLN G 353 -15.85 40.59 -10.05
C GLN G 353 -15.44 39.99 -8.71
N VAL G 354 -15.82 38.75 -8.42
CA VAL G 354 -15.34 38.12 -7.20
C VAL G 354 -13.82 37.98 -7.23
N VAL G 355 -13.28 37.51 -8.35
CA VAL G 355 -11.83 37.38 -8.45
C VAL G 355 -11.16 38.75 -8.46
N LYS G 356 -11.66 39.65 -9.32
CA LYS G 356 -11.04 40.96 -9.52
C LYS G 356 -11.17 41.86 -8.30
N ILE G 357 -12.20 41.69 -7.49
CA ILE G 357 -12.44 42.55 -6.34
C ILE G 357 -12.16 41.83 -5.02
N GLU G 358 -12.87 40.72 -4.75
CA GLU G 358 -12.78 40.10 -3.44
C GLU G 358 -11.46 39.37 -3.23
N VAL G 359 -11.09 38.48 -4.16
CA VAL G 359 -9.82 37.78 -4.05
C VAL G 359 -8.66 38.77 -4.05
N LYS G 360 -8.74 39.79 -4.90
CA LYS G 360 -7.70 40.83 -4.89
C LYS G 360 -7.63 41.52 -3.54
N SER G 361 -8.79 41.82 -2.95
CA SER G 361 -8.83 42.47 -1.64
C SER G 361 -8.23 41.58 -0.56
N ILE G 362 -8.52 40.28 -0.62
CA ILE G 362 -7.91 39.34 0.31
C ILE G 362 -6.40 39.33 0.13
N LYS G 363 -5.94 39.16 -1.11
CA LYS G 363 -4.50 39.03 -1.31
C LYS G 363 -3.78 40.31 -0.92
N GLU G 364 -4.34 41.47 -1.26
CA GLU G 364 -3.70 42.72 -0.85
C GLU G 364 -3.80 42.93 0.66
N SER G 365 -4.93 42.57 1.27
CA SER G 365 -5.05 42.80 2.70
C SER G 365 -4.08 41.92 3.48
N VAL G 366 -3.89 40.69 3.06
CA VAL G 366 -2.96 39.84 3.81
C VAL G 366 -1.52 40.30 3.61
N ARG G 367 -1.19 40.83 2.43
CA ARG G 367 0.15 41.36 2.21
C ARG G 367 0.43 42.55 3.12
N LYS G 368 -0.62 43.32 3.45
CA LYS G 368 -0.50 44.44 4.37
C LYS G 368 -0.49 43.97 5.83
N PHE G 369 -1.43 43.10 6.21
CA PHE G 369 -1.53 42.69 7.60
C PHE G 369 -0.39 41.78 8.03
N GLY G 370 0.05 40.90 7.12
CA GLY G 370 1.03 39.89 7.43
C GLY G 370 2.25 40.43 8.17
N PRO G 371 2.95 41.38 7.53
CA PRO G 371 4.11 41.98 8.20
C PRO G 371 3.76 42.71 9.49
N GLN G 372 2.54 43.22 9.63
CA GLN G 372 2.15 43.82 10.89
C GLN G 372 2.01 42.79 11.99
N LEU G 373 1.76 41.53 11.65
CA LEU G 373 1.52 40.51 12.67
C LEU G 373 2.69 39.56 12.87
N ASN G 374 3.63 39.50 11.93
CA ASN G 374 4.69 38.50 11.99
C ASN G 374 6.06 39.12 12.25
N GLY G 375 6.11 40.38 12.67
CA GLY G 375 7.39 41.04 12.92
C GLY G 375 8.10 41.57 11.68
N GLY G 376 7.35 42.05 10.69
CA GLY G 376 7.92 42.81 9.59
C GLY G 376 8.29 42.01 8.35
N ASN G 377 7.94 40.74 8.28
CA ASN G 377 8.35 39.92 7.14
C ASN G 377 7.26 39.87 6.07
N LYS G 378 7.70 39.70 4.83
CA LYS G 378 6.79 39.62 3.71
C LYS G 378 5.86 38.42 3.87
N TYR G 379 4.62 38.57 3.42
CA TYR G 379 3.62 37.54 3.62
C TYR G 379 2.66 37.60 2.45
N ASP G 380 2.59 36.51 1.69
CA ASP G 380 1.81 36.47 0.44
C ASP G 380 1.39 35.03 0.20
N PRO G 381 0.50 34.49 1.04
CA PRO G 381 0.20 33.05 0.96
C PRO G 381 -0.67 32.74 -0.25
N PRO G 382 -0.57 31.53 -0.79
CA PRO G 382 -1.41 31.17 -1.94
C PRO G 382 -2.87 30.95 -1.54
N VAL G 383 -3.77 31.49 -2.36
CA VAL G 383 -5.22 31.44 -2.10
C VAL G 383 -5.90 30.57 -3.14
N THR G 384 -6.85 29.75 -2.68
CA THR G 384 -7.80 29.08 -3.55
C THR G 384 -9.21 29.61 -3.24
N CYS G 385 -9.93 30.04 -4.27
CA CYS G 385 -11.29 30.55 -4.13
C CYS G 385 -12.27 29.56 -4.75
N ILE G 386 -13.27 29.17 -3.96
CA ILE G 386 -14.34 28.30 -4.43
C ILE G 386 -15.67 29.00 -4.16
N ALA G 387 -16.44 29.22 -5.22
CA ALA G 387 -17.76 29.82 -5.11
C ALA G 387 -18.82 28.72 -5.12
N THR G 388 -19.83 28.89 -4.30
CA THR G 388 -20.92 27.94 -4.21
C THR G 388 -22.18 28.62 -4.66
N VAL G 389 -22.88 27.86 -5.45
CA VAL G 389 -24.20 28.18 -5.91
C VAL G 389 -25.08 27.04 -5.39
N LYS G 390 -25.70 27.20 -4.20
CA LYS G 390 -26.43 26.06 -3.61
C LYS G 390 -27.89 26.00 -4.05
N ARG G 391 -28.36 26.99 -4.82
CA ARG G 391 -29.71 27.08 -5.35
C ARG G 391 -29.60 27.25 -6.86
N ASN G 392 -29.76 26.14 -7.56
CA ASN G 392 -29.68 26.12 -9.00
C ASN G 392 -30.78 25.19 -9.46
N GLN G 393 -31.03 25.16 -10.75
CA GLN G 393 -32.14 24.35 -11.24
C GLN G 393 -31.75 22.92 -11.54
N VAL G 394 -30.47 22.56 -11.40
CA VAL G 394 -30.02 21.22 -11.76
C VAL G 394 -30.50 20.22 -10.72
N ARG G 395 -31.04 19.10 -11.19
CA ARG G 395 -31.52 18.03 -10.32
C ARG G 395 -30.95 16.71 -10.80
N PHE G 396 -30.62 15.84 -9.84
CA PHE G 396 -30.07 14.53 -10.10
C PHE G 396 -31.10 13.48 -9.69
N ILE G 397 -31.35 12.53 -10.59
CA ILE G 397 -32.29 11.43 -10.34
C ILE G 397 -31.51 10.12 -10.46
N PRO G 398 -31.57 9.24 -9.48
CA PRO G 398 -30.84 7.97 -9.59
C PRO G 398 -31.47 7.07 -10.63
N ILE G 399 -30.63 6.26 -11.27
CA ILE G 399 -31.05 5.32 -12.30
C ILE G 399 -31.03 3.88 -11.78
N GLN G 400 -30.12 3.56 -10.88
CA GLN G 400 -29.91 2.22 -10.37
C GLN G 400 -30.06 2.23 -8.86
N GLU G 401 -30.36 1.06 -8.31
CA GLU G 401 -30.28 0.90 -6.86
C GLU G 401 -28.86 0.59 -6.41
N ASN G 402 -28.14 -0.25 -7.16
CA ASN G 402 -26.78 -0.65 -6.85
C ASN G 402 -25.87 -0.41 -8.04
N ALA G 403 -24.58 -0.35 -7.73
CA ALA G 403 -23.52 -0.29 -8.72
C ALA G 403 -22.26 -0.81 -8.04
N LYS G 404 -21.27 -1.12 -8.87
CA LYS G 404 -20.03 -1.69 -8.39
C LYS G 404 -19.10 -0.58 -7.90
N ASN G 405 -18.62 -0.71 -6.67
CA ASN G 405 -17.67 0.26 -6.14
C ASN G 405 -16.24 -0.13 -6.53
N GLU G 406 -15.26 0.61 -5.97
CA GLU G 406 -13.87 0.36 -6.34
C GLU G 406 -13.45 -1.06 -5.98
N LYS G 407 -13.85 -1.51 -4.78
CA LYS G 407 -13.55 -2.86 -4.36
C LYS G 407 -14.34 -3.92 -5.12
N GLY G 408 -15.11 -3.63 -6.17
CA GLY G 408 -15.85 -4.66 -6.88
C GLY G 408 -17.20 -5.04 -6.30
N GLU G 409 -17.62 -4.44 -5.19
CA GLU G 409 -18.85 -4.83 -4.50
C GLU G 409 -20.07 -4.10 -5.08
N GLU G 410 -21.18 -4.82 -5.17
CA GLU G 410 -22.44 -4.23 -5.64
C GLU G 410 -23.11 -3.51 -4.48
N VAL G 411 -23.33 -2.21 -4.62
CA VAL G 411 -23.49 -1.34 -3.46
C VAL G 411 -24.48 -0.21 -3.75
N ALA G 412 -25.21 0.19 -2.70
CA ALA G 412 -26.22 1.24 -2.82
C ALA G 412 -25.63 2.51 -3.43
N VAL G 413 -26.35 3.08 -4.40
CA VAL G 413 -25.96 4.34 -5.03
C VAL G 413 -27.13 5.30 -5.00
N GLN G 414 -28.17 4.98 -4.23
CA GLN G 414 -29.23 5.95 -4.00
C GLN G 414 -29.76 5.78 -2.59
N SER G 415 -30.38 6.84 -2.07
CA SER G 415 -30.90 6.86 -0.71
C SER G 415 -32.09 7.79 -0.65
N MET G 416 -33.18 7.33 -0.05
CA MET G 416 -34.37 8.16 0.12
C MET G 416 -34.88 8.66 -1.22
N GLY G 417 -34.82 7.78 -2.23
CA GLY G 417 -35.26 8.15 -3.55
C GLY G 417 -34.41 9.18 -4.26
N ASN G 418 -33.25 9.52 -3.71
CA ASN G 418 -32.37 10.51 -4.30
C ASN G 418 -31.01 9.88 -4.56
N VAL G 419 -30.17 10.59 -5.32
CA VAL G 419 -28.83 10.07 -5.56
C VAL G 419 -28.09 9.99 -4.23
N MET G 420 -27.10 9.11 -4.18
CA MET G 420 -26.34 8.92 -2.96
C MET G 420 -25.61 10.21 -2.60
N PRO G 421 -25.57 10.58 -1.31
CA PRO G 421 -24.51 11.54 -0.96
C PRO G 421 -23.12 10.87 -1.00
N GLY G 422 -21.99 11.50 -1.32
CA GLY G 422 -21.86 12.65 -2.16
C GLY G 422 -21.58 12.21 -3.58
N THR G 423 -22.65 12.25 -4.35
CA THR G 423 -22.59 12.12 -5.80
C THR G 423 -21.95 13.36 -6.38
N VAL G 424 -20.85 13.18 -7.09
CA VAL G 424 -20.17 14.26 -7.81
C VAL G 424 -20.51 14.12 -9.28
N VAL G 425 -20.88 15.22 -9.92
CA VAL G 425 -20.99 15.27 -11.37
C VAL G 425 -20.09 16.41 -11.83
N ASP G 426 -19.09 16.09 -12.65
CA ASP G 426 -18.28 17.18 -13.21
C ASP G 426 -18.07 17.01 -14.71
N ARG G 427 -18.86 16.18 -15.37
CA ARG G 427 -18.84 16.07 -16.81
C ARG G 427 -20.23 16.32 -17.38
N GLY G 428 -20.26 16.71 -18.65
CA GLY G 428 -21.52 16.87 -19.35
C GLY G 428 -22.30 18.14 -19.09
N ILE G 429 -22.45 18.50 -17.82
CA ILE G 429 -23.23 19.68 -17.47
C ILE G 429 -22.35 20.76 -16.85
N THR G 430 -21.04 20.61 -16.94
CA THR G 430 -20.07 21.55 -16.44
C THR G 430 -19.44 22.32 -17.59
N SER G 431 -18.69 23.37 -17.23
CA SER G 431 -17.91 24.13 -18.18
C SER G 431 -16.70 23.32 -18.64
N VAL G 432 -16.42 23.36 -19.95
CA VAL G 432 -15.19 22.74 -20.41
C VAL G 432 -14.01 23.69 -20.20
N ALA G 433 -14.26 25.00 -20.22
CA ALA G 433 -13.19 25.97 -20.06
C ALA G 433 -12.92 26.35 -18.60
N HIS G 434 -13.94 26.38 -17.76
CA HIS G 434 -13.77 26.82 -16.38
C HIS G 434 -13.87 25.63 -15.44
N PHE G 435 -13.66 25.89 -14.16
CA PHE G 435 -13.30 24.85 -13.21
C PHE G 435 -14.45 24.59 -12.24
N ASP G 436 -15.52 23.95 -12.72
CA ASP G 436 -16.72 23.75 -11.90
C ASP G 436 -17.09 22.28 -11.81
N PHE G 437 -17.87 21.97 -10.77
CA PHE G 437 -18.37 20.61 -10.52
C PHE G 437 -19.58 20.69 -9.61
N PHE G 438 -20.38 19.63 -9.62
CA PHE G 438 -21.52 19.47 -8.71
C PHE G 438 -21.25 18.38 -7.69
N ILE G 439 -21.68 18.62 -6.45
CA ILE G 439 -21.68 17.57 -5.43
C ILE G 439 -23.01 17.65 -4.71
N GLN G 440 -23.71 16.51 -4.62
CA GLN G 440 -24.87 16.37 -3.75
C GLN G 440 -24.38 15.62 -2.52
N SER G 441 -24.11 16.37 -1.45
CA SER G 441 -23.40 15.84 -0.29
C SER G 441 -24.32 15.37 0.84
N HIS G 442 -25.61 15.68 0.78
CA HIS G 442 -26.53 15.46 1.89
C HIS G 442 -27.55 14.38 1.56
N GLN G 443 -28.20 13.86 2.61
CA GLN G 443 -29.43 13.09 2.45
C GLN G 443 -30.59 14.04 2.17
N ALA G 444 -31.40 13.72 1.15
CA ALA G 444 -32.60 14.49 0.88
C ALA G 444 -33.70 13.91 1.75
N LEU G 445 -33.79 14.42 2.99
CA LEU G 445 -34.80 13.95 3.94
C LEU G 445 -36.20 14.20 3.43
N LYS G 446 -36.39 15.25 2.65
CA LYS G 446 -37.68 15.61 2.10
C LYS G 446 -37.47 16.08 0.67
N GLY G 447 -38.47 15.79 -0.19
CA GLY G 447 -38.43 16.31 -1.56
C GLY G 447 -37.28 15.76 -2.39
N THR G 448 -36.95 16.50 -3.44
CA THR G 448 -35.84 16.17 -4.32
C THR G 448 -34.62 16.99 -3.92
N GLY G 449 -33.51 16.30 -3.68
CA GLY G 449 -32.33 17.00 -3.22
C GLY G 449 -31.80 17.99 -4.25
N VAL G 450 -31.17 19.03 -3.76
CA VAL G 450 -30.58 20.05 -4.61
C VAL G 450 -29.07 19.95 -4.47
N PRO G 451 -28.35 19.59 -5.54
CA PRO G 451 -26.89 19.56 -5.47
C PRO G 451 -26.32 20.97 -5.37
N CYS G 452 -25.16 21.07 -4.77
CA CYS G 452 -24.41 22.32 -4.76
C CYS G 452 -23.55 22.40 -6.01
N HIS G 453 -23.54 23.57 -6.65
CA HIS G 453 -22.72 23.80 -7.83
C HIS G 453 -21.50 24.60 -7.38
N TYR G 454 -20.33 23.97 -7.49
CA TYR G 454 -19.07 24.59 -7.07
C TYR G 454 -18.31 25.11 -8.27
N TRP G 455 -17.69 26.28 -8.12
CA TRP G 455 -16.76 26.81 -9.11
C TRP G 455 -15.47 27.16 -8.40
N CYS G 456 -14.35 26.64 -8.87
CA CYS G 456 -13.07 27.13 -8.42
C CYS G 456 -12.72 28.34 -9.30
N LEU G 457 -12.80 29.54 -8.73
CA LEU G 457 -12.62 30.77 -9.49
C LEU G 457 -11.18 31.22 -9.53
N TYR G 458 -10.35 30.70 -8.63
CA TYR G 458 -9.01 31.21 -8.45
C TYR G 458 -8.23 30.19 -7.64
N ASP G 459 -7.05 29.80 -8.10
CA ASP G 459 -6.30 28.79 -7.38
C ASP G 459 -4.81 29.05 -7.59
N GLU G 460 -4.11 29.27 -6.48
CA GLU G 460 -2.66 29.33 -6.47
C GLU G 460 -2.06 28.10 -5.80
N ASN G 461 -2.88 27.07 -5.57
CA ASN G 461 -2.42 25.91 -4.80
C ASN G 461 -2.34 24.65 -5.64
N GLN G 462 -2.38 24.78 -6.96
CA GLN G 462 -2.34 23.65 -7.90
C GLN G 462 -3.34 22.56 -7.54
N SER G 463 -4.60 22.96 -7.35
CA SER G 463 -5.62 22.04 -6.88
C SER G 463 -6.14 21.19 -8.04
N THR G 464 -6.17 19.88 -7.85
CA THR G 464 -6.86 18.98 -8.77
C THR G 464 -8.35 18.90 -8.43
N SER G 465 -9.13 18.43 -9.41
CA SER G 465 -10.56 18.16 -9.16
C SER G 465 -10.73 17.17 -8.02
N ASP G 466 -9.94 16.10 -8.01
CA ASP G 466 -10.07 15.11 -6.96
C ASP G 466 -9.84 15.72 -5.59
N TYR G 467 -8.84 16.59 -5.48
CA TYR G 467 -8.56 17.24 -4.21
C TYR G 467 -9.68 18.18 -3.79
N LEU G 468 -10.08 19.09 -4.70
CA LEU G 468 -11.14 20.03 -4.35
C LEU G 468 -12.45 19.31 -4.04
N GLN G 469 -12.79 18.28 -4.82
CA GLN G 469 -14.05 17.59 -4.59
C GLN G 469 -14.06 16.87 -3.24
N GLU G 470 -12.92 16.30 -2.84
CA GLU G 470 -12.86 15.63 -1.54
C GLU G 470 -12.95 16.64 -0.40
N ILE G 471 -12.25 17.78 -0.52
CA ILE G 471 -12.32 18.87 0.45
C ILE G 471 -13.77 19.33 0.64
N CYS G 472 -14.43 19.64 -0.47
CA CYS G 472 -15.79 20.18 -0.41
C CYS G 472 -16.74 19.18 0.22
N ASN G 473 -16.68 17.92 -0.24
CA ASN G 473 -17.55 16.91 0.34
C ASN G 473 -17.24 16.73 1.82
N ASN G 474 -15.96 16.61 2.18
CA ASN G 474 -15.59 16.45 3.59
C ASN G 474 -16.10 17.61 4.45
N LEU G 475 -15.97 18.84 3.96
CA LEU G 475 -16.39 19.97 4.78
C LEU G 475 -17.90 19.99 5.01
N CYS G 476 -18.67 19.18 4.29
CA CYS G 476 -20.11 19.09 4.54
C CYS G 476 -20.44 18.23 5.74
N TYR G 477 -19.46 17.53 6.31
CA TYR G 477 -19.65 16.62 7.42
C TYR G 477 -19.27 17.22 8.77
N ILE G 478 -18.80 18.46 8.81
CA ILE G 478 -18.44 19.06 10.10
C ILE G 478 -19.22 20.34 10.30
N PHE G 479 -20.49 20.34 9.91
CA PHE G 479 -21.39 21.41 10.33
C PHE G 479 -21.79 21.14 11.78
N GLY G 480 -21.28 21.96 12.69
CA GLY G 480 -21.21 21.61 14.10
C GLY G 480 -22.52 21.49 14.86
N ARG G 481 -23.64 21.94 14.29
CA ARG G 481 -24.89 21.85 15.05
C ARG G 481 -25.84 20.80 14.49
N SER G 482 -25.40 19.96 13.56
CA SER G 482 -26.26 18.92 13.04
C SER G 482 -25.50 17.61 13.00
N THR G 483 -26.25 16.51 13.11
CA THR G 483 -25.69 15.17 12.98
C THR G 483 -25.88 14.64 11.58
N THR G 484 -25.64 15.49 10.58
CA THR G 484 -25.83 15.14 9.18
C THR G 484 -24.76 15.84 8.37
N SER G 485 -24.52 15.33 7.18
CA SER G 485 -23.75 16.09 6.20
C SER G 485 -24.69 17.09 5.55
N VAL G 486 -24.24 18.33 5.41
CA VAL G 486 -25.12 19.37 4.94
C VAL G 486 -24.88 19.59 3.46
N LYS G 487 -25.78 20.35 2.83
CA LYS G 487 -25.79 20.50 1.38
C LYS G 487 -24.66 21.33 0.86
N VAL G 488 -23.87 21.93 1.74
CA VAL G 488 -22.91 22.94 1.36
C VAL G 488 -21.80 22.86 2.40
N PRO G 489 -20.53 23.15 2.04
CA PRO G 489 -19.46 23.05 3.04
C PRO G 489 -19.80 23.91 4.25
N ALA G 490 -19.44 23.39 5.42
CA ALA G 490 -19.75 24.09 6.67
C ALA G 490 -19.33 25.55 6.68
N PRO G 491 -18.16 25.94 6.21
CA PRO G 491 -17.82 27.38 6.25
C PRO G 491 -18.82 28.23 5.50
N VAL G 492 -19.42 27.70 4.45
CA VAL G 492 -20.44 28.44 3.71
C VAL G 492 -21.69 28.61 4.58
N TYR G 493 -22.13 27.51 5.19
CA TYR G 493 -23.28 27.56 6.09
C TYR G 493 -23.03 28.51 7.25
N TYR G 494 -21.80 28.50 7.80
CA TYR G 494 -21.48 29.38 8.91
C TYR G 494 -21.55 30.84 8.49
N ALA G 495 -21.00 31.15 7.31
CA ALA G 495 -21.02 32.54 6.86
C ALA G 495 -22.46 33.01 6.64
N ASP G 496 -23.32 32.15 6.08
CA ASP G 496 -24.74 32.49 5.94
C ASP G 496 -25.35 32.84 7.29
N LEU G 497 -25.10 32.00 8.30
CA LEU G 497 -25.70 32.21 9.61
C LEU G 497 -25.18 33.47 10.27
N LEU G 498 -23.89 33.78 10.08
CA LEU G 498 -23.35 35.02 10.62
C LEU G 498 -24.00 36.23 9.96
N CYS G 499 -24.16 36.19 8.64
CA CYS G 499 -24.90 37.25 7.95
C CYS G 499 -26.29 37.45 8.54
N THR G 500 -27.01 36.34 8.77
CA THR G 500 -28.35 36.44 9.34
C THR G 500 -28.33 37.04 10.74
N ARG G 501 -27.39 36.62 11.60
CA ARG G 501 -27.32 37.20 12.94
C ARG G 501 -26.98 38.69 12.87
N ALA G 502 -26.02 39.05 12.01
CA ALA G 502 -25.73 40.47 11.78
C ALA G 502 -26.97 41.22 11.33
N THR G 503 -27.81 40.58 10.53
CA THR G 503 -29.06 41.20 10.13
C THR G 503 -29.97 41.42 11.34
N CYS G 504 -30.00 40.46 12.28
CA CYS G 504 -30.74 40.66 13.53
C CYS G 504 -30.27 41.93 14.24
N PHE G 505 -28.95 42.14 14.27
CA PHE G 505 -28.37 43.30 14.93
C PHE G 505 -28.82 44.59 14.24
N PHE G 506 -28.69 44.62 12.92
CA PHE G 506 -29.14 45.78 12.14
C PHE G 506 -30.61 46.09 12.43
N LYS G 507 -31.48 45.07 12.32
CA LYS G 507 -32.91 45.30 12.50
C LYS G 507 -33.24 45.78 13.90
N ALA G 508 -32.58 45.21 14.92
CA ALA G 508 -32.96 45.53 16.28
C ALA G 508 -32.64 46.97 16.65
N GLY G 509 -31.67 47.58 15.99
CA GLY G 509 -31.31 48.95 16.29
C GLY G 509 -31.83 49.95 15.25
N PHE G 510 -32.38 49.44 14.15
CA PHE G 510 -32.64 50.32 13.00
C PHE G 510 -33.61 51.44 13.32
N GLU G 511 -34.71 51.13 13.99
CA GLU G 511 -35.79 52.11 14.19
C GLU G 511 -35.31 53.28 15.04
N LEU G 512 -34.57 52.99 16.12
CA LEU G 512 -33.98 54.06 16.92
C LEU G 512 -32.88 54.79 16.14
N ASN G 513 -32.02 54.06 15.42
CA ASN G 513 -31.00 54.72 14.61
C ASN G 513 -31.61 55.66 13.57
N MET G 514 -32.78 55.31 13.02
CA MET G 514 -33.42 56.19 12.05
C MET G 514 -34.00 57.43 12.72
N ALA G 515 -34.57 57.28 13.92
CA ALA G 515 -35.11 58.43 14.62
C ALA G 515 -34.02 59.47 14.91
N GLN G 516 -32.82 59.00 15.24
CA GLN G 516 -31.70 59.86 15.60
C GLN G 516 -30.88 60.31 14.40
N ALA G 517 -31.50 60.47 13.23
CA ALA G 517 -30.81 60.96 12.04
C ALA G 517 -31.27 62.37 11.70
N THR G 528 -28.28 60.46 6.51
CA THR G 528 -27.42 59.30 6.27
C THR G 528 -26.61 58.95 7.53
N VAL G 529 -26.64 57.67 7.90
CA VAL G 529 -26.14 57.20 9.19
C VAL G 529 -24.92 56.31 8.99
N SER G 530 -24.01 56.38 9.94
CA SER G 530 -22.71 55.74 9.86
C SER G 530 -22.78 54.22 10.04
N LYS G 531 -21.93 53.50 9.30
CA LYS G 531 -21.93 52.04 9.32
C LYS G 531 -21.82 51.48 10.74
N ASN G 532 -20.95 52.06 11.56
CA ASN G 532 -20.79 51.57 12.93
C ASN G 532 -21.98 51.91 13.80
N VAL G 533 -22.79 52.89 13.39
CA VAL G 533 -24.03 53.14 14.11
C VAL G 533 -25.12 52.18 13.64
N LEU G 534 -25.22 51.95 12.33
CA LEU G 534 -26.24 51.04 11.83
C LEU G 534 -25.97 49.62 12.27
N LEU G 535 -24.71 49.22 12.28
CA LEU G 535 -24.34 47.83 12.50
C LEU G 535 -23.07 47.81 13.32
N PRO G 536 -23.19 48.02 14.63
CA PRO G 536 -22.00 48.02 15.47
C PRO G 536 -21.40 46.62 15.53
N GLN G 537 -20.13 46.57 15.90
CA GLN G 537 -19.43 45.33 16.16
C GLN G 537 -19.86 44.75 17.50
N VAL G 538 -19.86 43.42 17.58
CA VAL G 538 -20.24 42.77 18.82
C VAL G 538 -19.21 43.10 19.89
N ASN G 539 -19.68 43.08 21.14
CA ASN G 539 -18.83 43.01 22.32
C ASN G 539 -17.60 42.14 22.06
N ASP G 540 -16.43 42.61 22.49
CA ASP G 540 -15.20 41.87 22.20
C ASP G 540 -15.15 40.51 22.87
N ASN G 541 -15.95 40.30 23.93
CA ASN G 541 -15.99 39.00 24.58
C ASN G 541 -16.38 37.86 23.64
N ILE G 542 -17.08 38.14 22.54
CA ILE G 542 -17.60 37.10 21.66
C ILE G 542 -17.08 37.24 20.23
N LYS G 543 -16.16 38.17 19.98
CA LYS G 543 -15.58 38.31 18.65
C LYS G 543 -14.95 37.02 18.16
N SER G 544 -14.44 36.18 19.07
CA SER G 544 -13.83 34.92 18.71
C SER G 544 -14.71 33.72 19.02
N VAL G 545 -16.01 33.94 19.20
CA VAL G 545 -16.98 32.89 19.53
C VAL G 545 -17.95 32.73 18.37
N MET G 546 -18.40 31.49 18.13
CA MET G 546 -19.48 31.25 17.17
C MET G 546 -20.85 31.58 17.80
N TYR G 547 -21.02 32.87 18.12
CA TYR G 547 -22.26 33.30 18.76
C TYR G 547 -23.45 33.17 17.84
N TYR G 548 -23.21 33.09 16.53
CA TYR G 548 -24.22 32.99 15.49
C TYR G 548 -24.73 31.57 15.27
N ILE G 549 -24.13 30.57 15.90
CA ILE G 549 -24.53 29.19 15.66
C ILE G 549 -25.79 28.79 16.44
#